data_8CX6
#
_entry.id   8CX6
#
_entity_poly.entity_id   1
_entity_poly.type   'polypeptide(L)'
_entity_poly.pdbx_seq_one_letter_code
;VPVIKATRMPHYGVPFKPKLVEQRQVDVCPFSFCDRDKERQLQKEKRLDELRKDEVPKFKAQPLPQFDNIRLPEKKVKMP
TQQEPFDLEIEKRGASKLQRWQQQIQEELKQQKEMVVFKARPNTVVHQEPFVPKKENRSLTESLSGSIVQEGFELATAKR
AKERQEFDKCLAETEAQKSLLEEEIRKRREEEEKEEISQLRQELVHKAKPIRKYRAVEVKASDVPLTVPRSPNFSDRFKC
;
_entity_poly.pdbx_strand_id   A
#
# COMPACT_ATOMS: atom_id res chain seq x y z
N VAL A 1 -20.93 -4.34 -0.41
CA VAL A 1 -20.45 -2.93 -0.57
C VAL A 1 -18.94 -2.88 -0.49
N PRO A 2 -18.36 -1.93 -1.19
CA PRO A 2 -16.91 -1.75 -1.22
C PRO A 2 -16.40 -1.08 0.02
N VAL A 3 -16.56 -1.77 1.16
CA VAL A 3 -16.15 -1.21 2.44
C VAL A 3 -15.06 -2.00 3.19
N ILE A 4 -14.01 -1.29 3.74
CA ILE A 4 -13.05 -2.08 4.55
C ILE A 4 -13.73 -2.69 5.79
N LYS A 5 -13.60 -1.74 6.89
CA LYS A 5 -13.99 -2.09 8.26
C LYS A 5 -13.77 -3.59 8.58
N ALA A 6 -12.56 -3.97 8.15
CA ALA A 6 -12.09 -5.36 8.03
C ALA A 6 -11.80 -5.99 9.41
N THR A 7 -12.12 -7.29 9.48
CA THR A 7 -11.83 -8.13 10.65
C THR A 7 -10.33 -8.38 10.83
N ARG A 8 -9.81 -8.41 12.07
CA ARG A 8 -8.37 -8.63 12.18
C ARG A 8 -8.11 -10.14 12.01
N MET A 9 -7.01 -10.42 11.26
CA MET A 9 -6.61 -11.76 10.92
C MET A 9 -5.57 -11.53 9.84
N PRO A 10 -4.98 -12.58 9.27
CA PRO A 10 -4.00 -12.38 8.19
C PRO A 10 -4.57 -11.53 7.10
N HIS A 11 -3.83 -10.50 6.71
CA HIS A 11 -4.29 -9.52 5.73
C HIS A 11 -4.72 -10.14 4.43
N TYR A 12 -3.84 -10.93 3.87
CA TYR A 12 -4.06 -11.58 2.65
C TYR A 12 -4.62 -12.85 3.15
N GLY A 13 -5.90 -12.77 3.49
CA GLY A 13 -6.57 -13.84 4.12
C GLY A 13 -7.40 -13.28 5.27
N VAL A 14 -8.11 -12.14 4.89
CA VAL A 14 -9.12 -11.40 5.67
C VAL A 14 -10.09 -11.11 4.56
N PRO A 15 -11.31 -10.60 4.80
CA PRO A 15 -12.20 -10.28 3.67
C PRO A 15 -11.41 -9.56 2.62
N PHE A 16 -11.37 -10.08 1.37
CA PHE A 16 -10.44 -9.51 0.43
C PHE A 16 -10.92 -8.36 -0.38
N LYS A 17 -11.87 -8.60 -1.28
CA LYS A 17 -12.21 -7.53 -2.15
C LYS A 17 -13.66 -7.55 -2.47
N PRO A 18 -14.42 -6.75 -1.76
CA PRO A 18 -15.81 -6.60 -2.06
C PRO A 18 -15.94 -5.83 -3.34
N LYS A 19 -14.90 -5.00 -3.62
CA LYS A 19 -14.81 -4.21 -4.82
C LYS A 19 -13.72 -3.19 -4.62
N LEU A 20 -14.02 -2.12 -3.84
CA LEU A 20 -13.09 -1.03 -3.59
C LEU A 20 -12.74 -1.04 -2.10
N VAL A 21 -11.60 -0.39 -1.65
CA VAL A 21 -11.36 -0.33 -0.20
C VAL A 21 -12.53 0.52 0.35
N GLU A 22 -12.48 0.92 1.63
CA GLU A 22 -13.61 1.56 2.31
C GLU A 22 -14.42 2.56 1.52
N GLN A 23 -13.86 3.66 0.98
CA GLN A 23 -14.74 4.61 0.31
C GLN A 23 -14.58 4.65 -1.18
N ARG A 24 -13.34 4.86 -1.68
CA ARG A 24 -13.12 5.00 -3.11
C ARG A 24 -13.46 6.43 -3.46
N GLN A 25 -12.87 7.37 -2.72
CA GLN A 25 -13.12 8.75 -2.97
C GLN A 25 -12.21 9.49 -2.04
N VAL A 26 -11.30 10.30 -2.59
CA VAL A 26 -10.36 11.01 -1.71
C VAL A 26 -11.00 11.88 -0.62
N ASP A 27 -12.27 12.30 -0.81
CA ASP A 27 -12.87 13.13 0.20
C ASP A 27 -13.53 12.33 1.33
N VAL A 28 -13.75 10.98 1.14
CA VAL A 28 -14.42 10.25 2.19
C VAL A 28 -13.74 8.91 2.33
N CYS A 29 -12.39 9.18 2.30
CA CYS A 29 -11.46 8.09 2.53
C CYS A 29 -10.34 8.44 3.49
N PRO A 30 -10.48 8.13 4.77
CA PRO A 30 -9.43 8.61 5.65
C PRO A 30 -8.13 7.83 5.50
N PHE A 31 -7.23 8.56 4.88
CA PHE A 31 -5.80 8.33 5.10
C PHE A 31 -5.01 9.60 5.36
N SER A 32 -5.91 10.28 6.10
CA SER A 32 -5.69 11.56 6.76
C SER A 32 -5.39 11.30 8.23
N PHE A 33 -5.01 12.28 9.01
CA PHE A 33 -4.60 11.88 10.30
C PHE A 33 -4.89 12.95 11.29
N CYS A 34 -6.01 13.68 11.08
CA CYS A 34 -6.42 14.66 12.04
C CYS A 34 -6.89 13.86 13.24
N ASP A 35 -7.68 12.80 12.94
CA ASP A 35 -8.19 11.94 13.98
C ASP A 35 -9.01 10.86 13.30
N ARG A 36 -8.51 10.31 12.17
CA ARG A 36 -9.27 9.28 11.46
C ARG A 36 -8.38 8.08 11.19
N ASP A 37 -7.28 7.96 11.96
CA ASP A 37 -6.38 6.80 11.82
C ASP A 37 -7.16 5.66 12.43
N LYS A 38 -8.04 5.97 13.42
CA LYS A 38 -8.77 4.90 14.10
C LYS A 38 -9.45 3.99 13.08
N GLU A 39 -10.19 4.49 12.08
CA GLU A 39 -10.76 3.54 11.13
C GLU A 39 -9.68 2.85 10.29
N ARG A 40 -8.69 3.67 9.93
CA ARG A 40 -7.54 3.31 9.11
C ARG A 40 -6.73 2.18 9.78
N GLN A 41 -7.00 1.90 11.12
CA GLN A 41 -6.15 0.96 11.86
C GLN A 41 -5.83 -0.28 11.03
N LEU A 42 -6.82 -0.71 10.44
CA LEU A 42 -6.83 -1.99 9.74
C LEU A 42 -5.72 -2.04 8.70
N GLN A 43 -5.61 -0.95 8.05
CA GLN A 43 -4.75 -0.96 6.88
C GLN A 43 -3.30 -0.97 7.33
N LYS A 44 -2.98 -0.05 8.28
CA LYS A 44 -1.65 0.14 8.82
C LYS A 44 -1.11 -1.10 9.50
N GLU A 45 -1.95 -1.61 10.38
CA GLU A 45 -1.55 -2.56 11.40
C GLU A 45 -0.96 -3.83 10.81
N LYS A 46 -1.58 -4.34 9.84
CA LYS A 46 -1.38 -5.77 9.65
C LYS A 46 0.07 -6.06 9.29
N ARG A 47 0.79 -5.33 8.33
CA ARG A 47 1.98 -6.09 8.03
C ARG A 47 3.17 -5.58 8.80
N LEU A 48 2.97 -4.36 9.37
CA LEU A 48 4.09 -3.59 9.85
C LEU A 48 4.94 -4.35 10.84
N ASP A 49 4.56 -4.05 12.06
CA ASP A 49 5.46 -4.50 13.11
C ASP A 49 6.05 -5.88 12.82
N GLU A 50 5.37 -6.89 13.43
CA GLU A 50 5.97 -8.22 13.37
C GLU A 50 6.42 -8.57 11.95
N LEU A 51 5.71 -8.14 10.89
CA LEU A 51 6.13 -8.46 9.52
C LEU A 51 7.01 -7.34 8.96
N ARG A 52 7.81 -6.73 9.87
CA ARG A 52 8.67 -5.56 9.64
C ARG A 52 9.62 -5.55 8.42
N LYS A 53 9.32 -6.17 7.25
CA LYS A 53 10.25 -6.04 6.12
C LYS A 53 9.99 -4.70 5.36
N ASP A 54 9.09 -4.67 4.33
CA ASP A 54 8.79 -3.45 3.55
C ASP A 54 7.28 -3.28 3.53
N GLU A 55 6.71 -2.31 4.31
CA GLU A 55 5.25 -2.22 4.48
C GLU A 55 4.48 -2.44 3.24
N VAL A 56 3.60 -3.49 3.29
CA VAL A 56 2.67 -3.68 2.23
C VAL A 56 1.61 -2.81 2.87
N PRO A 57 1.47 -1.63 2.32
CA PRO A 57 0.77 -0.50 2.90
C PRO A 57 -0.53 -0.67 3.47
N LYS A 58 -0.86 0.40 4.21
CA LYS A 58 -2.14 0.56 4.72
C LYS A 58 -2.83 0.88 3.47
N PHE A 59 -3.53 -0.10 2.99
CA PHE A 59 -4.04 -0.03 1.69
C PHE A 59 -5.09 1.00 1.43
N LYS A 60 -4.60 2.00 0.66
CA LYS A 60 -5.41 3.00 0.03
C LYS A 60 -5.22 2.51 -1.37
N ALA A 61 -4.61 1.30 -1.38
CA ALA A 61 -4.28 0.50 -2.49
C ALA A 61 -5.51 -0.29 -2.73
N GLN A 62 -5.38 -1.44 -3.39
CA GLN A 62 -6.48 -2.34 -3.62
C GLN A 62 -7.27 -2.47 -2.32
N PRO A 63 -8.49 -2.98 -2.38
CA PRO A 63 -9.38 -3.12 -1.21
C PRO A 63 -8.75 -3.58 0.08
N LEU A 64 -9.53 -3.53 1.19
CA LEU A 64 -9.06 -3.93 2.52
C LEU A 64 -8.25 -5.15 2.34
N PRO A 65 -7.13 -5.29 3.07
CA PRO A 65 -6.24 -6.42 2.90
C PRO A 65 -6.86 -7.58 2.21
N GLN A 66 -6.54 -7.65 0.93
CA GLN A 66 -7.05 -8.67 0.09
C GLN A 66 -5.92 -9.56 -0.16
N PHE A 67 -4.83 -8.97 -0.56
CA PHE A 67 -3.66 -9.71 -0.76
C PHE A 67 -2.62 -9.00 -0.03
N ASP A 68 -2.94 -7.81 0.50
CA ASP A 68 -1.91 -6.99 1.02
C ASP A 68 -1.79 -6.93 2.50
N ASN A 69 -0.49 -6.75 2.90
CA ASN A 69 -0.02 -6.60 4.25
C ASN A 69 0.83 -7.86 4.57
N ILE A 70 0.67 -8.55 5.77
CA ILE A 70 1.56 -9.68 6.22
C ILE A 70 1.81 -10.81 5.25
N ARG A 71 1.98 -12.02 5.84
CA ARG A 71 2.25 -13.21 5.07
C ARG A 71 0.98 -14.01 5.03
N LEU A 72 0.92 -15.00 4.11
CA LEU A 72 -0.26 -15.81 3.97
C LEU A 72 0.05 -17.24 4.33
N PRO A 73 -0.41 -17.66 5.50
CA PRO A 73 -0.26 -19.06 5.93
C PRO A 73 -1.00 -19.99 5.01
N GLU A 74 -0.50 -21.24 4.89
CA GLU A 74 -1.10 -22.21 4.00
C GLU A 74 -2.45 -22.66 4.52
N LYS A 75 -2.77 -22.37 5.80
CA LYS A 75 -4.05 -22.84 6.33
C LYS A 75 -5.07 -21.70 6.39
N LYS A 76 -4.65 -20.47 6.03
CA LYS A 76 -5.57 -19.35 6.09
C LYS A 76 -6.20 -19.06 4.74
N VAL A 77 -5.49 -19.42 3.63
CA VAL A 77 -6.01 -19.15 2.29
C VAL A 77 -6.95 -20.27 1.93
N LYS A 78 -8.00 -20.15 2.82
CA LYS A 78 -9.13 -21.02 2.75
C LYS A 78 -9.99 -20.52 1.61
N MET A 79 -10.15 -19.18 1.51
CA MET A 79 -10.95 -18.58 0.45
C MET A 79 -10.00 -17.83 -0.45
N PRO A 80 -10.35 -17.77 -1.72
CA PRO A 80 -9.55 -17.06 -2.71
C PRO A 80 -9.84 -15.58 -2.81
N THR A 81 -8.85 -14.83 -3.35
CA THR A 81 -8.98 -13.40 -3.54
C THR A 81 -9.83 -13.22 -4.79
N GLN A 82 -10.49 -12.05 -4.94
CA GLN A 82 -11.37 -11.85 -6.08
C GLN A 82 -10.61 -11.42 -7.31
N GLN A 83 -10.15 -10.14 -7.38
CA GLN A 83 -9.45 -9.67 -8.57
C GLN A 83 -8.22 -8.92 -8.16
N GLU A 84 -7.03 -9.37 -8.63
CA GLU A 84 -5.78 -8.72 -8.24
C GLU A 84 -4.70 -9.18 -9.19
N PRO A 85 -3.62 -8.40 -9.25
CA PRO A 85 -2.46 -8.74 -10.10
C PRO A 85 -1.77 -9.86 -9.45
N PHE A 86 -1.24 -9.46 -8.31
CA PHE A 86 -0.65 -10.42 -7.40
C PHE A 86 -1.35 -10.62 -6.06
N ASP A 87 -1.35 -11.82 -5.59
CA ASP A 87 -1.75 -11.92 -4.18
C ASP A 87 -0.58 -12.27 -3.22
N LEU A 88 0.44 -11.56 -3.86
CA LEU A 88 1.81 -11.82 -3.43
C LEU A 88 2.18 -10.99 -2.21
N GLU A 89 1.62 -11.75 -1.25
CA GLU A 89 2.04 -11.71 0.16
C GLU A 89 2.19 -13.07 0.83
N ILE A 90 2.07 -13.84 -0.24
CA ILE A 90 1.98 -15.29 -0.35
C ILE A 90 3.33 -15.83 0.09
N GLU A 91 3.37 -16.73 1.15
CA GLU A 91 4.65 -17.19 1.68
C GLU A 91 5.54 -17.81 0.63
N LYS A 92 4.94 -18.59 -0.25
CA LYS A 92 5.68 -19.18 -1.37
C LYS A 92 6.17 -18.11 -2.33
N ARG A 93 5.15 -18.05 -3.20
CA ARG A 93 5.16 -17.07 -4.26
C ARG A 93 5.57 -15.74 -3.69
N GLY A 94 4.54 -15.07 -3.15
CA GLY A 94 4.59 -13.69 -2.79
C GLY A 94 5.87 -13.45 -2.02
N ALA A 95 5.89 -13.64 -0.69
CA ALA A 95 7.13 -13.28 -0.02
C ALA A 95 8.35 -13.46 -0.92
N SER A 96 8.46 -14.54 -1.74
CA SER A 96 9.57 -14.61 -2.67
C SER A 96 9.51 -13.51 -3.73
N LYS A 97 8.29 -13.30 -4.29
CA LYS A 97 8.02 -12.30 -5.30
C LYS A 97 8.10 -10.91 -4.69
N LEU A 98 8.13 -10.85 -3.35
CA LEU A 98 8.12 -9.60 -2.62
C LEU A 98 9.12 -8.63 -3.22
N GLN A 99 10.30 -9.06 -3.71
CA GLN A 99 11.17 -8.06 -4.33
C GLN A 99 10.46 -7.42 -5.52
N ARG A 100 9.81 -8.25 -6.37
CA ARG A 100 9.03 -7.78 -7.50
C ARG A 100 7.83 -6.97 -7.02
N TRP A 101 7.24 -7.36 -5.83
CA TRP A 101 6.14 -6.60 -5.25
C TRP A 101 6.46 -5.14 -5.31
N GLN A 102 7.69 -4.80 -4.90
CA GLN A 102 8.02 -3.40 -4.75
C GLN A 102 7.56 -2.62 -5.96
N GLN A 103 7.64 -3.18 -7.14
CA GLN A 103 7.26 -2.37 -8.29
C GLN A 103 5.79 -1.97 -8.23
N GLN A 104 4.76 -2.85 -7.91
CA GLN A 104 3.41 -2.33 -8.08
C GLN A 104 3.01 -1.45 -6.89
N ILE A 105 3.08 -1.97 -5.66
CA ILE A 105 2.64 -1.10 -4.59
C ILE A 105 3.48 0.17 -4.58
N GLN A 106 4.84 0.15 -5.07
CA GLN A 106 5.56 1.39 -5.14
C GLN A 106 5.07 2.29 -6.27
N GLU A 107 5.23 1.68 -7.49
CA GLU A 107 5.23 2.44 -8.74
C GLU A 107 3.92 3.22 -8.94
N GLU A 108 2.79 2.75 -8.40
CA GLU A 108 1.58 3.53 -8.59
C GLU A 108 1.84 4.90 -7.93
N LEU A 109 2.91 4.97 -7.08
CA LEU A 109 3.36 6.20 -6.49
C LEU A 109 4.61 6.56 -7.25
N LYS A 110 4.80 7.87 -7.57
CA LYS A 110 5.97 8.29 -8.33
C LYS A 110 7.25 7.96 -7.60
N GLN A 111 7.28 8.18 -6.27
CA GLN A 111 8.49 7.94 -5.50
C GLN A 111 8.62 6.46 -5.19
N GLN A 112 9.87 5.94 -5.24
CA GLN A 112 10.11 4.54 -4.96
C GLN A 112 11.56 4.40 -4.53
N LYS A 113 11.89 3.27 -3.82
CA LYS A 113 13.24 3.05 -3.37
C LYS A 113 13.28 1.66 -2.76
N GLU A 114 14.32 1.34 -1.96
CA GLU A 114 14.40 0.02 -1.35
C GLU A 114 13.51 0.03 -0.14
N MET A 115 12.31 -0.54 -0.28
CA MET A 115 11.38 -0.55 0.83
C MET A 115 11.89 -1.43 1.96
N VAL A 116 12.69 -2.56 1.66
CA VAL A 116 13.16 -3.40 2.78
C VAL A 116 14.29 -2.76 3.58
N VAL A 117 13.93 -1.50 3.64
CA VAL A 117 14.46 -0.44 4.45
C VAL A 117 13.43 -0.17 5.55
N PHE A 118 12.53 0.78 4.99
CA PHE A 118 11.65 1.54 5.88
C PHE A 118 10.94 0.68 6.91
N LYS A 119 11.35 -0.66 7.10
CA LYS A 119 10.98 -1.09 8.45
C LYS A 119 12.17 -1.84 9.08
N ALA A 120 13.30 -1.11 9.34
CA ALA A 120 14.29 -1.92 10.05
C ALA A 120 15.00 -1.23 11.21
N ARG A 121 14.09 -0.41 11.77
CA ARG A 121 14.54 0.44 12.88
C ARG A 121 13.32 0.99 13.66
N PRO A 122 13.58 1.72 14.70
CA PRO A 122 12.51 2.43 15.38
C PRO A 122 11.81 3.30 14.36
N ASN A 123 10.51 3.48 14.61
CA ASN A 123 9.63 4.23 13.71
C ASN A 123 10.28 4.69 12.42
N THR A 124 10.65 3.62 11.61
CA THR A 124 10.88 3.91 10.20
C THR A 124 9.77 3.21 9.40
N VAL A 125 8.74 3.15 10.27
CA VAL A 125 7.59 2.40 9.77
C VAL A 125 6.49 3.39 9.35
N VAL A 126 7.10 4.43 8.82
CA VAL A 126 6.21 5.45 8.34
C VAL A 126 6.82 6.12 7.10
N HIS A 127 6.71 5.27 6.08
CA HIS A 127 7.18 5.65 4.81
C HIS A 127 5.99 6.25 4.20
N GLN A 128 6.07 6.95 3.05
CA GLN A 128 4.81 7.47 2.57
C GLN A 128 3.74 6.42 2.29
N GLU A 129 4.09 5.13 2.51
CA GLU A 129 3.06 4.10 2.45
C GLU A 129 2.31 3.76 3.78
N PRO A 130 3.03 3.35 4.83
CA PRO A 130 2.47 3.33 6.19
C PRO A 130 2.62 4.64 6.92
N PHE A 131 1.63 5.63 6.84
CA PHE A 131 2.55 6.76 7.05
C PHE A 131 2.31 7.33 8.45
N VAL A 132 1.07 7.07 8.96
CA VAL A 132 0.50 7.70 10.17
C VAL A 132 1.34 7.69 11.41
N PRO A 133 0.96 8.63 12.30
CA PRO A 133 1.63 8.89 13.55
C PRO A 133 1.20 8.04 14.70
N LYS A 134 1.14 8.70 15.89
CA LYS A 134 0.80 8.05 17.11
C LYS A 134 2.10 7.51 17.64
N LYS A 135 2.23 6.19 17.72
CA LYS A 135 3.50 5.62 18.21
C LYS A 135 4.60 5.63 17.15
N GLU A 136 4.23 5.83 15.84
CA GLU A 136 5.23 5.73 14.78
C GLU A 136 5.71 7.12 14.40
N ASN A 137 4.87 8.13 14.10
CA ASN A 137 5.54 9.34 13.65
C ASN A 137 6.03 10.09 14.89
N ARG A 138 6.57 9.37 15.92
CA ARG A 138 7.42 10.26 16.70
C ARG A 138 8.44 11.01 15.84
N SER A 139 8.78 12.28 16.02
CA SER A 139 9.41 12.85 14.84
C SER A 139 10.70 12.13 14.49
N LEU A 140 11.46 13.05 13.95
CA LEU A 140 12.77 12.76 13.40
C LEU A 140 13.89 13.36 14.21
N THR A 141 13.89 12.46 15.32
CA THR A 141 14.60 12.84 16.52
C THR A 141 16.07 13.07 16.20
N GLU A 142 16.82 12.41 17.16
CA GLU A 142 18.27 12.58 17.15
C GLU A 142 19.06 11.39 16.67
N SER A 143 18.87 10.19 17.28
CA SER A 143 19.75 9.09 16.94
C SER A 143 19.08 7.94 16.27
N LEU A 144 17.83 7.57 16.63
CA LEU A 144 17.31 6.39 15.97
C LEU A 144 15.81 6.26 16.13
N SER A 145 15.04 7.34 16.00
CA SER A 145 13.60 7.21 16.01
C SER A 145 13.03 6.64 14.70
N GLY A 146 13.88 6.57 13.75
CA GLY A 146 13.39 6.38 12.38
C GLY A 146 12.62 7.60 11.85
N SER A 147 13.71 8.30 11.44
CA SER A 147 13.34 9.26 10.40
C SER A 147 13.00 8.49 9.14
N ILE A 148 12.35 8.91 8.18
CA ILE A 148 12.02 7.74 7.38
C ILE A 148 13.24 7.34 6.57
N VAL A 149 13.98 6.26 7.03
CA VAL A 149 15.32 6.25 6.49
C VAL A 149 15.32 5.14 5.45
N GLN A 150 14.60 5.87 4.71
CA GLN A 150 14.24 5.87 3.31
C GLN A 150 13.41 7.10 2.99
N GLU A 151 13.20 7.49 1.87
CA GLU A 151 12.35 8.68 1.96
C GLU A 151 10.89 8.26 2.11
N GLY A 152 10.21 9.08 2.89
CA GLY A 152 8.83 8.94 3.18
C GLY A 152 8.39 9.90 2.19
N PHE A 153 7.33 10.65 2.29
CA PHE A 153 7.17 11.53 1.13
C PHE A 153 8.42 12.39 1.01
N GLU A 154 8.83 13.09 2.12
CA GLU A 154 10.08 13.84 2.08
C GLU A 154 10.94 13.37 3.26
N LEU A 155 10.19 12.74 4.16
CA LEU A 155 10.54 12.77 5.56
C LEU A 155 11.63 11.77 5.85
N ALA A 156 12.70 11.72 4.99
CA ALA A 156 13.83 10.95 5.47
C ALA A 156 14.69 11.81 6.38
N THR A 157 15.64 11.16 7.13
CA THR A 157 16.52 11.88 8.04
C THR A 157 16.98 13.20 7.46
N ALA A 158 18.19 12.99 6.91
CA ALA A 158 18.95 14.09 6.34
C ALA A 158 18.10 14.95 5.39
N LYS A 159 16.91 14.42 4.89
CA LYS A 159 16.15 15.18 3.92
C LYS A 159 15.26 16.15 4.67
N ARG A 160 15.81 16.31 5.95
CA ARG A 160 15.18 17.31 6.80
C ARG A 160 15.79 18.67 6.52
N ALA A 161 17.15 18.69 6.38
CA ALA A 161 17.94 19.88 6.62
C ALA A 161 17.34 21.08 5.91
N LYS A 162 17.21 21.09 4.58
CA LYS A 162 16.75 22.32 3.98
C LYS A 162 15.32 22.59 4.34
N GLU A 163 14.55 21.54 4.26
CA GLU A 163 13.10 21.58 4.37
C GLU A 163 12.62 21.95 5.76
N ARG A 164 13.46 21.76 6.84
CA ARG A 164 12.95 21.76 8.21
C ARG A 164 12.08 22.98 8.43
N GLN A 165 12.44 24.24 8.06
CA GLN A 165 11.67 25.33 8.59
C GLN A 165 10.22 25.26 8.14
N GLU A 166 9.92 25.16 6.83
CA GLU A 166 8.51 25.11 6.48
C GLU A 166 7.94 23.72 6.69
N PHE A 167 8.88 22.81 6.61
CA PHE A 167 8.67 21.38 6.54
C PHE A 167 7.95 20.90 7.81
N ASP A 168 8.81 20.25 8.67
CA ASP A 168 8.22 19.51 9.77
C ASP A 168 6.93 20.09 10.30
N LYS A 169 7.18 20.83 11.39
CA LYS A 169 6.04 21.20 12.22
C LYS A 169 4.89 21.73 11.37
N CYS A 170 5.11 22.60 10.36
CA CYS A 170 3.90 23.09 9.72
C CYS A 170 3.44 22.12 8.64
N LEU A 171 4.34 21.83 7.65
CA LEU A 171 3.90 21.13 6.46
C LEU A 171 3.76 19.64 6.80
N ALA A 172 4.49 19.05 7.78
CA ALA A 172 4.51 17.60 7.86
C ALA A 172 3.12 16.98 7.89
N GLU A 173 2.15 17.47 8.69
CA GLU A 173 0.85 16.82 8.61
C GLU A 173 0.22 17.00 7.26
N THR A 174 0.26 18.25 6.68
CA THR A 174 -0.31 18.37 5.36
C THR A 174 0.49 17.53 4.34
N GLU A 175 1.79 17.37 4.65
CA GLU A 175 2.64 16.48 3.86
C GLU A 175 2.04 15.08 3.90
N ALA A 176 1.62 14.69 5.12
CA ALA A 176 0.99 13.39 5.30
C ALA A 176 -0.26 13.27 4.44
N GLN A 177 -1.04 14.37 4.32
CA GLN A 177 -2.25 14.27 3.53
C GLN A 177 -1.92 13.91 2.08
N LYS A 178 -0.94 14.65 1.49
CA LYS A 178 -0.59 14.34 0.11
C LYS A 178 0.07 12.98 0.04
N SER A 179 0.88 12.64 1.10
CA SER A 179 1.61 11.38 1.14
C SER A 179 0.76 10.21 0.66
N LEU A 180 0.21 9.58 1.74
CA LEU A 180 -0.51 8.33 1.56
C LEU A 180 -1.48 8.45 0.39
N LEU A 181 -2.25 9.55 0.27
CA LEU A 181 -3.22 9.58 -0.82
C LEU A 181 -2.52 9.49 -2.15
N GLU A 182 -1.39 10.19 -2.26
CA GLU A 182 -0.64 10.22 -3.52
C GLU A 182 -0.26 8.82 -3.95
N GLU A 183 0.01 7.88 -2.98
CA GLU A 183 0.59 6.60 -3.38
C GLU A 183 -0.23 5.96 -4.50
N GLU A 184 -1.15 5.14 -3.91
CA GLU A 184 -1.96 4.28 -4.76
C GLU A 184 -3.11 5.04 -5.43
N ILE A 185 -3.76 6.00 -4.71
CA ILE A 185 -4.83 6.73 -5.37
C ILE A 185 -4.27 7.52 -6.54
N ARG A 186 -3.13 8.23 -6.31
CA ARG A 186 -2.46 8.99 -7.34
C ARG A 186 -3.48 9.83 -8.08
N LYS A 187 -3.99 10.89 -7.44
CA LYS A 187 -4.96 11.72 -8.09
C LYS A 187 -4.91 13.08 -7.45
N ARG A 188 -4.97 13.10 -6.09
CA ARG A 188 -4.92 14.33 -5.34
C ARG A 188 -6.26 15.01 -5.44
N ARG A 189 -6.68 15.42 -6.66
CA ARG A 189 -7.95 16.08 -6.79
C ARG A 189 -8.41 15.96 -8.21
N GLU A 190 -7.54 16.28 -9.18
CA GLU A 190 -7.93 16.21 -10.57
C GLU A 190 -6.89 15.43 -11.32
N GLU A 191 -7.24 15.03 -12.57
CA GLU A 191 -6.36 14.26 -13.44
C GLU A 191 -6.50 12.81 -13.11
N GLU A 192 -7.37 12.11 -13.86
CA GLU A 192 -7.60 10.70 -13.63
C GLU A 192 -6.49 9.92 -14.30
N GLU A 193 -5.67 10.62 -15.13
CA GLU A 193 -4.55 9.97 -15.82
C GLU A 193 -3.58 9.49 -14.77
N LYS A 194 -3.47 10.27 -13.67
CA LYS A 194 -2.55 9.92 -12.60
C LYS A 194 -2.86 8.56 -12.01
N GLU A 195 -4.12 8.19 -11.99
CA GLU A 195 -4.51 6.93 -11.41
C GLU A 195 -3.79 5.76 -12.08
N GLU A 196 -4.66 5.26 -13.00
CA GLU A 196 -4.53 4.03 -13.77
C GLU A 196 -3.17 3.96 -14.45
N ILE A 197 -2.15 4.69 -13.76
CA ILE A 197 -0.78 4.62 -14.26
C ILE A 197 -0.21 3.25 -14.00
N SER A 198 -0.60 2.52 -12.86
CA SER A 198 0.13 1.31 -12.53
C SER A 198 0.32 0.45 -13.77
N GLN A 199 -0.74 0.20 -14.56
CA GLN A 199 -0.52 -0.65 -15.71
C GLN A 199 0.18 0.12 -16.83
N LEU A 200 -0.48 1.25 -17.19
CA LEU A 200 -0.40 1.81 -18.54
C LEU A 200 0.99 2.27 -18.91
N ARG A 201 1.91 2.91 -18.11
CA ARG A 201 2.92 3.53 -18.94
C ARG A 201 4.09 2.59 -19.23
N GLN A 202 4.90 2.37 -18.16
CA GLN A 202 6.03 1.50 -18.48
C GLN A 202 6.00 0.19 -17.66
N GLU A 203 5.55 0.58 -16.43
CA GLU A 203 5.60 -0.23 -15.23
C GLU A 203 5.23 -1.66 -15.61
N LEU A 204 6.11 -2.39 -16.38
CA LEU A 204 5.94 -3.82 -16.47
C LEU A 204 6.29 -4.50 -15.17
N VAL A 205 5.35 -3.97 -14.34
CA VAL A 205 5.36 -4.12 -12.89
C VAL A 205 5.39 -5.60 -12.51
N HIS A 206 4.46 -6.38 -13.02
CA HIS A 206 4.49 -7.79 -12.74
C HIS A 206 4.24 -8.52 -14.06
N LYS A 207 5.34 -9.17 -14.50
CA LYS A 207 5.36 -9.96 -15.75
C LYS A 207 4.93 -11.38 -15.46
N ALA A 208 4.47 -11.55 -14.19
CA ALA A 208 4.27 -12.87 -13.65
C ALA A 208 3.67 -13.83 -14.68
N LYS A 209 2.38 -13.82 -14.34
CA LYS A 209 1.52 -14.66 -15.19
C LYS A 209 0.50 -13.78 -15.94
N PRO A 210 0.29 -13.95 -17.25
CA PRO A 210 -0.50 -12.91 -17.86
C PRO A 210 -1.84 -12.71 -17.17
N ILE A 211 -1.84 -11.45 -16.73
CA ILE A 211 -2.94 -10.89 -15.97
C ILE A 211 -3.80 -10.04 -16.88
N ARG A 212 -5.11 -10.29 -17.03
CA ARG A 212 -5.77 -9.16 -17.69
C ARG A 212 -6.09 -8.04 -16.69
N LYS A 213 -4.86 -7.43 -16.63
CA LYS A 213 -4.66 -6.26 -15.76
C LYS A 213 -5.04 -4.95 -16.45
N TYR A 214 -5.51 -5.28 -17.76
CA TYR A 214 -5.85 -4.39 -18.83
C TYR A 214 -7.15 -3.68 -18.46
N ARG A 215 -7.13 -3.20 -17.22
CA ARG A 215 -8.22 -2.44 -16.62
C ARG A 215 -8.80 -1.40 -17.59
N ALA A 216 -8.25 -1.27 -18.82
CA ALA A 216 -8.79 -0.24 -19.72
C ALA A 216 -10.21 -0.57 -20.16
N VAL A 217 -10.76 -1.70 -19.67
CA VAL A 217 -12.13 -2.05 -19.99
C VAL A 217 -13.06 -1.98 -18.77
N GLU A 218 -12.60 -2.50 -17.60
CA GLU A 218 -13.52 -2.39 -16.46
C GLU A 218 -12.96 -1.53 -15.33
N VAL A 219 -12.73 -0.34 -16.00
CA VAL A 219 -12.16 0.84 -15.35
C VAL A 219 -13.00 1.25 -14.14
N LYS A 220 -14.16 0.60 -13.97
CA LYS A 220 -15.09 0.89 -12.89
C LYS A 220 -14.52 0.53 -11.52
N ALA A 221 -13.16 0.66 -11.28
CA ALA A 221 -12.80 0.23 -9.95
C ALA A 221 -12.43 1.42 -9.08
N SER A 222 -11.28 1.00 -8.37
CA SER A 222 -10.84 1.99 -7.40
C SER A 222 -9.38 2.35 -7.55
N ASP A 223 -8.79 1.79 -6.43
CA ASP A 223 -7.36 1.93 -6.20
C ASP A 223 -6.54 0.80 -6.82
N VAL A 224 -7.23 -0.30 -7.23
CA VAL A 224 -6.60 -1.47 -7.81
C VAL A 224 -6.73 -1.50 -9.32
N PRO A 225 -5.66 -1.88 -10.02
CA PRO A 225 -5.73 -2.10 -11.47
C PRO A 225 -6.61 -3.29 -11.68
N LEU A 226 -7.69 -3.17 -12.52
CA LEU A 226 -8.59 -4.30 -12.72
C LEU A 226 -7.77 -5.42 -13.27
N THR A 227 -7.41 -6.32 -12.36
CA THR A 227 -6.54 -7.40 -12.68
C THR A 227 -7.26 -8.70 -12.44
N VAL A 228 -7.09 -9.67 -13.36
CA VAL A 228 -7.70 -10.96 -13.19
C VAL A 228 -6.92 -11.63 -12.09
N PRO A 229 -7.58 -12.39 -11.24
CA PRO A 229 -6.92 -13.07 -10.14
C PRO A 229 -5.75 -13.92 -10.54
N ARG A 230 -4.66 -13.85 -9.74
CA ARG A 230 -3.48 -14.61 -10.03
C ARG A 230 -3.83 -16.07 -9.79
N SER A 231 -3.26 -16.99 -10.60
CA SER A 231 -3.58 -18.39 -10.44
C SER A 231 -2.73 -18.97 -9.35
N PRO A 232 -3.32 -19.84 -8.55
CA PRO A 232 -2.62 -20.48 -7.46
C PRO A 232 -1.95 -21.77 -7.84
N ASN A 233 -2.69 -22.90 -7.69
CA ASN A 233 -2.11 -24.19 -8.00
C ASN A 233 -2.70 -24.71 -9.27
N PHE A 234 -3.36 -23.83 -10.05
CA PHE A 234 -3.96 -24.27 -11.29
C PHE A 234 -3.12 -23.72 -12.41
N SER A 235 -2.67 -24.62 -13.31
CA SER A 235 -1.86 -24.20 -14.44
C SER A 235 -2.72 -23.34 -15.33
N ASP A 236 -4.00 -23.73 -15.48
CA ASP A 236 -4.90 -22.98 -16.32
C ASP A 236 -5.16 -21.65 -15.65
N ARG A 237 -5.40 -20.61 -16.46
CA ARG A 237 -5.65 -19.29 -15.94
C ARG A 237 -6.95 -19.33 -15.18
N PHE A 238 -7.04 -18.50 -14.10
CA PHE A 238 -8.21 -18.47 -13.25
C PHE A 238 -9.45 -18.14 -14.06
N LYS A 239 -9.28 -17.53 -15.25
CA LYS A 239 -10.43 -17.18 -16.07
C LYS A 239 -11.17 -18.44 -16.43
N CYS A 240 -10.43 -19.53 -16.73
CA CYS A 240 -11.08 -20.77 -17.08
C CYS A 240 -10.05 -21.89 -16.93
N VAL A 1 -20.34 -3.06 -1.09
CA VAL A 1 -19.95 -1.63 -0.93
C VAL A 1 -18.44 -1.50 -0.89
N PRO A 2 -17.94 -0.40 -1.39
CA PRO A 2 -16.50 -0.16 -1.43
C PRO A 2 -16.00 0.40 -0.14
N VAL A 3 -16.23 -0.37 0.94
CA VAL A 3 -15.84 0.05 2.29
C VAL A 3 -14.82 -0.86 3.00
N ILE A 4 -13.73 -0.27 3.62
CA ILE A 4 -12.87 -1.17 4.39
C ILE A 4 -13.61 -1.76 5.61
N LYS A 5 -13.42 -0.88 6.76
CA LYS A 5 -13.91 -1.24 8.09
C LYS A 5 -13.88 -2.76 8.36
N ALA A 6 -12.73 -3.30 7.95
CA ALA A 6 -12.49 -4.76 7.89
C ALA A 6 -12.25 -5.36 9.27
N THR A 7 -12.71 -6.63 9.38
CA THR A 7 -12.46 -7.46 10.58
C THR A 7 -10.97 -7.81 10.74
N ARG A 8 -10.46 -7.87 11.98
CA ARG A 8 -9.03 -8.19 12.07
C ARG A 8 -8.87 -9.69 11.82
N MET A 9 -7.81 -10.01 11.04
CA MET A 9 -7.51 -11.37 10.62
C MET A 9 -6.47 -11.19 9.53
N PRO A 10 -5.99 -12.28 8.91
CA PRO A 10 -5.01 -12.16 7.82
C PRO A 10 -5.45 -11.17 6.77
N HIS A 11 -4.48 -10.45 6.17
CA HIS A 11 -4.77 -9.40 5.21
C HIS A 11 -5.03 -9.94 3.83
N TYR A 12 -4.02 -10.59 3.28
CA TYR A 12 -4.06 -11.16 2.00
C TYR A 12 -4.75 -12.43 2.27
N GLY A 13 -6.04 -12.27 2.48
CA GLY A 13 -6.84 -13.32 2.91
C GLY A 13 -7.62 -12.83 4.13
N VAL A 14 -8.14 -11.56 3.99
CA VAL A 14 -9.06 -10.90 4.93
C VAL A 14 -10.27 -10.83 4.05
N PRO A 15 -11.48 -10.44 4.50
CA PRO A 15 -12.60 -10.31 3.54
C PRO A 15 -12.03 -9.65 2.33
N PHE A 16 -12.14 -10.28 1.15
CA PHE A 16 -11.33 -9.79 0.07
C PHE A 16 -11.79 -8.56 -0.62
N LYS A 17 -12.87 -8.57 -1.38
CA LYS A 17 -13.12 -7.37 -2.08
C LYS A 17 -14.57 -7.23 -2.41
N PRO A 18 -15.27 -6.44 -1.63
CA PRO A 18 -16.64 -6.13 -1.94
C PRO A 18 -16.67 -5.22 -3.13
N LYS A 19 -15.55 -4.46 -3.29
CA LYS A 19 -15.40 -3.57 -4.41
C LYS A 19 -14.07 -2.85 -4.26
N LEU A 20 -14.09 -1.57 -3.80
CA LEU A 20 -12.89 -0.76 -3.62
C LEU A 20 -12.69 -0.53 -2.14
N VAL A 21 -11.46 -0.16 -1.63
CA VAL A 21 -11.36 0.13 -0.19
C VAL A 21 -12.26 1.37 0.00
N GLU A 22 -12.54 1.75 1.26
CA GLU A 22 -13.42 2.87 1.57
C GLU A 22 -13.07 4.16 0.83
N GLN A 23 -11.91 4.24 0.13
CA GLN A 23 -11.52 5.46 -0.56
C GLN A 23 -12.54 5.83 -1.63
N ARG A 24 -13.39 4.87 -2.07
CA ARG A 24 -14.38 5.21 -3.09
C ARG A 24 -15.26 6.27 -2.52
N GLN A 25 -15.71 6.05 -1.27
CA GLN A 25 -16.50 7.02 -0.60
C GLN A 25 -15.54 7.71 0.30
N VAL A 26 -14.85 8.75 -0.25
CA VAL A 26 -13.82 9.43 0.52
C VAL A 26 -14.26 9.97 1.89
N ASP A 27 -15.57 10.07 2.13
CA ASP A 27 -16.00 10.56 3.43
C ASP A 27 -15.94 9.50 4.52
N VAL A 28 -15.67 8.22 4.14
CA VAL A 28 -15.62 7.16 5.14
C VAL A 28 -14.42 6.31 4.85
N CYS A 29 -13.40 7.20 4.58
CA CYS A 29 -12.07 6.68 4.33
C CYS A 29 -10.97 7.45 5.04
N PRO A 30 -10.61 7.04 6.24
CA PRO A 30 -9.55 7.85 6.83
C PRO A 30 -8.16 7.43 6.35
N PHE A 31 -7.54 8.31 5.57
CA PHE A 31 -6.08 8.29 5.50
C PHE A 31 -5.44 9.64 5.71
N SER A 32 -6.22 10.23 6.64
CA SER A 32 -5.94 11.51 7.26
C SER A 32 -5.43 11.26 8.69
N PHE A 33 -4.94 12.23 9.40
CA PHE A 33 -4.35 11.83 10.63
C PHE A 33 -4.47 12.91 11.63
N CYS A 34 -3.90 12.63 12.83
CA CYS A 34 -3.99 13.49 13.99
C CYS A 34 -5.20 12.98 14.72
N ASP A 35 -5.98 12.16 13.98
CA ASP A 35 -7.17 11.54 14.49
C ASP A 35 -7.66 10.68 13.36
N ARG A 36 -8.65 9.80 13.63
CA ARG A 36 -9.23 8.94 12.61
C ARG A 36 -8.28 7.83 12.20
N ASP A 37 -7.11 7.70 12.86
CA ASP A 37 -6.19 6.60 12.55
C ASP A 37 -6.86 5.38 13.12
N LYS A 38 -7.66 5.61 14.23
CA LYS A 38 -8.34 4.51 14.87
C LYS A 38 -9.15 3.70 13.86
N GLU A 39 -9.96 4.31 12.99
CA GLU A 39 -10.65 3.46 12.02
C GLU A 39 -9.67 2.82 11.03
N ARG A 40 -8.71 3.64 10.64
CA ARG A 40 -7.64 3.34 9.69
C ARG A 40 -6.79 2.16 10.19
N GLN A 41 -6.93 1.76 11.53
CA GLN A 41 -6.02 0.77 12.12
C GLN A 41 -5.74 -0.39 11.15
N LEU A 42 -6.76 -0.77 10.56
CA LEU A 42 -6.80 -1.98 9.76
C LEU A 42 -5.70 -1.95 8.70
N GLN A 43 -5.52 -0.83 8.13
CA GLN A 43 -4.68 -0.87 6.95
C GLN A 43 -3.22 -0.99 7.38
N LYS A 44 -2.86 -0.13 8.36
CA LYS A 44 -1.50 -0.04 8.91
C LYS A 44 -1.04 -1.33 9.52
N GLU A 45 -1.90 -1.88 10.31
CA GLU A 45 -1.56 -2.95 11.23
C GLU A 45 -1.04 -4.19 10.51
N LYS A 46 -1.68 -4.53 9.48
CA LYS A 46 -1.59 -5.93 9.11
C LYS A 46 -0.17 -6.31 8.75
N ARG A 47 0.66 -5.58 7.88
CA ARG A 47 1.86 -6.34 7.61
C ARG A 47 2.99 -5.89 8.50
N LEU A 48 2.82 -4.67 9.08
CA LEU A 48 3.96 -3.97 9.63
C LEU A 48 4.73 -4.78 10.63
N ASP A 49 4.32 -4.49 11.86
CA ASP A 49 5.19 -4.96 12.93
C ASP A 49 5.77 -6.34 12.63
N GLU A 50 5.08 -7.36 13.18
CA GLU A 50 5.69 -8.68 13.10
C GLU A 50 6.22 -8.96 11.69
N LEU A 51 5.58 -8.47 10.61
CA LEU A 51 6.06 -8.74 9.24
C LEU A 51 6.96 -7.59 8.77
N ARG A 52 7.73 -6.99 9.74
CA ARG A 52 8.58 -5.80 9.57
C ARG A 52 9.60 -5.77 8.41
N LYS A 53 9.36 -6.38 7.22
CA LYS A 53 10.34 -6.26 6.13
C LYS A 53 10.17 -4.90 5.38
N ASP A 54 9.19 -4.79 4.43
CA ASP A 54 8.94 -3.54 3.67
C ASP A 54 7.44 -3.40 3.54
N GLU A 55 6.82 -2.42 4.26
CA GLU A 55 5.35 -2.37 4.35
C GLU A 55 4.64 -2.50 3.04
N VAL A 56 3.78 -3.56 2.97
CA VAL A 56 2.85 -3.69 1.88
C VAL A 56 1.85 -2.80 2.58
N PRO A 57 1.74 -1.60 2.05
CA PRO A 57 1.11 -0.47 2.70
C PRO A 57 -0.12 -0.65 3.42
N LYS A 58 -0.39 0.38 4.24
CA LYS A 58 -1.62 0.46 4.88
C LYS A 58 -2.41 0.79 3.67
N PHE A 59 -3.22 -0.15 3.27
CA PHE A 59 -3.78 -0.05 1.99
C PHE A 59 -4.83 1.00 1.77
N LYS A 60 -4.32 2.01 1.05
CA LYS A 60 -5.10 3.04 0.47
C LYS A 60 -5.06 2.58 -0.95
N ALA A 61 -4.46 1.36 -1.02
CA ALA A 61 -4.23 0.58 -2.17
C ALA A 61 -5.54 -0.10 -2.40
N GLN A 62 -5.49 -1.23 -3.09
CA GLN A 62 -6.66 -2.05 -3.31
C GLN A 62 -7.38 -2.22 -1.98
N PRO A 63 -8.65 -2.64 -2.04
CA PRO A 63 -9.55 -2.78 -0.86
C PRO A 63 -8.97 -3.31 0.41
N LEU A 64 -9.82 -3.32 1.50
CA LEU A 64 -9.40 -3.82 2.82
C LEU A 64 -8.50 -4.96 2.52
N PRO A 65 -7.22 -4.93 2.97
CA PRO A 65 -6.25 -5.92 2.56
C PRO A 65 -6.86 -7.17 2.11
N GLN A 66 -6.83 -7.32 0.80
CA GLN A 66 -7.46 -8.40 0.15
C GLN A 66 -6.42 -9.31 -0.33
N PHE A 67 -5.72 -8.91 -1.39
CA PHE A 67 -4.68 -9.71 -1.91
C PHE A 67 -3.41 -9.27 -1.29
N ASP A 68 -3.37 -8.01 -0.79
CA ASP A 68 -2.15 -7.50 -0.23
C ASP A 68 -2.20 -7.11 1.24
N ASN A 69 -0.94 -6.81 1.76
CA ASN A 69 -0.61 -6.33 3.12
C ASN A 69 0.40 -7.35 3.71
N ILE A 70 0.09 -8.12 4.81
CA ILE A 70 1.06 -9.03 5.46
C ILE A 70 1.58 -10.15 4.58
N ARG A 71 2.40 -11.07 5.16
CA ARG A 71 2.93 -12.18 4.39
C ARG A 71 2.28 -13.43 4.93
N LEU A 72 1.71 -14.29 4.04
CA LEU A 72 1.04 -15.49 4.51
C LEU A 72 1.57 -16.70 3.77
N PRO A 73 1.51 -17.84 4.46
CA PRO A 73 1.98 -19.12 3.94
C PRO A 73 1.00 -19.86 3.05
N GLU A 74 -0.10 -19.18 2.65
CA GLU A 74 -1.11 -19.80 1.80
C GLU A 74 -1.98 -20.73 2.61
N LYS A 75 -1.85 -20.67 3.97
CA LYS A 75 -2.69 -21.53 4.79
C LYS A 75 -3.84 -20.75 5.42
N LYS A 76 -3.79 -19.41 5.25
CA LYS A 76 -4.83 -18.56 5.80
C LYS A 76 -5.87 -18.19 4.74
N VAL A 77 -5.41 -18.13 3.46
CA VAL A 77 -6.33 -17.75 2.38
C VAL A 77 -7.06 -19.01 1.95
N LYS A 78 -7.84 -19.34 3.04
CA LYS A 78 -8.72 -20.48 3.01
C LYS A 78 -9.87 -20.20 2.08
N MET A 79 -10.11 -18.90 1.76
CA MET A 79 -11.19 -18.54 0.88
C MET A 79 -10.56 -18.01 -0.38
N PRO A 80 -11.30 -18.04 -1.48
CA PRO A 80 -10.78 -17.57 -2.75
C PRO A 80 -10.60 -16.08 -2.82
N THR A 81 -9.69 -15.65 -3.72
CA THR A 81 -9.39 -14.25 -3.88
C THR A 81 -10.10 -13.79 -5.13
N GLN A 82 -10.60 -12.54 -5.13
CA GLN A 82 -11.34 -12.02 -6.27
C GLN A 82 -10.36 -11.58 -7.35
N GLN A 83 -10.81 -10.60 -8.18
CA GLN A 83 -10.00 -10.11 -9.28
C GLN A 83 -8.91 -9.20 -8.74
N GLU A 84 -7.64 -9.57 -9.03
CA GLU A 84 -6.52 -8.80 -8.56
C GLU A 84 -5.30 -9.27 -9.33
N PRO A 85 -4.27 -8.44 -9.38
CA PRO A 85 -3.03 -8.76 -10.14
C PRO A 85 -2.35 -9.90 -9.53
N PHE A 86 -1.70 -9.54 -8.47
CA PHE A 86 -1.05 -10.54 -7.63
C PHE A 86 -1.62 -10.77 -6.24
N ASP A 87 -1.60 -11.99 -5.82
CA ASP A 87 -1.91 -12.18 -4.40
C ASP A 87 -0.67 -12.54 -3.54
N LEU A 88 0.29 -11.75 -4.21
CA LEU A 88 1.68 -11.95 -3.86
C LEU A 88 2.07 -11.08 -2.65
N GLU A 89 1.59 -11.87 -1.68
CA GLU A 89 1.98 -11.74 -0.26
C GLU A 89 2.35 -13.05 0.41
N ILE A 90 2.29 -13.82 -0.65
CA ILE A 90 2.39 -15.26 -0.79
C ILE A 90 3.84 -15.63 -0.48
N GLU A 91 4.13 -16.45 0.60
CA GLU A 91 5.51 -16.72 0.96
C GLU A 91 6.30 -17.35 -0.16
N LYS A 92 5.67 -18.24 -0.90
CA LYS A 92 6.34 -18.85 -2.06
C LYS A 92 6.65 -17.80 -3.12
N ARG A 93 5.55 -17.83 -3.86
CA ARG A 93 5.40 -16.89 -4.95
C ARG A 93 5.82 -15.52 -4.47
N GLY A 94 4.82 -14.89 -3.83
CA GLY A 94 4.85 -13.47 -3.50
C GLY A 94 6.19 -13.17 -2.88
N ALA A 95 6.34 -13.33 -1.54
CA ALA A 95 7.62 -12.89 -1.00
C ALA A 95 8.77 -13.02 -1.99
N SER A 96 8.86 -14.11 -2.81
CA SER A 96 9.89 -14.14 -3.84
C SER A 96 9.67 -13.08 -4.90
N LYS A 97 8.40 -12.93 -5.35
CA LYS A 97 8.00 -11.98 -6.37
C LYS A 97 8.06 -10.57 -5.80
N LEU A 98 8.21 -10.47 -4.45
CA LEU A 98 8.22 -9.21 -3.75
C LEU A 98 9.11 -8.22 -4.45
N GLN A 99 10.26 -8.60 -5.05
CA GLN A 99 11.02 -7.59 -5.77
C GLN A 99 10.16 -6.95 -6.87
N ARG A 100 9.44 -7.80 -7.64
CA ARG A 100 8.52 -7.32 -8.68
C ARG A 100 7.38 -6.53 -8.03
N TRP A 101 6.92 -6.97 -6.82
CA TRP A 101 5.88 -6.27 -6.09
C TRP A 101 6.22 -4.80 -6.04
N GLN A 102 7.49 -4.51 -5.82
CA GLN A 102 7.85 -3.14 -5.54
C GLN A 102 7.22 -2.21 -6.56
N GLN A 103 7.19 -2.54 -7.84
CA GLN A 103 6.64 -1.56 -8.76
C GLN A 103 5.13 -1.37 -8.55
N GLN A 104 4.29 -2.43 -8.26
CA GLN A 104 2.85 -2.15 -8.24
C GLN A 104 2.50 -1.15 -7.15
N ILE A 105 2.81 -1.55 -5.92
CA ILE A 105 2.53 -0.70 -4.79
C ILE A 105 3.41 0.52 -4.84
N GLN A 106 4.77 0.53 -5.38
CA GLN A 106 5.55 1.74 -5.34
C GLN A 106 5.07 2.76 -6.36
N GLU A 107 5.36 2.33 -7.65
CA GLU A 107 5.40 3.25 -8.78
C GLU A 107 4.05 3.92 -9.02
N GLU A 108 2.96 3.34 -8.47
CA GLU A 108 1.69 4.04 -8.58
C GLU A 108 1.87 5.39 -7.87
N LEU A 109 2.93 5.47 -7.01
CA LEU A 109 3.29 6.68 -6.32
C LEU A 109 4.51 7.26 -7.00
N LYS A 110 4.63 8.61 -6.95
CA LYS A 110 5.71 9.32 -7.59
C LYS A 110 7.08 8.89 -7.06
N GLN A 111 7.25 8.77 -5.71
CA GLN A 111 8.55 8.43 -5.17
C GLN A 111 8.63 6.95 -4.93
N GLN A 112 9.86 6.38 -5.08
CA GLN A 112 10.06 4.96 -4.88
C GLN A 112 11.50 4.76 -4.49
N LYS A 113 11.82 3.59 -3.87
CA LYS A 113 13.19 3.31 -3.48
C LYS A 113 13.20 1.89 -2.95
N GLU A 114 14.30 1.47 -2.27
CA GLU A 114 14.38 0.13 -1.74
C GLU A 114 13.49 0.08 -0.53
N MET A 115 12.32 -0.52 -0.68
CA MET A 115 11.38 -0.60 0.42
C MET A 115 11.90 -1.49 1.53
N VAL A 116 12.77 -2.58 1.19
CA VAL A 116 13.25 -3.44 2.29
C VAL A 116 14.35 -2.77 3.13
N VAL A 117 13.94 -1.52 3.21
CA VAL A 117 14.45 -0.48 4.06
C VAL A 117 13.41 -0.26 5.16
N PHE A 118 12.49 0.68 4.62
CA PHE A 118 11.60 1.40 5.52
C PHE A 118 10.89 0.53 6.54
N LYS A 119 11.34 -0.81 6.72
CA LYS A 119 11.06 -1.25 8.09
C LYS A 119 12.30 -1.97 8.64
N ALA A 120 13.42 -1.22 8.87
CA ALA A 120 14.46 -2.00 9.51
C ALA A 120 15.19 -1.33 10.68
N ARG A 121 14.27 -0.58 11.31
CA ARG A 121 14.73 0.21 12.45
C ARG A 121 13.51 0.70 13.28
N PRO A 122 13.77 1.40 14.34
CA PRO A 122 12.69 2.05 15.07
C PRO A 122 11.94 2.94 14.11
N ASN A 123 10.63 3.08 14.40
CA ASN A 123 9.72 3.84 13.55
C ASN A 123 10.33 4.35 12.24
N THR A 124 10.69 3.31 11.40
CA THR A 124 10.87 3.64 9.99
C THR A 124 9.77 2.94 9.21
N VAL A 125 8.76 2.84 10.10
CA VAL A 125 7.62 2.06 9.62
C VAL A 125 6.47 3.03 9.24
N VAL A 126 7.06 4.08 8.72
CA VAL A 126 6.15 5.10 8.27
C VAL A 126 6.74 5.80 7.03
N HIS A 127 6.64 4.97 6.00
CA HIS A 127 7.09 5.38 4.73
C HIS A 127 5.91 6.07 4.21
N GLN A 128 6.01 6.80 3.10
CA GLN A 128 4.76 7.38 2.65
C GLN A 128 3.65 6.37 2.32
N GLU A 129 4.01 5.07 2.49
CA GLU A 129 3.01 4.01 2.37
C GLU A 129 2.25 3.62 3.67
N PRO A 130 2.97 3.19 4.74
CA PRO A 130 2.41 3.15 6.08
C PRO A 130 2.56 4.47 6.84
N PHE A 131 1.58 5.45 6.76
CA PHE A 131 2.48 6.57 7.02
C PHE A 131 2.23 7.10 8.43
N VAL A 132 0.99 6.80 8.91
CA VAL A 132 0.41 7.37 10.14
C VAL A 132 1.25 7.28 11.39
N PRO A 133 0.87 8.17 12.33
CA PRO A 133 1.54 8.35 13.60
C PRO A 133 1.07 7.47 14.71
N LYS A 134 1.23 8.01 15.95
CA LYS A 134 0.89 7.35 17.17
C LYS A 134 2.19 6.82 17.67
N LYS A 135 2.36 5.50 17.72
CA LYS A 135 3.64 4.96 18.18
C LYS A 135 4.73 5.00 17.11
N GLU A 136 4.34 5.25 15.82
CA GLU A 136 5.31 5.20 14.74
C GLU A 136 5.76 6.62 14.40
N ASN A 137 4.89 7.62 14.15
CA ASN A 137 5.54 8.86 13.74
C ASN A 137 6.02 9.58 14.99
N ARG A 138 6.60 8.84 15.99
CA ARG A 138 7.44 9.72 16.78
C ARG A 138 8.41 10.51 15.93
N SER A 139 8.73 11.79 16.14
CA SER A 139 9.34 12.41 14.96
C SER A 139 10.63 11.73 14.57
N LEU A 140 11.36 12.67 14.03
CA LEU A 140 12.66 12.42 13.45
C LEU A 140 13.79 13.01 14.27
N THR A 141 13.83 12.09 15.34
CA THR A 141 14.54 12.45 16.55
C THR A 141 15.99 12.71 16.22
N GLU A 142 16.78 12.05 17.15
CA GLU A 142 18.22 12.25 17.11
C GLU A 142 19.04 11.12 16.58
N SER A 143 18.89 9.89 17.12
CA SER A 143 19.78 8.83 16.71
C SER A 143 19.13 7.69 16.00
N LEU A 144 17.89 7.27 16.34
CA LEU A 144 17.40 6.12 15.64
C LEU A 144 15.92 5.92 15.82
N SER A 145 15.10 6.99 15.79
CA SER A 145 13.66 6.79 15.84
C SER A 145 13.08 6.26 14.53
N GLY A 146 13.91 6.25 13.55
CA GLY A 146 13.39 6.11 12.20
C GLY A 146 12.59 7.33 11.72
N SER A 147 13.66 8.05 11.31
CA SER A 147 13.27 9.03 10.30
C SER A 147 12.93 8.28 9.02
N ILE A 148 12.25 8.72 8.09
CA ILE A 148 11.95 7.57 7.25
C ILE A 148 13.15 7.25 6.40
N VAL A 149 13.93 6.15 6.81
CA VAL A 149 15.26 6.21 6.24
C VAL A 149 15.28 5.14 5.16
N GLN A 150 14.52 5.86 4.48
CA GLN A 150 14.13 5.89 3.08
C GLN A 150 13.28 7.11 2.81
N GLU A 151 13.03 7.55 1.71
CA GLU A 151 12.20 8.73 1.85
C GLU A 151 10.74 8.32 2.06
N GLY A 152 10.09 9.11 2.90
CA GLY A 152 8.71 8.96 3.22
C GLY A 152 8.25 9.93 2.26
N PHE A 153 7.18 10.67 2.38
CA PHE A 153 7.02 11.56 1.24
C PHE A 153 8.25 12.44 1.12
N GLU A 154 8.65 13.12 2.24
CA GLU A 154 9.89 13.87 2.23
C GLU A 154 10.77 13.38 3.38
N LEU A 155 10.03 12.69 4.25
CA LEU A 155 10.39 12.67 5.65
C LEU A 155 11.48 11.66 5.89
N ALA A 156 12.54 11.67 5.03
CA ALA A 156 13.69 10.90 5.48
C ALA A 156 14.54 11.74 6.41
N THR A 157 15.50 11.08 7.12
CA THR A 157 16.38 11.79 8.05
C THR A 157 16.82 13.13 7.51
N ALA A 158 18.04 12.96 6.95
CA ALA A 158 18.76 14.09 6.40
C ALA A 158 17.89 14.97 5.51
N LYS A 159 16.72 14.45 5.00
CA LYS A 159 15.92 15.24 4.08
C LYS A 159 15.02 16.16 4.88
N ARG A 160 15.60 16.28 6.16
CA ARG A 160 14.96 17.24 7.05
C ARG A 160 15.57 18.62 6.82
N ALA A 161 16.93 18.66 6.66
CA ALA A 161 17.70 19.84 6.94
C ALA A 161 17.08 21.06 6.29
N LYS A 162 16.94 21.12 4.96
CA LYS A 162 16.46 22.36 4.40
C LYS A 162 15.01 22.60 4.80
N GLU A 163 14.27 21.54 4.69
CA GLU A 163 12.81 21.54 4.81
C GLU A 163 12.35 21.86 6.22
N ARG A 164 13.20 21.66 7.29
CA ARG A 164 12.71 21.60 8.65
C ARG A 164 11.82 22.80 8.93
N GLN A 165 12.17 24.07 8.60
CA GLN A 165 11.39 25.13 9.17
C GLN A 165 9.94 25.07 8.72
N GLU A 166 9.64 25.01 7.41
CA GLU A 166 8.23 24.97 7.06
C GLU A 166 7.67 23.58 7.22
N PHE A 167 8.61 22.66 7.09
CA PHE A 167 8.40 21.24 6.97
C PHE A 167 7.69 20.70 8.22
N ASP A 168 8.56 20.03 9.05
CA ASP A 168 8.00 19.25 10.13
C ASP A 168 6.70 19.80 10.69
N LYS A 169 6.94 20.50 11.80
CA LYS A 169 5.81 20.85 12.64
C LYS A 169 4.66 21.40 11.81
N CYS A 170 4.86 22.31 10.82
CA CYS A 170 3.64 22.81 10.21
C CYS A 170 3.19 21.88 9.09
N LEU A 171 4.08 21.66 8.08
CA LEU A 171 3.66 21.00 6.86
C LEU A 171 3.54 19.50 7.13
N ALA A 172 4.28 18.87 8.08
CA ALA A 172 4.30 17.42 8.12
C ALA A 172 2.92 16.79 8.14
N GLU A 173 1.95 17.27 8.95
CA GLU A 173 0.66 16.62 8.88
C GLU A 173 0.02 16.82 7.53
N THR A 174 0.05 18.07 6.96
CA THR A 174 -0.53 18.21 5.64
C THR A 174 0.27 17.39 4.62
N GLU A 175 1.57 17.24 4.91
CA GLU A 175 2.42 16.37 4.10
C GLU A 175 1.84 14.95 4.12
N ALA A 176 1.42 14.54 5.32
CA ALA A 176 0.81 13.23 5.49
C ALA A 176 -0.43 13.09 4.63
N GLN A 177 -1.22 14.19 4.51
CA GLN A 177 -2.44 14.08 3.72
C GLN A 177 -2.10 13.73 2.27
N LYS A 178 -1.13 14.48 1.68
CA LYS A 178 -0.79 14.21 0.29
C LYS A 178 -0.10 12.85 0.20
N SER A 179 0.71 12.51 1.26
CA SER A 179 1.45 11.25 1.27
C SER A 179 0.60 10.09 0.78
N LEU A 180 0.04 9.43 1.84
CA LEU A 180 -0.69 8.18 1.60
C LEU A 180 -1.66 8.36 0.44
N LEU A 181 -2.42 9.47 0.36
CA LEU A 181 -3.42 9.54 -0.69
C LEU A 181 -2.75 9.49 -2.05
N GLU A 182 -1.62 10.20 -2.17
CA GLU A 182 -0.91 10.27 -3.44
C GLU A 182 -0.52 8.88 -3.92
N GLU A 183 -0.19 7.94 -2.99
CA GLU A 183 0.42 6.69 -3.43
C GLU A 183 -0.41 6.04 -4.53
N GLU A 184 -1.35 5.22 -3.98
CA GLU A 184 -2.14 4.39 -4.89
C GLU A 184 -3.33 5.15 -5.47
N ILE A 185 -4.00 6.03 -4.68
CA ILE A 185 -5.17 6.70 -5.20
C ILE A 185 -4.78 7.59 -6.36
N ARG A 186 -3.71 8.42 -6.21
CA ARG A 186 -3.30 9.30 -7.30
C ARG A 186 -4.48 10.09 -7.81
N LYS A 187 -5.20 10.82 -6.92
CA LYS A 187 -6.35 11.56 -7.36
C LYS A 187 -6.00 13.03 -7.39
N ARG A 188 -5.99 13.60 -8.62
CA ARG A 188 -5.71 15.00 -8.78
C ARG A 188 -5.98 15.32 -10.22
N ARG A 189 -6.53 16.52 -10.50
CA ARG A 189 -6.84 16.90 -11.85
C ARG A 189 -5.59 17.35 -12.54
N GLU A 190 -5.46 17.02 -13.85
CA GLU A 190 -4.30 17.43 -14.60
C GLU A 190 -4.60 17.17 -16.05
N GLU A 191 -4.25 15.98 -16.55
CA GLU A 191 -4.49 15.66 -17.94
C GLU A 191 -4.17 14.20 -18.13
N GLU A 192 -3.01 13.77 -17.57
CA GLU A 192 -2.61 12.39 -17.69
C GLU A 192 -3.44 11.58 -16.75
N GLU A 193 -3.54 10.26 -17.01
CA GLU A 193 -4.32 9.40 -16.17
C GLU A 193 -3.50 9.05 -14.96
N LYS A 194 -3.57 9.93 -13.93
CA LYS A 194 -2.82 9.69 -12.72
C LYS A 194 -3.27 8.41 -12.01
N GLU A 195 -4.52 8.06 -12.14
CA GLU A 195 -4.98 6.85 -11.51
C GLU A 195 -4.20 5.64 -11.98
N GLU A 196 -4.95 5.08 -12.98
CA GLU A 196 -4.74 3.80 -13.64
C GLU A 196 -3.32 3.69 -14.15
N ILE A 197 -2.35 4.43 -13.35
CA ILE A 197 -0.94 4.36 -13.68
C ILE A 197 -0.42 2.94 -13.49
N SER A 198 -0.90 2.16 -12.43
CA SER A 198 -0.22 0.92 -12.15
C SER A 198 0.03 0.14 -13.45
N GLN A 199 -0.96 -0.15 -14.25
CA GLN A 199 -0.60 -0.94 -15.44
C GLN A 199 0.11 -0.07 -16.47
N LEU A 200 -0.45 1.13 -16.72
CA LEU A 200 -0.18 1.82 -17.99
C LEU A 200 1.23 2.32 -18.11
N ARG A 201 2.00 2.91 -17.11
CA ARG A 201 3.17 3.55 -17.68
C ARG A 201 4.37 2.62 -17.74
N GLN A 202 4.91 2.25 -16.52
CA GLN A 202 6.13 1.47 -16.68
C GLN A 202 5.97 0.03 -16.14
N GLU A 203 5.28 0.07 -14.93
CA GLU A 203 5.18 -1.06 -14.03
C GLU A 203 5.00 -2.32 -14.85
N LEU A 204 6.06 -2.82 -15.60
CA LEU A 204 5.97 -4.20 -16.00
C LEU A 204 6.23 -5.15 -14.85
N VAL A 205 5.22 -4.71 -14.05
CA VAL A 205 5.14 -4.96 -12.62
C VAL A 205 5.34 -6.44 -12.32
N HIS A 206 4.54 -7.26 -12.94
CA HIS A 206 4.69 -8.67 -12.73
C HIS A 206 4.59 -9.35 -14.09
N LYS A 207 5.74 -9.89 -14.52
CA LYS A 207 5.86 -10.49 -15.86
C LYS A 207 5.47 -11.95 -15.79
N ALA A 208 4.91 -12.29 -14.60
CA ALA A 208 4.71 -13.69 -14.26
C ALA A 208 4.20 -14.49 -15.47
N LYS A 209 2.89 -14.57 -15.20
CA LYS A 209 2.11 -15.32 -16.19
C LYS A 209 1.07 -14.41 -16.86
N PRO A 210 0.89 -14.42 -18.18
CA PRO A 210 0.06 -13.34 -18.69
C PRO A 210 -1.29 -13.28 -18.00
N ILE A 211 -1.32 -12.06 -17.43
CA ILE A 211 -2.44 -11.58 -16.62
C ILE A 211 -3.28 -10.64 -17.46
N ARG A 212 -4.60 -10.89 -17.65
CA ARG A 212 -5.26 -9.72 -18.21
C ARG A 212 -5.62 -8.70 -17.12
N LYS A 213 -4.43 -8.02 -17.01
CA LYS A 213 -4.32 -6.89 -16.06
C LYS A 213 -4.75 -5.56 -16.67
N TYR A 214 -5.15 -5.82 -18.02
CA TYR A 214 -5.46 -4.85 -19.03
C TYR A 214 -6.77 -4.18 -18.69
N ARG A 215 -6.83 -3.79 -17.41
CA ARG A 215 -7.92 -3.03 -16.82
C ARG A 215 -8.32 -1.83 -17.70
N ALA A 216 -7.69 -1.65 -18.89
CA ALA A 216 -8.02 -0.48 -19.69
C ALA A 216 -9.46 -0.54 -20.21
N VAL A 217 -10.22 -1.60 -19.82
CA VAL A 217 -11.60 -1.71 -20.24
C VAL A 217 -12.58 -1.43 -19.10
N GLU A 218 -12.27 -1.97 -17.87
CA GLU A 218 -13.27 -1.67 -16.83
C GLU A 218 -12.70 -0.83 -15.69
N VAL A 219 -12.29 0.29 -16.39
CA VAL A 219 -11.62 1.44 -15.77
C VAL A 219 -12.41 1.96 -14.58
N LYS A 220 -13.62 1.43 -14.36
CA LYS A 220 -14.50 1.85 -13.29
C LYS A 220 -13.96 1.47 -11.91
N ALA A 221 -12.59 1.38 -11.69
CA ALA A 221 -12.29 1.00 -10.32
C ALA A 221 -11.69 2.15 -9.56
N SER A 222 -10.65 1.58 -8.79
CA SER A 222 -10.00 2.54 -7.90
C SER A 222 -8.50 2.51 -8.01
N ASP A 223 -8.10 1.89 -6.82
CA ASP A 223 -6.70 1.71 -6.48
C ASP A 223 -6.11 0.42 -7.07
N VAL A 224 -6.97 -0.53 -7.52
CA VAL A 224 -6.50 -1.81 -8.03
C VAL A 224 -6.50 -1.87 -9.55
N PRO A 225 -5.50 -2.55 -10.12
CA PRO A 225 -5.54 -2.87 -11.54
C PRO A 225 -6.52 -4.00 -11.61
N LEU A 226 -7.62 -3.90 -12.39
CA LEU A 226 -8.59 -4.98 -12.39
C LEU A 226 -8.05 -6.02 -13.30
N THR A 227 -7.46 -7.05 -12.70
CA THR A 227 -6.87 -8.10 -13.47
C THR A 227 -7.58 -9.37 -13.10
N VAL A 228 -7.41 -10.43 -13.95
CA VAL A 228 -8.03 -11.69 -13.64
C VAL A 228 -7.40 -12.19 -12.37
N PRO A 229 -8.14 -12.95 -11.58
CA PRO A 229 -7.65 -13.43 -10.30
C PRO A 229 -6.39 -14.25 -10.37
N ARG A 230 -5.51 -14.07 -9.36
CA ARG A 230 -4.28 -14.82 -9.31
C ARG A 230 -4.59 -16.06 -8.51
N SER A 231 -3.74 -17.11 -8.65
CA SER A 231 -3.98 -18.33 -7.93
C SER A 231 -3.72 -18.08 -6.47
N PRO A 232 -4.50 -18.71 -5.61
CA PRO A 232 -4.35 -18.55 -4.18
C PRO A 232 -3.53 -19.63 -3.53
N ASN A 233 -4.20 -20.72 -3.06
CA ASN A 233 -3.51 -21.81 -2.42
C ASN A 233 -3.72 -23.05 -3.23
N PHE A 234 -4.15 -22.88 -4.50
CA PHE A 234 -4.37 -24.01 -5.36
C PHE A 234 -3.62 -23.71 -6.62
N SER A 235 -3.12 -24.76 -7.30
CA SER A 235 -2.38 -24.56 -8.52
C SER A 235 -3.36 -24.52 -9.66
N ASP A 236 -4.16 -23.43 -9.71
CA ASP A 236 -5.13 -23.27 -10.76
C ASP A 236 -5.03 -21.85 -11.22
N ARG A 237 -4.90 -21.64 -12.54
CA ARG A 237 -4.81 -20.31 -13.07
C ARG A 237 -6.17 -19.94 -13.59
N PHE A 238 -6.69 -18.80 -13.08
CA PHE A 238 -8.01 -18.34 -13.47
C PHE A 238 -7.98 -17.85 -14.89
N LYS A 239 -6.83 -17.33 -15.35
CA LYS A 239 -6.72 -16.83 -16.71
C LYS A 239 -6.98 -17.95 -17.67
N CYS A 240 -6.38 -19.13 -17.41
CA CYS A 240 -6.58 -20.25 -18.30
C CYS A 240 -6.20 -21.52 -17.54
N VAL A 1 -18.97 -4.33 -3.84
CA VAL A 1 -19.21 -2.99 -3.25
C VAL A 1 -17.97 -2.15 -3.34
N PRO A 2 -18.16 -0.85 -3.39
CA PRO A 2 -17.05 0.09 -3.45
C PRO A 2 -16.45 0.40 -2.11
N VAL A 3 -17.06 -0.13 -1.05
CA VAL A 3 -16.56 0.15 0.29
C VAL A 3 -15.87 -1.01 1.01
N ILE A 4 -14.62 -0.74 1.45
CA ILE A 4 -13.87 -1.74 2.21
C ILE A 4 -14.43 -1.90 3.63
N LYS A 5 -13.81 -0.92 4.48
CA LYS A 5 -14.06 -0.91 5.93
C LYS A 5 -14.21 -2.32 6.52
N ALA A 6 -13.19 -3.15 6.11
CA ALA A 6 -13.23 -4.60 6.30
C ALA A 6 -13.03 -4.99 7.77
N THR A 7 -13.70 -6.13 8.11
CA THR A 7 -13.69 -6.75 9.45
C THR A 7 -12.28 -7.09 9.92
N ARG A 8 -12.05 -7.08 11.26
CA ARG A 8 -10.66 -7.32 11.65
C ARG A 8 -10.30 -8.76 11.30
N MET A 9 -9.09 -8.85 10.70
CA MET A 9 -8.53 -10.08 10.20
C MET A 9 -7.52 -9.57 9.19
N PRO A 10 -6.76 -10.43 8.55
CA PRO A 10 -5.80 -9.98 7.55
C PRO A 10 -6.43 -9.77 6.19
N HIS A 11 -6.26 -8.57 5.56
CA HIS A 11 -6.94 -8.26 4.29
C HIS A 11 -6.77 -9.34 3.28
N TYR A 12 -5.54 -9.71 3.00
CA TYR A 12 -5.31 -10.67 1.99
C TYR A 12 -5.38 -12.00 2.60
N GLY A 13 -6.63 -12.36 2.82
CA GLY A 13 -6.98 -13.49 3.54
C GLY A 13 -8.02 -12.99 4.56
N VAL A 14 -8.95 -12.11 4.02
CA VAL A 14 -10.10 -11.54 4.76
C VAL A 14 -11.14 -11.38 3.69
N PRO A 15 -12.41 -11.38 4.02
CA PRO A 15 -13.38 -11.04 3.01
C PRO A 15 -13.36 -9.55 2.98
N PHE A 16 -12.80 -8.98 1.90
CA PHE A 16 -12.65 -7.56 1.84
C PHE A 16 -13.80 -6.92 1.14
N LYS A 17 -13.97 -7.36 -0.10
CA LYS A 17 -14.97 -6.82 -0.95
C LYS A 17 -15.22 -7.92 -1.95
N PRO A 18 -16.36 -7.90 -2.58
CA PRO A 18 -16.73 -8.91 -3.58
C PRO A 18 -15.69 -9.07 -4.64
N LYS A 19 -15.05 -7.95 -5.04
CA LYS A 19 -14.02 -8.00 -6.04
C LYS A 19 -12.86 -7.21 -5.49
N LEU A 20 -12.49 -6.14 -6.20
CA LEU A 20 -11.42 -5.28 -5.78
C LEU A 20 -12.09 -4.12 -5.15
N VAL A 21 -11.42 -3.37 -4.22
CA VAL A 21 -12.07 -2.22 -3.64
C VAL A 21 -12.40 -1.38 -4.88
N GLU A 22 -13.68 -0.90 -5.04
CA GLU A 22 -14.03 -0.27 -6.32
C GLU A 22 -13.99 1.25 -6.41
N GLN A 23 -14.88 1.97 -5.68
CA GLN A 23 -14.97 3.41 -5.88
C GLN A 23 -14.35 4.19 -4.76
N ARG A 24 -14.23 3.60 -3.56
CA ARG A 24 -13.66 4.32 -2.44
C ARG A 24 -14.67 5.34 -2.00
N GLN A 25 -14.13 6.44 -1.42
CA GLN A 25 -14.90 7.55 -0.94
C GLN A 25 -14.03 8.18 0.10
N VAL A 26 -13.22 9.18 -0.30
CA VAL A 26 -12.31 9.78 0.68
C VAL A 26 -12.98 10.37 1.92
N ASP A 27 -14.30 10.66 1.87
CA ASP A 27 -14.92 11.20 3.06
C ASP A 27 -15.22 10.15 4.13
N VAL A 28 -15.11 8.84 3.76
CA VAL A 28 -15.36 7.80 4.73
C VAL A 28 -14.33 6.73 4.55
N CYS A 29 -13.16 7.46 4.45
CA CYS A 29 -11.90 6.77 4.31
C CYS A 29 -10.78 7.33 5.18
N PRO A 30 -10.60 6.82 6.41
CA PRO A 30 -9.51 7.43 7.14
C PRO A 30 -8.15 6.88 6.73
N PHE A 31 -7.31 7.75 6.18
CA PHE A 31 -5.89 7.41 6.25
C PHE A 31 -5.02 8.55 6.77
N SER A 32 -5.74 9.14 7.74
CA SER A 32 -5.19 10.15 8.63
C SER A 32 -4.99 9.53 10.01
N PHE A 33 -4.34 10.19 10.94
CA PHE A 33 -4.12 9.43 12.12
C PHE A 33 -3.67 10.29 13.25
N CYS A 34 -4.17 11.53 13.30
CA CYS A 34 -3.86 12.36 14.42
C CYS A 34 -4.70 11.78 15.54
N ASP A 35 -5.77 11.06 15.11
CA ASP A 35 -6.66 10.40 16.02
C ASP A 35 -7.59 9.59 15.14
N ARG A 36 -7.05 9.03 14.01
CA ARG A 36 -7.89 8.26 13.12
C ARG A 36 -7.12 7.06 12.59
N ASP A 37 -5.96 6.74 13.21
CA ASP A 37 -5.19 5.57 12.80
C ASP A 37 -6.02 4.40 13.25
N LYS A 38 -6.72 4.62 14.39
CA LYS A 38 -7.52 3.56 14.99
C LYS A 38 -8.46 2.95 13.96
N GLU A 39 -9.15 3.75 13.14
CA GLU A 39 -10.11 3.10 12.24
C GLU A 39 -9.41 2.28 11.15
N ARG A 40 -8.27 2.80 10.59
CA ARG A 40 -7.52 2.20 9.49
C ARG A 40 -7.04 0.79 9.87
N GLN A 41 -7.07 0.47 11.15
CA GLN A 41 -6.53 -0.75 11.73
C GLN A 41 -7.06 -2.00 11.03
N LEU A 42 -8.13 -1.80 10.37
CA LEU A 42 -9.03 -2.91 10.09
C LEU A 42 -8.25 -4.12 9.59
N GLN A 43 -7.53 -4.04 8.43
CA GLN A 43 -6.91 -5.30 8.05
C GLN A 43 -5.45 -5.31 8.52
N LYS A 44 -4.97 -4.11 8.45
CA LYS A 44 -3.59 -3.64 8.53
C LYS A 44 -2.83 -4.26 9.67
N GLU A 45 -3.42 -4.38 10.82
CA GLU A 45 -2.64 -4.60 12.02
C GLU A 45 -1.88 -5.92 11.99
N LYS A 46 -2.44 -7.05 11.60
CA LYS A 46 -1.76 -8.29 11.97
C LYS A 46 -0.39 -8.37 11.35
N ARG A 47 -0.16 -8.03 10.10
CA ARG A 47 1.14 -8.27 9.53
C ARG A 47 2.16 -7.31 10.07
N LEU A 48 1.70 -6.24 10.75
CA LEU A 48 2.58 -5.09 10.91
C LEU A 48 3.90 -5.45 11.53
N ASP A 49 3.85 -5.07 12.81
CA ASP A 49 5.07 -5.10 13.58
C ASP A 49 5.84 -6.40 13.38
N GLU A 50 5.63 -7.25 14.43
CA GLU A 50 6.41 -8.48 14.50
C GLU A 50 6.40 -9.22 13.16
N LEU A 51 5.30 -9.21 12.41
CA LEU A 51 5.27 -9.91 11.13
C LEU A 51 5.53 -8.89 10.04
N ARG A 52 6.29 -7.81 10.40
CA ARG A 52 6.50 -6.65 9.54
C ARG A 52 7.01 -6.95 8.16
N LYS A 53 8.10 -7.73 7.96
CA LYS A 53 8.57 -8.03 6.61
C LYS A 53 8.51 -6.76 5.72
N ASP A 54 8.87 -5.58 6.29
CA ASP A 54 8.83 -4.29 5.60
C ASP A 54 7.44 -3.72 5.80
N GLU A 55 6.61 -3.65 4.74
CA GLU A 55 5.29 -3.11 4.93
C GLU A 55 4.49 -3.24 3.67
N VAL A 56 3.52 -4.22 3.60
CA VAL A 56 2.55 -4.16 2.54
C VAL A 56 1.89 -3.03 3.23
N PRO A 57 1.94 -1.91 2.65
CA PRO A 57 1.67 -0.69 3.32
C PRO A 57 0.57 -0.64 4.28
N LYS A 58 0.88 0.10 5.39
CA LYS A 58 -0.08 0.49 6.35
C LYS A 58 -0.72 1.46 5.44
N PHE A 59 -1.58 0.88 4.62
CA PHE A 59 -2.10 1.50 3.47
C PHE A 59 -2.56 2.88 3.69
N LYS A 60 -2.53 3.56 2.55
CA LYS A 60 -2.99 4.90 2.32
C LYS A 60 -3.57 4.72 0.98
N ALA A 61 -3.94 3.45 0.83
CA ALA A 61 -4.49 2.88 -0.32
C ALA A 61 -5.95 3.26 -0.30
N GLN A 62 -6.78 2.51 -1.03
CA GLN A 62 -8.22 2.72 -1.02
C GLN A 62 -8.57 2.57 0.42
N PRO A 63 -9.78 2.93 0.84
CA PRO A 63 -10.16 2.85 2.25
C PRO A 63 -9.43 1.77 3.00
N LEU A 64 -9.40 1.91 4.34
CA LEU A 64 -8.58 1.07 5.22
C LEU A 64 -8.31 -0.24 4.56
N PRO A 65 -7.07 -0.68 4.67
CA PRO A 65 -6.53 -1.76 3.89
C PRO A 65 -7.36 -2.34 2.79
N GLN A 66 -6.92 -2.04 1.55
CA GLN A 66 -7.61 -2.50 0.38
C GLN A 66 -6.98 -3.75 -0.08
N PHE A 67 -5.74 -3.66 -0.59
CA PHE A 67 -5.08 -4.85 -0.99
C PHE A 67 -4.42 -5.33 0.24
N ASP A 68 -3.32 -6.05 0.11
CA ASP A 68 -2.71 -6.63 1.25
C ASP A 68 -1.89 -5.67 2.05
N ASN A 69 -2.13 -5.74 3.38
CA ASN A 69 -1.45 -4.96 4.39
C ASN A 69 -1.28 -5.97 5.49
N ILE A 70 -1.30 -7.27 5.10
CA ILE A 70 -1.33 -8.34 6.05
C ILE A 70 -0.54 -9.57 5.60
N ARG A 71 -0.41 -10.58 6.49
CA ARG A 71 0.29 -11.80 6.13
C ARG A 71 -0.75 -12.88 6.11
N LEU A 72 -0.87 -13.60 4.98
CA LEU A 72 -1.86 -14.65 4.86
C LEU A 72 -1.26 -15.89 5.46
N PRO A 73 -1.87 -16.43 6.51
CA PRO A 73 -1.37 -17.63 7.16
C PRO A 73 -1.95 -18.89 6.57
N GLU A 74 -2.75 -19.65 7.36
CA GLU A 74 -3.33 -20.87 6.85
C GLU A 74 -4.67 -21.07 7.49
N LYS A 75 -4.96 -20.35 8.60
CA LYS A 75 -6.25 -20.55 9.26
C LYS A 75 -7.21 -19.39 8.94
N LYS A 76 -6.71 -18.37 8.21
CA LYS A 76 -7.56 -17.23 7.90
C LYS A 76 -8.20 -17.35 6.53
N VAL A 77 -7.49 -18.02 5.57
CA VAL A 77 -8.04 -18.16 4.23
C VAL A 77 -8.96 -19.37 4.23
N LYS A 78 -9.98 -18.99 5.08
CA LYS A 78 -11.11 -19.84 5.30
C LYS A 78 -12.17 -19.36 4.35
N MET A 79 -12.34 -18.02 4.30
CA MET A 79 -13.30 -17.43 3.40
C MET A 79 -12.54 -17.12 2.13
N PRO A 80 -13.25 -17.07 1.02
CA PRO A 80 -12.63 -16.79 -0.26
C PRO A 80 -12.02 -15.42 -0.34
N THR A 81 -10.71 -15.39 -0.68
CA THR A 81 -9.98 -14.15 -0.81
C THR A 81 -9.44 -14.19 -2.21
N GLN A 82 -10.13 -13.56 -3.18
CA GLN A 82 -9.68 -13.61 -4.55
C GLN A 82 -10.24 -12.41 -5.28
N GLN A 83 -10.01 -12.37 -6.63
CA GLN A 83 -10.51 -11.29 -7.47
C GLN A 83 -9.84 -9.98 -7.12
N GLU A 84 -8.51 -9.94 -7.29
CA GLU A 84 -7.72 -8.75 -6.99
C GLU A 84 -6.50 -8.89 -7.86
N PRO A 85 -5.64 -7.87 -7.97
CA PRO A 85 -4.41 -8.00 -8.77
C PRO A 85 -3.57 -8.92 -8.03
N PHE A 86 -2.55 -8.36 -7.40
CA PHE A 86 -1.94 -9.22 -6.42
C PHE A 86 -2.18 -8.90 -4.95
N ASP A 87 -2.38 -9.85 -4.19
CA ASP A 87 -2.29 -9.43 -2.78
C ASP A 87 -1.28 -10.26 -1.95
N LEU A 88 -0.32 -10.31 -2.98
CA LEU A 88 0.84 -11.18 -2.88
C LEU A 88 1.82 -10.67 -1.82
N GLU A 89 1.17 -11.21 -0.77
CA GLU A 89 1.75 -11.38 0.56
C GLU A 89 1.52 -12.73 1.21
N ILE A 90 0.93 -13.37 0.20
CA ILE A 90 0.35 -14.69 0.16
C ILE A 90 1.50 -15.67 0.31
N GLU A 91 1.56 -16.50 1.41
CA GLU A 91 2.76 -17.30 1.68
C GLU A 91 3.16 -18.17 0.50
N LYS A 92 2.20 -18.74 -0.17
CA LYS A 92 2.49 -19.52 -1.37
C LYS A 92 3.07 -18.65 -2.47
N ARG A 93 1.97 -18.26 -3.08
CA ARG A 93 2.02 -17.32 -4.18
C ARG A 93 2.94 -16.18 -3.82
N GLY A 94 2.23 -15.26 -3.15
CA GLY A 94 2.63 -13.90 -2.89
C GLY A 94 4.00 -13.95 -2.24
N ALA A 95 4.08 -14.07 -0.88
CA ALA A 95 5.40 -13.91 -0.29
C ALA A 95 6.53 -14.32 -1.23
N SER A 96 6.42 -15.38 -2.06
CA SER A 96 7.48 -15.62 -3.04
C SER A 96 7.62 -14.45 -4.01
N LYS A 97 6.46 -13.93 -4.45
CA LYS A 97 6.31 -12.82 -5.38
C LYS A 97 6.72 -11.53 -4.69
N LEU A 98 6.88 -11.57 -3.33
CA LEU A 98 7.19 -10.38 -2.55
C LEU A 98 8.29 -9.60 -3.22
N GLN A 99 9.39 -10.18 -3.78
CA GLN A 99 10.35 -9.31 -4.41
C GLN A 99 9.70 -8.57 -5.58
N ARG A 100 8.95 -9.28 -6.41
CA ARG A 100 8.23 -8.68 -7.53
C ARG A 100 7.18 -7.69 -7.04
N TRP A 101 6.66 -7.92 -5.77
CA TRP A 101 5.66 -7.04 -5.18
C TRP A 101 6.08 -5.61 -5.35
N GLN A 102 7.40 -5.44 -5.15
CA GLN A 102 7.99 -4.12 -4.99
C GLN A 102 7.45 -3.19 -6.04
N GLN A 103 7.42 -3.56 -7.28
CA GLN A 103 7.15 -2.53 -8.26
C GLN A 103 5.72 -1.99 -8.12
N GLN A 104 4.64 -2.78 -7.92
CA GLN A 104 3.35 -2.11 -8.01
C GLN A 104 3.02 -1.35 -6.73
N ILE A 105 3.02 -1.96 -5.53
CA ILE A 105 2.63 -1.14 -4.40
C ILE A 105 3.57 0.05 -4.29
N GLN A 106 4.95 -0.12 -4.62
CA GLN A 106 5.88 0.99 -4.51
C GLN A 106 5.70 2.01 -5.61
N GLU A 107 5.76 1.55 -6.93
CA GLU A 107 5.88 2.48 -8.04
C GLU A 107 4.79 3.56 -8.02
N GLU A 108 3.62 3.30 -7.47
CA GLU A 108 2.65 4.36 -7.46
C GLU A 108 3.17 5.49 -6.53
N LEU A 109 4.39 5.29 -5.93
CA LEU A 109 5.11 6.27 -5.13
C LEU A 109 5.39 7.43 -6.04
N LYS A 110 5.78 8.57 -5.45
CA LYS A 110 6.12 9.70 -6.24
C LYS A 110 7.42 9.43 -6.96
N GLN A 111 8.41 8.75 -6.31
CA GLN A 111 9.65 8.48 -7.01
C GLN A 111 10.51 7.45 -6.30
N GLN A 112 11.19 7.85 -5.19
CA GLN A 112 12.13 6.97 -4.50
C GLN A 112 11.41 5.83 -3.80
N LYS A 113 12.03 4.62 -3.85
CA LYS A 113 11.44 3.45 -3.22
C LYS A 113 12.55 2.47 -2.89
N GLU A 114 12.33 1.57 -1.89
CA GLU A 114 13.32 0.57 -1.51
C GLU A 114 12.92 -0.06 -0.20
N MET A 115 12.56 -1.38 -0.23
CA MET A 115 12.19 -2.07 0.99
C MET A 115 13.35 -2.12 1.97
N VAL A 116 14.64 -2.32 1.50
CA VAL A 116 15.69 -2.42 2.52
C VAL A 116 16.11 -1.06 3.10
N VAL A 117 14.97 -0.33 3.25
CA VAL A 117 14.90 0.90 4.00
C VAL A 117 14.17 0.59 5.30
N PHE A 118 12.86 0.91 5.01
CA PHE A 118 11.84 0.78 6.06
C PHE A 118 11.71 -0.63 6.64
N LYS A 119 12.99 -1.37 6.48
CA LYS A 119 13.36 -2.16 7.65
C LYS A 119 14.79 -1.79 8.06
N ALA A 120 15.18 -0.49 8.47
CA ALA A 120 16.56 -0.65 8.91
C ALA A 120 17.05 0.32 9.97
N ARG A 121 16.09 0.77 10.76
CA ARG A 121 16.53 1.74 11.76
C ARG A 121 15.36 2.03 12.75
N PRO A 122 15.61 2.94 13.67
CA PRO A 122 14.50 3.48 14.43
C PRO A 122 13.48 4.01 13.46
N ASN A 123 12.20 3.91 13.89
CA ASN A 123 11.08 4.32 13.05
C ASN A 123 11.47 4.78 11.64
N THR A 124 12.02 3.75 10.85
CA THR A 124 12.09 3.98 9.40
C THR A 124 11.01 3.11 8.76
N VAL A 125 10.08 3.05 9.71
CA VAL A 125 8.90 2.27 9.29
C VAL A 125 7.73 3.23 9.02
N VAL A 126 8.21 4.33 8.44
CA VAL A 126 7.23 5.33 8.13
C VAL A 126 7.51 5.91 6.75
N HIS A 127 7.26 5.04 5.78
CA HIS A 127 7.45 5.44 4.41
C HIS A 127 6.07 5.73 4.04
N GLN A 128 5.74 6.49 2.95
CA GLN A 128 4.30 6.63 2.85
C GLN A 128 3.51 5.33 2.67
N GLU A 129 4.26 4.19 2.61
CA GLU A 129 3.55 2.92 2.72
C GLU A 129 3.18 2.43 4.16
N PRO A 130 4.17 2.19 5.02
CA PRO A 130 3.86 2.03 6.44
C PRO A 130 3.78 3.35 7.19
N PHE A 131 2.58 4.06 7.18
CA PHE A 131 3.23 5.37 7.38
C PHE A 131 2.97 5.82 8.83
N VAL A 132 1.92 5.14 9.39
CA VAL A 132 1.25 5.48 10.66
C VAL A 132 2.17 5.76 11.82
N PRO A 133 1.58 6.47 12.79
CA PRO A 133 2.27 7.00 13.95
C PRO A 133 2.32 6.12 15.16
N LYS A 134 1.89 6.70 16.30
CA LYS A 134 1.94 6.03 17.57
C LYS A 134 3.41 5.97 17.91
N LYS A 135 3.96 4.76 17.94
CA LYS A 135 5.38 4.61 18.23
C LYS A 135 6.28 4.91 17.02
N GLU A 136 5.68 5.02 15.79
CA GLU A 136 6.52 5.16 14.59
C GLU A 136 6.62 6.62 14.21
N ASN A 137 5.53 7.42 14.09
CA ASN A 137 5.80 8.74 13.51
C ASN A 137 6.30 9.64 14.63
N ARG A 138 7.15 9.13 15.54
CA ARG A 138 7.94 10.19 16.12
C ARG A 138 8.75 10.98 15.09
N SER A 139 8.89 12.29 15.06
CA SER A 139 9.47 12.75 13.80
C SER A 139 10.89 12.23 13.63
N LEU A 140 11.53 13.14 12.92
CA LEU A 140 12.90 13.03 12.48
C LEU A 140 13.84 13.92 13.26
N THR A 141 13.97 13.15 14.46
CA THR A 141 14.58 13.74 15.64
C THR A 141 16.00 14.14 15.33
N GLU A 142 16.80 13.68 16.37
CA GLU A 142 18.22 13.93 16.41
C GLU A 142 19.02 12.67 16.20
N SER A 143 18.65 11.60 16.94
CA SER A 143 19.40 10.36 16.92
C SER A 143 19.00 9.53 15.75
N LEU A 144 18.06 10.05 14.94
CA LEU A 144 17.61 9.36 13.77
C LEU A 144 16.50 8.42 14.14
N SER A 145 15.28 8.99 14.19
CA SER A 145 14.09 8.19 14.45
C SER A 145 13.66 7.33 13.24
N GLY A 146 14.41 7.45 12.24
CA GLY A 146 14.01 7.01 10.92
C GLY A 146 13.22 8.06 10.14
N SER A 147 14.36 8.59 9.66
CA SER A 147 14.22 9.51 8.53
C SER A 147 14.14 8.68 7.27
N ILE A 148 13.30 9.11 6.44
CA ILE A 148 12.88 7.99 5.61
C ILE A 148 13.80 7.90 4.40
N VAL A 149 14.79 6.92 4.36
CA VAL A 149 15.72 7.12 3.27
C VAL A 149 15.42 6.01 2.28
N GLN A 150 14.36 6.63 2.04
CA GLN A 150 13.29 6.35 1.11
C GLN A 150 12.34 7.52 1.03
N GLU A 151 11.39 7.43 0.30
CA GLU A 151 10.56 8.62 0.35
C GLU A 151 9.65 8.56 1.57
N GLY A 152 9.66 9.69 2.22
CA GLY A 152 8.75 10.09 3.21
C GLY A 152 8.26 11.13 2.28
N PHE A 153 7.22 11.93 2.46
CA PHE A 153 6.89 12.77 1.33
C PHE A 153 8.15 13.53 0.91
N GLU A 154 8.73 14.21 1.87
CA GLU A 154 10.01 14.86 1.60
C GLU A 154 11.03 14.34 2.62
N LEU A 155 10.32 13.66 3.53
CA LEU A 155 10.76 13.50 4.90
C LEU A 155 11.80 12.41 5.00
N ALA A 156 12.72 12.45 4.01
CA ALA A 156 13.89 11.63 4.16
C ALA A 156 14.91 12.34 5.04
N THR A 157 15.95 11.60 5.49
CA THR A 157 17.02 12.20 6.29
C THR A 157 17.43 13.57 5.77
N ALA A 158 18.50 13.42 4.96
CA ALA A 158 19.10 14.59 4.34
C ALA A 158 18.05 15.52 3.73
N LYS A 159 16.78 15.05 3.47
CA LYS A 159 15.81 15.92 2.85
C LYS A 159 15.19 16.80 3.91
N ARG A 160 16.02 16.80 5.05
CA ARG A 160 15.55 17.64 6.14
C ARG A 160 16.11 19.05 5.97
N ALA A 161 17.42 19.12 5.57
CA ALA A 161 18.28 20.24 5.90
C ALA A 161 17.58 21.55 5.63
N LYS A 162 17.18 21.90 4.40
CA LYS A 162 16.67 23.23 4.22
C LYS A 162 15.32 23.38 4.91
N GLU A 163 14.54 22.42 4.63
CA GLU A 163 13.10 22.34 4.91
C GLU A 163 12.81 22.26 6.39
N ARG A 164 13.83 21.95 7.26
CA ARG A 164 13.60 21.59 8.64
C ARG A 164 12.68 22.60 9.29
N GLN A 165 12.85 23.95 9.17
CA GLN A 165 12.14 24.81 10.08
C GLN A 165 10.64 24.70 9.88
N GLU A 166 10.11 24.94 8.66
CA GLU A 166 8.66 24.88 8.54
C GLU A 166 8.18 23.45 8.43
N PHE A 167 9.06 22.70 7.85
CA PHE A 167 8.85 21.35 7.38
C PHE A 167 8.53 20.42 8.55
N ASP A 168 9.63 19.68 8.92
CA ASP A 168 9.45 18.54 9.80
C ASP A 168 8.26 18.65 10.74
N LYS A 169 8.70 19.06 11.95
CA LYS A 169 7.79 18.92 13.08
C LYS A 169 6.40 19.44 12.73
N CYS A 170 6.22 20.59 12.06
CA CYS A 170 4.84 21.04 11.92
C CYS A 170 4.14 20.27 10.80
N LEU A 171 4.71 20.28 9.57
CA LEU A 171 3.95 19.79 8.44
C LEU A 171 3.90 18.25 8.50
N ALA A 172 4.90 17.54 9.09
CA ALA A 172 5.00 16.11 8.86
C ALA A 172 3.67 15.39 9.02
N GLU A 173 2.87 15.61 10.08
CA GLU A 173 1.63 14.87 10.17
C GLU A 173 0.66 15.31 9.10
N THR A 174 0.45 16.65 8.91
CA THR A 174 -0.49 17.08 7.89
C THR A 174 0.07 16.83 6.48
N GLU A 175 1.40 16.84 6.44
CA GLU A 175 2.18 16.61 5.23
C GLU A 175 1.77 15.25 4.62
N ALA A 176 1.31 14.38 5.53
CA ALA A 176 0.89 13.04 5.17
C ALA A 176 -0.23 13.09 4.15
N GLN A 177 -1.14 14.08 4.25
CA GLN A 177 -2.32 14.03 3.38
C GLN A 177 -1.88 14.06 1.91
N LYS A 178 -0.98 15.00 1.49
CA LYS A 178 -0.65 14.94 0.06
C LYS A 178 0.15 13.66 -0.21
N SER A 179 1.06 13.30 0.75
CA SER A 179 1.80 12.06 0.66
C SER A 179 0.90 10.88 0.30
N LEU A 180 0.51 10.35 1.46
CA LEU A 180 -0.25 9.10 1.52
C LEU A 180 -1.28 9.06 0.38
N LEU A 181 -2.11 10.11 0.18
CA LEU A 181 -3.10 9.99 -0.86
C LEU A 181 -2.42 9.80 -2.20
N GLU A 182 -1.36 10.54 -2.42
CA GLU A 182 -0.68 10.53 -3.70
C GLU A 182 -0.22 9.12 -4.05
N GLU A 183 0.22 8.26 -3.07
CA GLU A 183 0.86 7.04 -3.52
C GLU A 183 -0.09 6.19 -4.36
N GLU A 184 -0.93 5.39 -3.63
CA GLU A 184 -1.76 4.47 -4.40
C GLU A 184 -2.98 5.17 -5.01
N ILE A 185 -3.65 6.09 -4.28
CA ILE A 185 -4.78 6.76 -4.91
C ILE A 185 -4.29 7.58 -6.09
N ARG A 186 -3.17 8.34 -5.94
CA ARG A 186 -2.67 9.12 -7.06
C ARG A 186 -3.71 10.10 -7.51
N LYS A 187 -3.67 11.34 -6.99
CA LYS A 187 -4.65 12.34 -7.38
C LYS A 187 -4.40 12.67 -8.82
N ARG A 188 -5.50 12.92 -9.57
CA ARG A 188 -5.37 13.22 -10.97
C ARG A 188 -6.08 14.50 -11.24
N ARG A 189 -5.50 15.31 -12.15
CA ARG A 189 -6.11 16.57 -12.51
C ARG A 189 -6.14 16.62 -14.02
N GLU A 190 -6.04 15.43 -14.66
CA GLU A 190 -6.04 15.36 -16.09
C GLU A 190 -6.86 14.17 -16.48
N GLU A 191 -7.13 14.03 -17.79
CA GLU A 191 -7.93 12.93 -18.27
C GLU A 191 -7.02 11.75 -18.46
N GLU A 192 -5.72 11.90 -18.12
CA GLU A 192 -4.76 10.82 -18.25
C GLU A 192 -5.18 9.70 -17.33
N GLU A 193 -5.69 10.08 -16.13
CA GLU A 193 -6.12 9.10 -15.14
C GLU A 193 -4.89 8.47 -14.54
N LYS A 194 -4.13 9.30 -13.75
CA LYS A 194 -2.88 8.85 -13.15
C LYS A 194 -3.06 7.57 -12.34
N GLU A 195 -4.31 7.37 -11.94
CA GLU A 195 -4.69 6.32 -11.01
C GLU A 195 -4.19 4.96 -11.50
N GLU A 196 -5.31 4.28 -11.97
CA GLU A 196 -5.34 2.84 -12.25
C GLU A 196 -4.46 2.52 -13.45
N ILE A 197 -3.47 3.49 -13.60
CA ILE A 197 -2.50 3.28 -14.67
C ILE A 197 -1.42 2.33 -14.22
N SER A 198 -1.30 2.07 -12.86
CA SER A 198 -0.10 1.47 -12.31
C SER A 198 0.44 0.41 -13.28
N GLN A 199 -0.31 -0.61 -13.61
CA GLN A 199 0.38 -1.67 -14.35
C GLN A 199 0.46 -1.34 -15.84
N LEU A 200 -0.56 -0.58 -16.37
CA LEU A 200 -0.80 -0.50 -17.80
C LEU A 200 0.25 0.28 -18.55
N ARG A 201 0.84 1.52 -18.17
CA ARG A 201 1.48 2.16 -19.31
C ARG A 201 2.94 1.75 -19.44
N GLN A 202 3.76 2.24 -18.45
CA GLN A 202 5.18 1.93 -18.64
C GLN A 202 5.66 0.85 -17.67
N GLU A 203 5.25 1.23 -16.42
CA GLU A 203 5.43 0.43 -15.22
C GLU A 203 5.06 -1.00 -15.53
N LEU A 204 5.88 -1.72 -16.39
CA LEU A 204 5.69 -3.16 -16.51
C LEU A 204 6.10 -3.89 -15.27
N VAL A 205 5.22 -3.34 -14.40
CA VAL A 205 5.22 -3.58 -12.97
C VAL A 205 5.14 -5.08 -12.67
N HIS A 206 4.23 -5.74 -13.35
CA HIS A 206 4.21 -7.19 -13.27
C HIS A 206 4.00 -7.72 -14.69
N LYS A 207 5.11 -8.26 -15.28
CA LYS A 207 4.99 -8.66 -16.68
C LYS A 207 4.81 -10.18 -16.76
N ALA A 208 4.79 -10.79 -15.58
CA ALA A 208 4.93 -12.23 -15.50
C ALA A 208 4.13 -12.94 -16.59
N LYS A 209 2.97 -13.31 -15.97
CA LYS A 209 2.11 -14.06 -16.88
C LYS A 209 0.85 -13.25 -17.23
N PRO A 210 0.47 -13.15 -18.48
CA PRO A 210 -0.57 -12.18 -18.73
C PRO A 210 -1.85 -12.50 -17.96
N ILE A 211 -1.96 -11.44 -17.16
CA ILE A 211 -3.11 -11.16 -16.31
C ILE A 211 -3.91 -10.02 -16.95
N ARG A 212 -5.24 -10.09 -17.13
CA ARG A 212 -5.79 -8.93 -17.81
C ARG A 212 -5.80 -7.70 -16.89
N LYS A 213 -4.66 -7.00 -17.19
CA LYS A 213 -4.35 -5.71 -16.55
C LYS A 213 -5.07 -4.53 -17.23
N TYR A 214 -5.60 -4.96 -18.43
CA TYR A 214 -6.20 -4.11 -19.43
C TYR A 214 -7.58 -3.72 -18.97
N ARG A 215 -7.56 -3.36 -17.68
CA ARG A 215 -8.72 -2.88 -16.96
C ARG A 215 -9.49 -1.83 -17.75
N ALA A 216 -9.05 -1.43 -18.98
CA ALA A 216 -9.78 -0.38 -19.67
C ALA A 216 -11.17 -0.86 -20.08
N VAL A 217 -11.49 -2.13 -19.80
CA VAL A 217 -12.82 -2.66 -20.07
C VAL A 217 -13.58 -3.00 -18.79
N GLU A 218 -12.82 -3.58 -17.81
CA GLU A 218 -13.53 -3.89 -16.56
C GLU A 218 -13.01 -3.09 -15.37
N VAL A 219 -13.20 -1.81 -15.85
CA VAL A 219 -12.84 -0.59 -15.13
C VAL A 219 -13.43 -0.58 -13.73
N LYS A 220 -14.26 -1.58 -13.40
CA LYS A 220 -14.94 -1.65 -12.11
C LYS A 220 -14.01 -1.67 -10.90
N ALA A 221 -12.72 -1.18 -11.00
CA ALA A 221 -12.01 -1.23 -9.72
C ALA A 221 -11.78 0.19 -9.19
N SER A 222 -10.48 0.14 -8.66
CA SER A 222 -10.10 1.41 -8.03
C SER A 222 -8.77 1.93 -8.50
N ASP A 223 -7.89 1.86 -7.39
CA ASP A 223 -6.56 2.43 -7.53
C ASP A 223 -5.52 1.41 -8.03
N VAL A 224 -5.88 0.10 -8.00
CA VAL A 224 -4.98 -0.93 -8.46
C VAL A 224 -5.40 -1.37 -9.85
N PRO A 225 -4.45 -1.92 -10.64
CA PRO A 225 -4.74 -2.46 -11.98
C PRO A 225 -5.76 -3.55 -11.82
N LEU A 226 -6.88 -3.53 -12.59
CA LEU A 226 -7.87 -4.57 -12.43
C LEU A 226 -7.33 -5.80 -13.06
N THR A 227 -6.61 -6.56 -12.23
CA THR A 227 -6.00 -7.77 -12.65
C THR A 227 -6.60 -8.87 -11.83
N VAL A 228 -6.46 -10.11 -12.32
CA VAL A 228 -6.96 -11.26 -11.61
C VAL A 228 -5.77 -11.79 -10.86
N PRO A 229 -5.97 -12.63 -9.87
CA PRO A 229 -4.85 -13.17 -9.08
C PRO A 229 -3.75 -13.70 -9.95
N ARG A 230 -2.50 -13.33 -9.62
CA ARG A 230 -1.39 -13.73 -10.43
C ARG A 230 -0.95 -15.10 -10.03
N SER A 231 -1.04 -16.05 -10.99
CA SER A 231 -0.64 -17.40 -10.76
C SER A 231 0.84 -17.48 -11.07
N PRO A 232 1.50 -18.48 -10.56
CA PRO A 232 2.93 -18.66 -10.82
C PRO A 232 3.21 -19.11 -12.22
N ASN A 233 4.42 -18.79 -12.73
CA ASN A 233 4.77 -19.17 -14.08
C ASN A 233 5.01 -20.65 -14.09
N PHE A 234 4.77 -21.29 -15.27
CA PHE A 234 4.96 -22.72 -15.42
C PHE A 234 3.88 -23.41 -14.63
N SER A 235 2.65 -22.86 -14.67
CA SER A 235 1.56 -23.45 -13.94
C SER A 235 0.31 -23.06 -14.65
N ASP A 236 -0.84 -23.56 -14.14
CA ASP A 236 -2.11 -23.24 -14.75
C ASP A 236 -2.45 -21.82 -14.41
N ARG A 237 -3.19 -21.15 -15.32
CA ARG A 237 -3.59 -19.78 -15.10
C ARG A 237 -4.73 -19.79 -14.13
N PHE A 238 -4.78 -18.79 -13.24
CA PHE A 238 -5.85 -18.72 -12.26
C PHE A 238 -7.17 -18.60 -12.99
N LYS A 239 -7.25 -17.70 -13.98
CA LYS A 239 -8.48 -17.50 -14.72
C LYS A 239 -8.86 -18.77 -15.44
N CYS A 240 -7.88 -19.46 -16.08
CA CYS A 240 -8.20 -20.67 -16.79
C CYS A 240 -7.21 -21.76 -16.36
N VAL A 1 -22.29 1.92 1.37
CA VAL A 1 -21.62 1.85 2.69
C VAL A 1 -20.12 1.92 2.52
N PRO A 2 -19.59 3.12 2.51
CA PRO A 2 -18.16 3.35 2.34
C PRO A 2 -17.40 3.25 3.63
N VAL A 3 -17.52 2.08 4.26
CA VAL A 3 -16.86 1.85 5.55
C VAL A 3 -15.81 0.72 5.56
N ILE A 4 -14.57 0.96 6.14
CA ILE A 4 -13.66 -0.19 6.15
C ILE A 4 -14.20 -1.34 7.02
N LYS A 5 -13.69 -1.12 8.38
CA LYS A 5 -13.95 -2.03 9.50
C LYS A 5 -14.16 -3.49 9.06
N ALA A 6 -13.30 -3.92 8.14
CA ALA A 6 -13.42 -5.24 7.52
C ALA A 6 -12.96 -6.37 8.47
N THR A 7 -13.53 -7.58 8.25
CA THR A 7 -13.21 -8.74 9.08
C THR A 7 -11.73 -9.12 9.01
N ARG A 8 -11.15 -9.54 10.16
CA ARG A 8 -9.74 -9.89 10.13
C ARG A 8 -9.59 -11.31 9.58
N MET A 9 -8.53 -11.49 8.78
CA MET A 9 -8.25 -12.73 8.11
C MET A 9 -7.11 -12.33 7.22
N PRO A 10 -6.63 -13.16 6.30
CA PRO A 10 -5.58 -12.70 5.41
C PRO A 10 -6.02 -11.48 4.68
N HIS A 11 -5.10 -10.54 4.47
CA HIS A 11 -5.46 -9.30 3.86
C HIS A 11 -5.46 -9.39 2.34
N TYR A 12 -4.33 -9.85 1.73
CA TYR A 12 -4.23 -10.05 0.31
C TYR A 12 -4.81 -11.37 0.16
N GLY A 13 -6.12 -11.32 0.33
CA GLY A 13 -6.92 -12.45 0.45
C GLY A 13 -7.82 -12.22 1.66
N VAL A 14 -8.34 -10.92 1.74
CA VAL A 14 -9.36 -10.45 2.69
C VAL A 14 -10.51 -10.31 1.73
N PRO A 15 -11.78 -10.11 2.14
CA PRO A 15 -12.83 -9.86 1.12
C PRO A 15 -12.23 -8.86 0.18
N PHE A 16 -12.15 -9.15 -1.14
CA PHE A 16 -11.27 -8.29 -1.89
C PHE A 16 -11.82 -6.99 -2.35
N LYS A 17 -12.66 -6.93 -3.35
CA LYS A 17 -13.07 -5.63 -3.80
C LYS A 17 -14.30 -5.83 -4.61
N PRO A 18 -15.45 -5.75 -3.99
CA PRO A 18 -16.69 -5.87 -4.71
C PRO A 18 -16.94 -4.61 -5.48
N LYS A 19 -16.00 -4.37 -6.43
CA LYS A 19 -15.95 -3.20 -7.25
C LYS A 19 -14.81 -2.42 -6.66
N LEU A 20 -15.10 -1.73 -5.55
CA LEU A 20 -14.11 -0.94 -4.84
C LEU A 20 -13.90 -1.57 -3.48
N VAL A 21 -12.76 -1.26 -2.75
CA VAL A 21 -12.59 -1.78 -1.38
C VAL A 21 -13.91 -1.40 -0.70
N GLU A 22 -14.28 -2.01 0.44
CA GLU A 22 -15.57 -1.71 1.03
C GLU A 22 -15.74 -0.23 1.33
N GLN A 23 -14.65 0.56 1.52
CA GLN A 23 -14.86 1.95 1.84
C GLN A 23 -14.70 2.82 0.62
N ARG A 24 -13.49 2.83 0.02
CA ARG A 24 -13.21 3.65 -1.16
C ARG A 24 -13.73 5.05 -0.99
N GLN A 25 -13.83 5.78 -2.13
CA GLN A 25 -14.34 7.14 -2.15
C GLN A 25 -13.46 8.01 -1.31
N VAL A 26 -12.64 8.85 -1.97
CA VAL A 26 -11.71 9.69 -1.19
C VAL A 26 -12.35 10.60 -0.15
N ASP A 27 -13.65 10.92 -0.30
CA ASP A 27 -14.26 11.79 0.68
C ASP A 27 -14.71 11.05 1.94
N VAL A 28 -14.74 9.70 1.90
CA VAL A 28 -15.18 8.95 3.06
C VAL A 28 -14.28 7.76 3.22
N CYS A 29 -13.01 8.29 3.10
CA CYS A 29 -11.87 7.43 3.29
C CYS A 29 -10.78 8.01 4.17
N PRO A 30 -10.82 7.73 5.48
CA PRO A 30 -9.79 8.33 6.28
C PRO A 30 -8.44 7.62 6.15
N PHE A 31 -7.49 8.33 5.56
CA PHE A 31 -6.10 8.01 5.87
C PHE A 31 -5.23 9.21 6.19
N SER A 32 -6.14 9.99 6.83
CA SER A 32 -5.85 11.23 7.53
C SER A 32 -5.86 10.95 9.03
N PHE A 33 -5.43 11.85 9.90
CA PHE A 33 -5.44 11.35 11.24
C PHE A 33 -5.23 12.38 12.28
N CYS A 34 -6.38 12.89 12.75
CA CYS A 34 -6.41 13.78 13.87
C CYS A 34 -7.03 12.93 14.94
N ASP A 35 -7.64 11.81 14.44
CA ASP A 35 -8.31 10.82 15.24
C ASP A 35 -9.04 9.98 14.22
N ARG A 36 -8.37 9.68 13.07
CA ARG A 36 -9.02 8.95 11.99
C ARG A 36 -8.32 7.62 11.75
N ASP A 37 -7.23 7.34 12.52
CA ASP A 37 -6.53 6.06 12.37
C ASP A 37 -7.48 5.05 12.96
N LYS A 38 -8.33 5.53 13.92
CA LYS A 38 -9.27 4.64 14.60
C LYS A 38 -10.07 3.83 13.59
N GLU A 39 -10.70 4.37 12.53
CA GLU A 39 -11.38 3.42 11.64
C GLU A 39 -10.39 2.51 10.92
N ARG A 40 -9.33 3.15 10.53
CA ARG A 40 -8.22 2.66 9.72
C ARG A 40 -7.54 1.45 10.42
N GLN A 41 -8.01 1.06 11.69
CA GLN A 41 -7.27 0.10 12.51
C GLN A 41 -6.67 -1.02 11.66
N LEU A 42 -7.48 -1.63 10.86
CA LEU A 42 -7.13 -2.84 10.13
C LEU A 42 -5.86 -2.63 9.33
N GLN A 43 -5.76 -1.45 8.98
CA GLN A 43 -4.76 -1.04 8.01
C GLN A 43 -3.37 -1.28 8.59
N LYS A 44 -3.18 -0.69 9.80
CA LYS A 44 -1.94 -0.76 10.58
C LYS A 44 -1.62 -2.15 11.05
N GLU A 45 -2.67 -2.83 11.47
CA GLU A 45 -2.55 -4.03 12.29
C GLU A 45 -1.75 -5.13 11.61
N LYS A 46 -1.94 -5.39 10.35
CA LYS A 46 -1.59 -6.75 10.01
C LYS A 46 -0.10 -6.92 9.85
N ARG A 47 0.69 -6.09 9.04
CA ARG A 47 1.93 -6.78 8.77
C ARG A 47 3.02 -6.32 9.68
N LEU A 48 2.80 -5.20 10.42
CA LEU A 48 3.94 -4.53 11.03
C LEU A 48 4.83 -5.48 11.79
N ASP A 49 4.51 -5.39 13.08
CA ASP A 49 5.44 -6.00 14.01
C ASP A 49 5.99 -7.32 13.50
N GLU A 50 5.30 -8.40 13.97
CA GLU A 50 5.87 -9.71 13.70
C GLU A 50 6.45 -9.81 12.29
N LEU A 51 5.87 -9.13 11.27
CA LEU A 51 6.41 -9.21 9.92
C LEU A 51 7.31 -8.01 9.62
N ARG A 52 7.99 -7.49 10.69
CA ARG A 52 8.87 -6.30 10.66
C ARG A 52 9.98 -6.29 9.58
N LYS A 53 9.84 -6.98 8.42
CA LYS A 53 10.93 -6.97 7.42
C LYS A 53 10.96 -5.66 6.60
N ASP A 54 9.82 -5.29 5.93
CA ASP A 54 9.78 -4.09 5.09
C ASP A 54 8.31 -3.90 4.75
N GLU A 55 7.67 -2.79 5.24
CA GLU A 55 6.22 -2.67 5.17
C GLU A 55 5.62 -2.89 3.84
N VAL A 56 5.15 -4.19 3.56
CA VAL A 56 4.29 -4.36 2.42
C VAL A 56 3.21 -3.67 3.19
N PRO A 57 2.89 -2.53 2.74
CA PRO A 57 2.22 -1.56 3.54
C PRO A 57 1.16 -1.98 4.44
N LYS A 58 1.35 -1.54 5.73
CA LYS A 58 0.31 -1.63 6.70
C LYS A 58 -0.45 -0.64 5.96
N PHE A 59 -1.61 -0.96 5.49
CA PHE A 59 -2.10 -0.06 4.54
C PHE A 59 -2.50 1.22 5.07
N LYS A 60 -1.64 2.17 4.84
CA LYS A 60 -1.99 3.51 5.12
C LYS A 60 -2.27 3.96 3.71
N ALA A 61 -2.40 2.86 2.91
CA ALA A 61 -2.71 2.81 1.53
C ALA A 61 -4.20 3.01 1.51
N GLN A 62 -4.86 2.48 0.50
CA GLN A 62 -6.29 2.60 0.38
C GLN A 62 -6.92 1.69 1.43
N PRO A 63 -8.23 1.87 1.64
CA PRO A 63 -9.05 1.15 2.67
C PRO A 63 -8.76 -0.31 2.90
N LEU A 64 -9.64 -0.99 3.75
CA LEU A 64 -9.44 -2.37 4.25
C LEU A 64 -8.49 -3.08 3.36
N PRO A 65 -7.48 -3.66 3.98
CA PRO A 65 -6.42 -4.29 3.24
C PRO A 65 -6.85 -5.51 2.54
N GLN A 66 -7.52 -5.30 1.39
CA GLN A 66 -7.95 -6.39 0.62
C GLN A 66 -6.83 -6.75 -0.23
N PHE A 67 -6.12 -5.72 -0.73
CA PHE A 67 -5.03 -6.00 -1.57
C PHE A 67 -3.85 -6.27 -0.69
N ASP A 68 -2.96 -5.31 -0.49
CA ASP A 68 -1.75 -5.63 0.25
C ASP A 68 -1.81 -5.20 1.71
N ASN A 69 -0.85 -5.78 2.50
CA ASN A 69 -0.73 -5.56 3.93
C ASN A 69 0.13 -6.72 4.45
N ILE A 70 -0.46 -7.94 4.75
CA ILE A 70 0.37 -9.06 5.28
C ILE A 70 0.69 -10.13 4.29
N ARG A 71 -0.07 -11.27 4.37
CA ARG A 71 0.22 -12.39 3.54
C ARG A 71 -1.03 -13.19 3.29
N LEU A 72 -0.87 -14.29 2.50
CA LEU A 72 -1.97 -15.15 2.16
C LEU A 72 -1.56 -16.56 2.52
N PRO A 73 -1.83 -16.97 3.75
CA PRO A 73 -1.54 -18.32 4.22
C PRO A 73 -2.46 -19.36 3.64
N GLU A 74 -1.97 -20.61 3.54
CA GLU A 74 -2.73 -21.68 2.94
C GLU A 74 -3.97 -22.02 3.73
N LYS A 75 -3.92 -21.97 5.08
CA LYS A 75 -5.10 -22.38 5.85
C LYS A 75 -5.88 -21.15 6.34
N LYS A 76 -5.35 -19.95 6.07
CA LYS A 76 -6.04 -18.75 6.52
C LYS A 76 -6.92 -18.15 5.42
N VAL A 77 -6.55 -18.44 4.13
CA VAL A 77 -7.26 -17.86 3.01
C VAL A 77 -8.50 -18.71 2.76
N LYS A 78 -9.31 -18.52 3.85
CA LYS A 78 -10.62 -19.11 3.89
C LYS A 78 -11.43 -18.40 2.85
N MET A 79 -11.21 -17.06 2.73
CA MET A 79 -11.91 -16.26 1.75
C MET A 79 -10.84 -15.71 0.84
N PRO A 80 -10.77 -16.21 -0.36
CA PRO A 80 -9.77 -15.77 -1.34
C PRO A 80 -10.07 -14.44 -1.98
N THR A 81 -9.05 -13.86 -2.64
CA THR A 81 -9.20 -12.59 -3.33
C THR A 81 -10.07 -12.86 -4.53
N GLN A 82 -10.78 -11.81 -5.04
CA GLN A 82 -11.63 -12.00 -6.19
C GLN A 82 -10.86 -11.68 -7.43
N GLN A 83 -10.51 -10.39 -7.64
CA GLN A 83 -9.77 -10.00 -8.81
C GLN A 83 -8.63 -9.14 -8.36
N GLU A 84 -7.39 -9.51 -8.76
CA GLU A 84 -6.24 -8.78 -8.34
C GLU A 84 -5.07 -9.25 -9.17
N PRO A 85 -4.04 -8.42 -9.30
CA PRO A 85 -2.84 -8.76 -10.09
C PRO A 85 -2.13 -9.87 -9.46
N PHE A 86 -1.55 -9.45 -8.36
CA PHE A 86 -0.87 -10.39 -7.49
C PHE A 86 -1.44 -10.60 -6.10
N ASP A 87 -1.40 -11.82 -5.64
CA ASP A 87 -1.66 -11.97 -4.20
C ASP A 87 -0.39 -12.19 -3.36
N LEU A 88 0.54 -11.42 -4.13
CA LEU A 88 1.95 -11.51 -3.77
C LEU A 88 2.31 -10.53 -2.65
N GLU A 89 1.88 -11.30 -1.67
CA GLU A 89 2.17 -11.03 -0.26
C GLU A 89 2.69 -12.22 0.53
N ILE A 90 2.63 -13.10 -0.49
CA ILE A 90 2.78 -14.55 -0.50
C ILE A 90 4.24 -14.83 -0.16
N GLU A 91 4.49 -15.61 0.94
CA GLU A 91 5.85 -15.85 1.40
C GLU A 91 6.75 -16.45 0.35
N LYS A 92 6.22 -17.38 -0.42
CA LYS A 92 6.98 -17.98 -1.51
C LYS A 92 7.29 -16.95 -2.60
N ARG A 93 6.24 -17.10 -3.40
CA ARG A 93 6.07 -16.24 -4.55
C ARG A 93 6.33 -14.82 -4.14
N GLY A 94 5.26 -14.24 -3.59
CA GLY A 94 5.18 -12.82 -3.33
C GLY A 94 6.46 -12.41 -2.64
N ALA A 95 6.57 -12.51 -1.30
CA ALA A 95 7.80 -12.01 -0.73
C ALA A 95 8.99 -12.13 -1.68
N SER A 96 9.16 -13.22 -2.47
CA SER A 96 10.23 -13.20 -3.46
C SER A 96 10.00 -12.14 -4.54
N LYS A 97 8.73 -12.05 -5.04
CA LYS A 97 8.32 -11.11 -6.05
C LYS A 97 8.30 -9.70 -5.49
N LEU A 98 8.45 -9.66 -4.14
CA LEU A 98 8.34 -8.46 -3.36
C LEU A 98 9.17 -7.35 -3.98
N GLN A 99 10.39 -7.63 -4.55
CA GLN A 99 11.12 -6.53 -5.15
C GLN A 99 10.31 -5.92 -6.31
N ARG A 100 9.73 -6.80 -7.16
CA ARG A 100 8.92 -6.37 -8.31
C ARG A 100 7.69 -5.62 -7.82
N TRP A 101 7.23 -5.98 -6.60
CA TRP A 101 6.05 -5.40 -5.97
C TRP A 101 6.11 -3.91 -6.08
N GLN A 102 7.34 -3.38 -5.96
CA GLN A 102 7.52 -1.94 -5.77
C GLN A 102 6.66 -1.18 -6.74
N GLN A 103 6.63 -1.54 -7.98
CA GLN A 103 6.03 -0.59 -8.90
C GLN A 103 4.52 -0.47 -8.66
N GLN A 104 3.71 -1.54 -8.39
CA GLN A 104 2.28 -1.26 -8.30
C GLN A 104 1.95 -0.48 -7.02
N ILE A 105 2.24 -1.01 -5.81
CA ILE A 105 1.81 -0.25 -4.66
C ILE A 105 2.62 1.01 -4.55
N GLN A 106 4.02 1.03 -4.87
CA GLN A 106 4.75 2.25 -4.62
C GLN A 106 4.62 3.24 -5.76
N GLU A 107 4.88 2.89 -7.10
CA GLU A 107 4.95 3.96 -8.09
C GLU A 107 3.67 4.79 -8.14
N GLU A 108 2.51 4.27 -7.71
CA GLU A 108 1.35 5.14 -7.76
C GLU A 108 1.59 6.37 -6.83
N LEU A 109 2.72 6.37 -6.02
CA LEU A 109 3.13 7.51 -5.22
C LEU A 109 4.21 8.24 -6.01
N LYS A 110 4.61 9.45 -5.57
CA LYS A 110 5.61 10.22 -6.32
C LYS A 110 6.90 9.44 -6.53
N GLN A 111 7.51 8.82 -5.47
CA GLN A 111 8.76 8.09 -5.70
C GLN A 111 9.07 7.22 -4.52
N GLN A 112 9.88 6.14 -4.75
CA GLN A 112 10.22 5.21 -3.69
C GLN A 112 11.63 4.71 -3.93
N LYS A 113 12.08 3.71 -3.10
CA LYS A 113 13.44 3.20 -3.25
C LYS A 113 13.44 1.71 -2.88
N GLU A 114 14.54 1.23 -2.23
CA GLU A 114 14.66 -0.19 -1.88
C GLU A 114 13.74 -0.51 -0.73
N MET A 115 12.91 -1.55 -0.93
CA MET A 115 11.95 -1.95 0.08
C MET A 115 12.63 -2.42 1.34
N VAL A 116 13.72 -3.29 1.26
CA VAL A 116 14.26 -3.81 2.52
C VAL A 116 15.10 -2.78 3.29
N VAL A 117 14.44 -1.63 3.19
CA VAL A 117 14.87 -0.45 3.89
C VAL A 117 13.86 -0.20 5.00
N PHE A 118 12.86 0.62 4.44
CA PHE A 118 12.00 1.40 5.33
C PHE A 118 11.37 0.58 6.45
N LYS A 119 11.90 -0.76 6.74
CA LYS A 119 11.84 -1.02 8.18
C LYS A 119 13.19 -1.59 8.63
N ALA A 120 14.27 -0.74 8.67
CA ALA A 120 15.45 -1.38 9.22
C ALA A 120 16.18 -0.61 10.31
N ARG A 121 15.23 0.02 11.01
CA ARG A 121 15.66 0.87 12.12
C ARG A 121 14.45 1.23 13.03
N PRO A 122 14.70 1.94 14.08
CA PRO A 122 13.63 2.49 14.87
C PRO A 122 12.73 3.29 13.95
N ASN A 123 11.43 3.35 14.33
CA ASN A 123 10.41 4.02 13.52
C ASN A 123 10.90 4.51 12.16
N THR A 124 11.26 3.45 11.33
CA THR A 124 11.33 3.73 9.89
C THR A 124 10.20 2.95 9.23
N VAL A 125 9.26 2.87 10.19
CA VAL A 125 8.13 2.00 9.84
C VAL A 125 6.92 2.88 9.46
N VAL A 126 7.43 3.91 8.83
CA VAL A 126 6.47 4.88 8.39
C VAL A 126 6.97 5.54 7.08
N HIS A 127 6.83 4.68 6.10
CA HIS A 127 7.19 5.09 4.80
C HIS A 127 5.98 5.77 4.31
N GLN A 128 6.04 6.43 3.16
CA GLN A 128 4.77 6.96 2.70
C GLN A 128 3.68 5.91 2.45
N GLU A 129 4.11 4.66 2.71
CA GLU A 129 3.20 3.52 2.70
C GLU A 129 2.43 3.23 4.03
N PRO A 130 3.19 2.88 5.12
CA PRO A 130 2.65 2.89 6.48
C PRO A 130 2.80 4.24 7.17
N PHE A 131 1.79 5.19 7.06
CA PHE A 131 2.66 6.35 7.32
C PHE A 131 2.39 6.88 8.73
N VAL A 132 1.13 6.59 9.22
CA VAL A 132 0.50 7.17 10.45
C VAL A 132 1.34 7.06 11.73
N PRO A 133 1.21 8.14 12.54
CA PRO A 133 1.89 8.31 13.83
C PRO A 133 1.35 7.50 14.97
N LYS A 134 1.95 7.81 16.16
CA LYS A 134 1.64 7.21 17.43
C LYS A 134 2.99 6.77 17.91
N LYS A 135 3.21 5.45 18.01
CA LYS A 135 4.54 4.98 18.42
C LYS A 135 5.56 5.04 17.29
N GLU A 136 5.08 5.21 16.03
CA GLU A 136 6.00 5.18 14.88
C GLU A 136 6.37 6.61 14.50
N ASN A 137 5.44 7.54 14.24
CA ASN A 137 6.00 8.81 13.76
C ASN A 137 6.47 9.59 14.98
N ARG A 138 7.10 8.93 16.00
CA ARG A 138 7.93 9.91 16.69
C ARG A 138 8.85 10.68 15.75
N SER A 139 9.06 11.98 15.82
CA SER A 139 9.60 12.53 14.58
C SER A 139 10.93 11.90 14.23
N LEU A 140 11.57 12.85 13.59
CA LEU A 140 12.89 12.68 13.01
C LEU A 140 13.96 13.45 13.76
N THR A 141 14.11 12.59 14.89
CA THR A 141 14.79 13.07 16.07
C THR A 141 16.22 13.44 15.70
N GLU A 142 17.08 12.87 16.62
CA GLU A 142 18.49 13.19 16.56
C GLU A 142 19.36 12.11 15.99
N SER A 143 19.31 10.88 16.55
CA SER A 143 20.27 9.87 16.11
C SER A 143 19.67 8.71 15.38
N LEU A 144 18.48 8.20 15.74
CA LEU A 144 18.03 7.03 15.01
C LEU A 144 16.59 6.68 15.31
N SER A 145 15.68 7.66 15.25
CA SER A 145 14.26 7.34 15.39
C SER A 145 13.67 6.68 14.14
N GLY A 146 14.44 6.66 13.13
CA GLY A 146 13.90 6.40 11.81
C GLY A 146 13.01 7.53 11.29
N SER A 147 14.01 8.25 10.79
CA SER A 147 13.55 9.17 9.76
C SER A 147 13.19 8.35 8.52
N ILE A 148 12.46 8.74 7.64
CA ILE A 148 12.12 7.56 6.86
C ILE A 148 13.25 7.26 5.91
N VAL A 149 14.12 6.23 6.28
CA VAL A 149 15.39 6.34 5.61
C VAL A 149 15.40 5.20 4.60
N GLN A 150 14.56 5.82 3.94
CA GLN A 150 14.08 5.78 2.56
C GLN A 150 13.14 6.93 2.31
N GLU A 151 12.81 7.35 1.23
CA GLU A 151 11.97 8.53 1.42
C GLU A 151 10.53 8.10 1.68
N GLY A 152 9.93 8.89 2.56
CA GLY A 152 8.58 8.76 3.00
C GLY A 152 8.04 9.77 2.10
N PHE A 153 7.00 10.53 2.32
CA PHE A 153 6.74 11.44 1.22
C PHE A 153 7.99 12.29 0.98
N GLU A 154 8.48 13.00 2.05
CA GLU A 154 9.72 13.73 1.92
C GLU A 154 10.67 13.28 3.02
N LEU A 155 9.97 12.66 3.97
CA LEU A 155 10.41 12.68 5.35
C LEU A 155 11.49 11.65 5.57
N ALA A 156 12.50 11.61 4.64
CA ALA A 156 13.67 10.86 5.03
C ALA A 156 14.59 11.74 5.84
N THR A 157 15.61 11.12 6.54
CA THR A 157 16.52 11.89 7.38
C THR A 157 16.90 13.22 6.75
N ALA A 158 18.08 13.01 6.12
CA ALA A 158 18.77 14.13 5.49
C ALA A 158 17.82 14.97 4.62
N LYS A 159 16.62 14.42 4.21
CA LYS A 159 15.78 15.18 3.31
C LYS A 159 14.93 16.12 4.13
N ARG A 160 15.56 16.28 5.38
CA ARG A 160 14.94 17.26 6.26
C ARG A 160 15.53 18.63 5.98
N ALA A 161 16.87 18.66 5.76
CA ALA A 161 17.68 19.84 6.00
C ALA A 161 17.04 21.06 5.38
N LYS A 162 16.82 21.14 4.08
CA LYS A 162 16.33 22.40 3.56
C LYS A 162 14.92 22.67 4.06
N GLU A 163 14.15 21.63 3.97
CA GLU A 163 12.70 21.66 4.18
C GLU A 163 12.33 21.93 5.63
N ARG A 164 13.28 21.72 6.61
CA ARG A 164 12.92 21.62 8.02
C ARG A 164 12.02 22.78 8.41
N GLN A 165 12.31 24.07 8.07
CA GLN A 165 11.56 25.10 8.75
C GLN A 165 10.08 25.02 8.45
N GLU A 166 9.64 24.97 7.18
CA GLU A 166 8.20 24.89 6.97
C GLU A 166 7.71 23.46 7.15
N PHE A 167 8.66 22.60 6.90
CA PHE A 167 8.50 21.17 6.76
C PHE A 167 7.97 20.57 8.06
N ASP A 168 8.94 19.91 8.77
CA ASP A 168 8.53 19.06 9.87
C ASP A 168 7.27 19.53 10.58
N LYS A 169 7.62 20.20 11.70
CA LYS A 169 6.57 20.47 12.66
C LYS A 169 5.34 21.03 11.99
N CYS A 170 5.42 21.99 11.03
CA CYS A 170 4.14 22.50 10.56
C CYS A 170 3.57 21.59 9.49
N LEU A 171 4.34 21.36 8.38
CA LEU A 171 3.76 20.72 7.21
C LEU A 171 3.68 19.22 7.47
N ALA A 172 4.53 18.57 8.33
CA ALA A 172 4.59 17.13 8.32
C ALA A 172 3.21 16.47 8.40
N GLU A 173 2.29 16.87 9.30
CA GLU A 173 1.01 16.19 9.27
C GLU A 173 0.26 16.48 7.98
N THR A 174 0.24 17.77 7.51
CA THR A 174 -0.42 18.01 6.25
C THR A 174 0.32 17.28 5.11
N GLU A 175 1.62 17.11 5.32
CA GLU A 175 2.45 16.32 4.40
C GLU A 175 1.87 14.91 4.31
N ALA A 176 1.44 14.38 5.46
CA ALA A 176 0.84 13.07 5.50
C ALA A 176 -0.38 13.00 4.59
N GLN A 177 -1.14 14.12 4.56
CA GLN A 177 -2.39 14.09 3.81
C GLN A 177 -2.11 13.79 2.33
N LYS A 178 -1.15 14.56 1.73
CA LYS A 178 -0.85 14.32 0.33
C LYS A 178 -0.16 12.97 0.19
N SER A 179 0.74 12.64 1.18
CA SER A 179 1.47 11.38 1.16
C SER A 179 0.56 10.21 0.80
N LEU A 180 0.13 9.61 1.93
CA LEU A 180 -0.63 8.37 1.85
C LEU A 180 -1.70 8.48 0.76
N LEU A 181 -2.48 9.58 0.67
CA LEU A 181 -3.52 9.55 -0.34
C LEU A 181 -2.90 9.45 -1.72
N GLU A 182 -1.81 10.18 -1.95
CA GLU A 182 -1.12 10.12 -3.24
C GLU A 182 -0.68 8.71 -3.56
N GLU A 183 -0.39 7.90 -2.50
CA GLU A 183 0.24 6.60 -2.74
C GLU A 183 -0.49 5.83 -3.84
N GLU A 184 -1.64 5.25 -3.43
CA GLU A 184 -2.33 4.42 -4.42
C GLU A 184 -3.21 5.25 -5.36
N ILE A 185 -3.84 6.32 -4.83
CA ILE A 185 -4.75 7.12 -5.63
C ILE A 185 -4.01 7.73 -6.81
N ARG A 186 -2.81 8.31 -6.57
CA ARG A 186 -2.08 8.96 -7.64
C ARG A 186 -2.87 10.19 -8.04
N LYS A 187 -2.84 11.23 -7.20
CA LYS A 187 -3.58 12.45 -7.50
C LYS A 187 -2.68 13.34 -8.33
N ARG A 188 -2.54 13.00 -9.63
CA ARG A 188 -1.72 13.79 -10.51
C ARG A 188 -2.38 13.72 -11.85
N ARG A 189 -2.33 14.84 -12.62
CA ARG A 189 -2.95 14.84 -13.93
C ARG A 189 -2.01 14.18 -14.90
N GLU A 190 -2.19 12.86 -15.09
CA GLU A 190 -1.38 12.12 -16.01
C GLU A 190 -2.24 11.05 -16.58
N GLU A 191 -1.99 10.68 -17.87
CA GLU A 191 -2.76 9.65 -18.53
C GLU A 191 -4.17 10.14 -18.72
N GLU A 192 -5.02 9.27 -19.32
CA GLU A 192 -6.39 9.62 -19.57
C GLU A 192 -7.14 9.68 -18.27
N GLU A 193 -6.85 8.75 -17.32
CA GLU A 193 -7.57 8.75 -16.08
C GLU A 193 -6.63 8.48 -14.94
N LYS A 194 -6.99 9.06 -13.76
CA LYS A 194 -6.22 8.86 -12.55
C LYS A 194 -6.20 7.41 -12.12
N GLU A 195 -7.25 6.69 -12.47
CA GLU A 195 -7.38 5.30 -12.10
C GLU A 195 -6.20 4.47 -12.58
N GLU A 196 -6.62 3.87 -13.73
CA GLU A 196 -5.93 2.81 -14.46
C GLU A 196 -4.50 3.23 -14.76
N ILE A 197 -3.98 4.21 -13.86
CA ILE A 197 -2.57 4.58 -14.01
C ILE A 197 -1.68 3.43 -13.57
N SER A 198 -2.11 2.62 -12.54
CA SER A 198 -1.23 1.56 -12.07
C SER A 198 -0.71 0.75 -13.25
N GLN A 199 -1.58 0.21 -14.08
CA GLN A 199 -1.08 -0.61 -15.18
C GLN A 199 -0.34 0.23 -16.20
N LEU A 200 -0.98 1.36 -16.59
CA LEU A 200 -0.65 2.02 -17.85
C LEU A 200 0.75 2.60 -17.87
N ARG A 201 1.36 3.23 -16.82
CA ARG A 201 2.55 3.94 -17.26
C ARG A 201 3.80 3.05 -17.24
N GLN A 202 4.24 2.70 -15.99
CA GLN A 202 5.47 1.92 -16.07
C GLN A 202 5.30 0.52 -15.47
N GLU A 203 4.55 0.65 -14.31
CA GLU A 203 4.42 -0.37 -13.28
C GLU A 203 4.25 -1.71 -13.94
N LEU A 204 5.28 -2.22 -14.65
CA LEU A 204 5.19 -3.64 -14.96
C LEU A 204 5.46 -4.50 -13.76
N VAL A 205 4.46 -4.16 -12.82
CA VAL A 205 4.66 -4.62 -11.46
C VAL A 205 5.17 -6.06 -11.46
N HIS A 206 4.47 -6.90 -12.17
CA HIS A 206 4.89 -8.28 -12.11
C HIS A 206 4.83 -8.83 -13.55
N LYS A 207 6.03 -9.17 -14.05
CA LYS A 207 6.17 -9.70 -15.42
C LYS A 207 5.91 -11.20 -15.41
N ALA A 208 5.41 -11.62 -14.23
CA ALA A 208 5.33 -13.03 -13.92
C ALA A 208 4.84 -13.85 -15.12
N LYS A 209 3.54 -14.03 -14.81
CA LYS A 209 2.80 -14.81 -15.80
C LYS A 209 1.67 -13.96 -16.41
N PRO A 210 1.51 -13.93 -17.73
CA PRO A 210 0.61 -12.90 -18.20
C PRO A 210 -0.76 -12.97 -17.54
N ILE A 211 -0.89 -11.78 -16.92
CA ILE A 211 -2.06 -11.43 -16.14
C ILE A 211 -2.93 -10.51 -16.99
N ARG A 212 -4.22 -10.83 -17.24
CA ARG A 212 -4.93 -9.72 -17.85
C ARG A 212 -5.40 -8.71 -16.78
N LYS A 213 -4.24 -7.97 -16.63
CA LYS A 213 -4.23 -6.83 -15.70
C LYS A 213 -4.72 -5.54 -16.35
N TYR A 214 -5.07 -5.88 -17.69
CA TYR A 214 -5.52 -5.00 -18.75
C TYR A 214 -6.92 -4.53 -18.43
N ARG A 215 -7.04 -4.13 -17.14
CA ARG A 215 -8.27 -3.57 -16.55
C ARG A 215 -8.94 -2.55 -17.49
N ALA A 216 -8.37 -2.27 -18.70
CA ALA A 216 -8.99 -1.25 -19.53
C ALA A 216 -10.34 -1.73 -20.07
N VAL A 217 -10.77 -2.93 -19.69
CA VAL A 217 -12.08 -3.43 -20.07
C VAL A 217 -13.05 -3.51 -18.89
N GLU A 218 -12.54 -4.01 -17.73
CA GLU A 218 -13.46 -4.04 -16.60
C GLU A 218 -13.00 -3.17 -15.43
N VAL A 219 -12.91 -1.94 -16.09
CA VAL A 219 -12.46 -0.70 -15.45
C VAL A 219 -13.25 -0.42 -14.17
N LYS A 220 -14.28 -1.23 -13.91
CA LYS A 220 -15.14 -1.08 -12.76
C LYS A 220 -14.42 -1.27 -11.42
N ALA A 221 -13.09 -0.90 -11.28
CA ALA A 221 -12.61 -1.16 -9.93
C ALA A 221 -12.38 0.14 -9.18
N SER A 222 -11.18 -0.06 -8.47
CA SER A 222 -10.87 1.07 -7.59
C SER A 222 -9.46 1.59 -7.79
N ASP A 223 -8.79 1.24 -6.61
CA ASP A 223 -7.43 1.67 -6.39
C ASP A 223 -6.39 0.66 -6.91
N VAL A 224 -6.74 -0.65 -7.04
CA VAL A 224 -5.78 -1.63 -7.57
C VAL A 224 -6.16 -2.04 -8.98
N PRO A 225 -5.18 -2.54 -9.74
CA PRO A 225 -5.44 -3.04 -11.11
C PRO A 225 -6.47 -4.13 -11.05
N LEU A 226 -7.53 -4.03 -11.85
CA LEU A 226 -8.55 -5.06 -11.82
C LEU A 226 -8.09 -6.09 -12.79
N THR A 227 -7.41 -7.11 -12.26
CA THR A 227 -6.87 -8.14 -13.10
C THR A 227 -7.51 -9.44 -12.72
N VAL A 228 -7.40 -10.45 -13.60
CA VAL A 228 -7.94 -11.75 -13.30
C VAL A 228 -7.12 -12.26 -12.13
N PRO A 229 -7.73 -13.10 -11.31
CA PRO A 229 -7.07 -13.60 -10.10
C PRO A 229 -5.79 -14.36 -10.35
N ARG A 230 -4.84 -14.18 -9.41
CA ARG A 230 -3.56 -14.83 -9.47
C ARG A 230 -3.80 -16.23 -8.97
N SER A 231 -3.42 -17.25 -9.78
CA SER A 231 -3.65 -18.61 -9.38
C SER A 231 -2.49 -19.08 -8.55
N PRO A 232 -2.80 -19.77 -7.47
CA PRO A 232 -1.80 -20.32 -6.59
C PRO A 232 -1.34 -21.68 -7.03
N ASN A 233 -0.13 -22.09 -6.58
CA ASN A 233 0.40 -23.39 -6.94
C ASN A 233 0.55 -23.44 -8.44
N PHE A 234 0.09 -24.55 -9.07
CA PHE A 234 0.21 -24.67 -10.49
C PHE A 234 -1.14 -24.99 -11.05
N SER A 235 -1.50 -24.31 -12.15
CA SER A 235 -2.76 -24.53 -12.79
C SER A 235 -2.61 -24.00 -14.18
N ASP A 236 -3.53 -24.35 -15.09
CA ASP A 236 -3.43 -23.87 -16.45
C ASP A 236 -3.54 -22.37 -16.44
N ARG A 237 -4.53 -21.83 -15.68
CA ARG A 237 -4.73 -20.40 -15.57
C ARG A 237 -6.09 -20.20 -14.98
N PHE A 238 -6.28 -19.09 -14.25
CA PHE A 238 -7.56 -18.80 -13.66
C PHE A 238 -8.42 -18.19 -14.74
N LYS A 239 -7.76 -17.64 -15.80
CA LYS A 239 -8.46 -17.02 -16.89
C LYS A 239 -9.29 -18.05 -17.59
N CYS A 240 -8.75 -19.28 -17.74
CA CYS A 240 -9.47 -20.33 -18.43
C CYS A 240 -10.49 -20.91 -17.44
N VAL A 1 -21.52 4.45 2.59
CA VAL A 1 -20.89 3.70 3.72
C VAL A 1 -19.47 3.33 3.38
N PRO A 2 -18.57 4.28 3.52
CA PRO A 2 -17.16 4.08 3.25
C PRO A 2 -16.45 3.46 4.42
N VAL A 3 -16.79 2.20 4.72
CA VAL A 3 -16.22 1.58 5.92
C VAL A 3 -15.38 0.32 5.67
N ILE A 4 -14.11 0.33 6.18
CA ILE A 4 -13.35 -0.92 6.24
C ILE A 4 -13.94 -1.90 7.27
N LYS A 5 -13.40 -1.52 8.55
CA LYS A 5 -13.70 -2.25 9.79
C LYS A 5 -13.89 -3.77 9.57
N ALA A 6 -12.99 -4.26 8.74
CA ALA A 6 -12.96 -5.70 8.42
C ALA A 6 -12.42 -6.54 9.59
N THR A 7 -12.83 -7.82 9.63
CA THR A 7 -12.43 -8.71 10.73
C THR A 7 -10.91 -8.80 10.90
N ARG A 8 -10.44 -8.79 12.17
CA ARG A 8 -9.00 -8.85 12.38
C ARG A 8 -8.55 -10.31 12.27
N MET A 9 -7.36 -10.51 11.67
CA MET A 9 -6.80 -11.81 11.43
C MET A 9 -5.78 -11.55 10.35
N PRO A 10 -5.07 -12.56 9.83
CA PRO A 10 -4.14 -12.33 8.74
C PRO A 10 -4.80 -11.54 7.65
N HIS A 11 -4.01 -10.67 7.00
CA HIS A 11 -4.54 -9.75 6.02
C HIS A 11 -4.80 -10.37 4.67
N TYR A 12 -3.76 -10.95 4.08
CA TYR A 12 -3.84 -11.55 2.79
C TYR A 12 -4.32 -12.90 3.08
N GLY A 13 -5.59 -12.90 3.39
CA GLY A 13 -6.24 -14.04 3.87
C GLY A 13 -6.97 -13.59 5.13
N VAL A 14 -7.62 -12.39 4.96
CA VAL A 14 -8.54 -11.76 5.91
C VAL A 14 -9.77 -11.83 5.05
N PRO A 15 -10.99 -11.49 5.51
CA PRO A 15 -12.12 -11.50 4.57
C PRO A 15 -11.63 -10.81 3.33
N PHE A 16 -11.65 -11.48 2.18
CA PHE A 16 -10.94 -10.92 1.08
C PHE A 16 -11.59 -9.80 0.39
N LYS A 17 -12.72 -10.02 -0.27
CA LYS A 17 -13.24 -8.92 -1.00
C LYS A 17 -14.72 -9.03 -1.17
N PRO A 18 -15.46 -8.80 -0.11
CA PRO A 18 -16.90 -8.79 -0.18
C PRO A 18 -17.35 -7.56 -0.90
N LYS A 19 -16.43 -6.58 -0.92
CA LYS A 19 -16.63 -5.32 -1.57
C LYS A 19 -15.26 -4.72 -1.67
N LEU A 20 -15.08 -3.68 -2.51
CA LEU A 20 -13.78 -3.06 -2.62
C LEU A 20 -13.60 -2.22 -1.38
N VAL A 21 -12.32 -2.00 -0.89
CA VAL A 21 -12.21 -1.18 0.30
C VAL A 21 -12.77 0.14 -0.15
N GLU A 22 -13.64 0.74 0.67
CA GLU A 22 -14.34 1.94 0.29
C GLU A 22 -13.42 3.10 0.31
N GLN A 23 -12.22 2.88 0.83
CA GLN A 23 -11.24 3.90 0.92
C GLN A 23 -10.74 4.21 -0.49
N ARG A 24 -11.41 3.67 -1.53
CA ARG A 24 -10.98 3.89 -2.90
C ARG A 24 -11.20 5.32 -3.31
N GLN A 25 -12.17 6.03 -2.70
CA GLN A 25 -12.42 7.39 -3.10
C GLN A 25 -11.79 8.29 -2.07
N VAL A 26 -10.87 9.16 -2.52
CA VAL A 26 -10.20 10.05 -1.56
C VAL A 26 -11.12 10.91 -0.69
N ASP A 27 -12.36 11.17 -1.15
CA ASP A 27 -13.23 12.00 -0.33
C ASP A 27 -13.93 11.22 0.78
N VAL A 28 -13.86 9.88 0.74
CA VAL A 28 -14.50 9.11 1.80
C VAL A 28 -13.58 7.96 2.15
N CYS A 29 -12.33 8.54 2.24
CA CYS A 29 -11.20 7.70 2.58
C CYS A 29 -10.30 8.29 3.65
N PRO A 30 -10.51 7.97 4.92
CA PRO A 30 -9.53 8.55 5.83
C PRO A 30 -8.24 7.74 5.88
N PHE A 31 -7.20 8.33 5.38
CA PHE A 31 -5.88 7.95 5.88
C PHE A 31 -5.06 9.11 6.42
N SER A 32 -5.89 9.84 7.21
CA SER A 32 -5.46 11.01 7.94
C SER A 32 -5.03 10.58 9.34
N PHE A 33 -4.45 11.46 10.11
CA PHE A 33 -3.90 10.94 11.31
C PHE A 33 -4.24 11.81 12.47
N CYS A 34 -5.05 12.87 12.24
CA CYS A 34 -5.49 13.69 13.34
C CYS A 34 -6.45 12.82 14.09
N ASP A 35 -7.21 12.05 13.28
CA ASP A 35 -8.19 11.14 13.78
C ASP A 35 -8.44 10.22 12.62
N ARG A 36 -9.35 9.22 12.79
CA ARG A 36 -9.70 8.30 11.70
C ARG A 36 -8.65 7.22 11.55
N ASP A 37 -7.58 7.25 12.37
CA ASP A 37 -6.58 6.18 12.36
C ASP A 37 -7.30 5.01 12.98
N LYS A 38 -8.23 5.30 13.92
CA LYS A 38 -8.96 4.20 14.54
C LYS A 38 -9.63 3.34 13.48
N GLU A 39 -10.31 3.91 12.46
CA GLU A 39 -10.86 3.02 11.44
C GLU A 39 -9.76 2.31 10.64
N ARG A 40 -8.72 3.10 10.37
CA ARG A 40 -7.53 2.74 9.59
C ARG A 40 -6.79 1.55 10.24
N GLN A 41 -7.18 1.15 11.53
CA GLN A 41 -6.37 0.15 12.23
C GLN A 41 -5.93 -0.99 11.32
N LEU A 42 -6.91 -1.50 10.69
CA LEU A 42 -6.77 -2.69 9.87
C LEU A 42 -5.76 -2.45 8.76
N GLN A 43 -5.83 -1.31 8.20
CA GLN A 43 -4.92 -1.05 7.09
C GLN A 43 -3.49 -1.07 7.61
N LYS A 44 -3.31 -0.36 8.75
CA LYS A 44 -2.03 -0.23 9.43
C LYS A 44 -1.51 -1.54 9.96
N GLU A 45 -2.34 -2.15 10.77
CA GLU A 45 -1.92 -3.21 11.66
C GLU A 45 -1.40 -4.42 10.91
N LYS A 46 -2.10 -4.80 9.93
CA LYS A 46 -1.97 -6.19 9.53
C LYS A 46 -0.55 -6.48 9.04
N ARG A 47 0.20 -5.64 8.21
CA ARG A 47 1.42 -6.30 7.84
C ARG A 47 2.52 -6.04 8.82
N LEU A 48 2.33 -4.93 9.55
CA LEU A 48 3.45 -4.26 10.19
C LEU A 48 4.27 -5.18 11.05
N ASP A 49 3.84 -5.15 12.29
CA ASP A 49 4.70 -5.78 13.26
C ASP A 49 5.41 -7.01 12.69
N GLU A 50 4.77 -8.17 12.95
CA GLU A 50 5.47 -9.40 12.63
C GLU A 50 6.14 -9.33 11.25
N LEU A 51 5.54 -8.66 10.23
CA LEU A 51 6.21 -8.61 8.91
C LEU A 51 6.91 -7.27 8.72
N ARG A 52 7.39 -6.65 9.83
CA ARG A 52 8.02 -5.32 9.81
C ARG A 52 9.23 -5.20 8.87
N LYS A 53 9.37 -6.05 7.83
CA LYS A 53 10.52 -5.92 6.93
C LYS A 53 10.47 -4.56 6.25
N ASP A 54 9.28 -4.16 5.75
CA ASP A 54 9.10 -2.86 5.08
C ASP A 54 7.65 -2.53 5.27
N GLU A 55 6.86 -2.34 4.17
CA GLU A 55 5.45 -2.15 4.40
C GLU A 55 4.59 -2.30 3.16
N VAL A 56 3.65 -3.31 3.22
CA VAL A 56 2.58 -3.45 2.25
C VAL A 56 1.62 -2.65 3.13
N PRO A 57 1.42 -1.39 2.76
CA PRO A 57 0.81 -0.33 3.58
C PRO A 57 -0.64 -0.14 3.68
N LYS A 58 -0.99 0.86 4.56
CA LYS A 58 -2.34 1.26 4.78
C LYS A 58 -2.92 1.38 3.41
N PHE A 59 -3.87 0.50 3.08
CA PHE A 59 -4.30 0.42 1.73
C PHE A 59 -5.49 1.21 1.37
N LYS A 60 -5.20 2.16 0.48
CA LYS A 60 -6.20 2.86 -0.21
C LYS A 60 -6.07 2.11 -1.52
N ALA A 61 -5.40 0.91 -1.35
CA ALA A 61 -5.11 -0.08 -2.35
C ALA A 61 -6.37 -0.89 -2.43
N GLN A 62 -6.29 -2.12 -2.96
CA GLN A 62 -7.46 -2.96 -3.06
C GLN A 62 -8.00 -3.18 -1.66
N PRO A 63 -9.25 -3.64 -1.56
CA PRO A 63 -10.01 -3.85 -0.32
C PRO A 63 -9.30 -4.28 0.91
N LEU A 64 -10.09 -4.29 2.05
CA LEU A 64 -9.57 -4.68 3.36
C LEU A 64 -8.64 -5.79 3.08
N PRO A 65 -7.38 -5.64 3.50
CA PRO A 65 -6.31 -6.54 3.11
C PRO A 65 -6.72 -7.85 2.52
N GLN A 66 -6.30 -8.02 1.25
CA GLN A 66 -6.65 -9.18 0.47
C GLN A 66 -5.51 -9.45 -0.47
N PHE A 67 -4.30 -9.28 0.05
CA PHE A 67 -3.05 -9.41 -0.67
C PHE A 67 -2.34 -8.18 -0.26
N ASP A 68 -3.10 -7.31 0.38
CA ASP A 68 -2.57 -6.09 0.77
C ASP A 68 -2.28 -6.06 2.26
N ASN A 69 -0.98 -6.36 2.68
CA ASN A 69 -0.51 -6.32 4.09
C ASN A 69 0.45 -7.53 4.34
N ILE A 70 0.32 -8.33 5.49
CA ILE A 70 1.29 -9.44 5.81
C ILE A 70 1.30 -10.60 4.84
N ARG A 71 0.77 -11.77 5.28
CA ARG A 71 0.83 -12.96 4.47
C ARG A 71 -0.20 -13.93 4.95
N LEU A 72 -0.45 -14.98 4.14
CA LEU A 72 -1.40 -16.00 4.52
C LEU A 72 -0.64 -17.03 5.31
N PRO A 73 -1.35 -17.77 6.14
CA PRO A 73 -0.75 -18.83 6.92
C PRO A 73 -0.83 -20.15 6.23
N GLU A 74 -2.06 -20.66 5.99
CA GLU A 74 -2.23 -21.93 5.33
C GLU A 74 -3.70 -22.24 5.23
N LYS A 75 -4.49 -21.79 6.24
CA LYS A 75 -5.92 -22.10 6.24
C LYS A 75 -6.75 -20.89 5.80
N LYS A 76 -6.09 -19.76 5.49
CA LYS A 76 -6.87 -18.58 5.15
C LYS A 76 -7.10 -18.47 3.64
N VAL A 77 -6.15 -19.01 2.82
CA VAL A 77 -6.30 -18.92 1.38
C VAL A 77 -7.19 -20.07 0.94
N LYS A 78 -8.40 -19.78 1.51
CA LYS A 78 -9.55 -20.62 1.31
C LYS A 78 -10.56 -19.77 0.59
N MET A 79 -10.71 -18.49 1.04
CA MET A 79 -11.65 -17.59 0.43
C MET A 79 -10.99 -17.03 -0.81
N PRO A 80 -11.79 -16.72 -1.81
CA PRO A 80 -11.29 -16.15 -3.05
C PRO A 80 -11.13 -14.65 -3.04
N THR A 81 -10.05 -14.16 -3.69
CA THR A 81 -9.81 -12.73 -3.79
C THR A 81 -10.49 -12.32 -5.08
N GLN A 82 -11.00 -11.08 -5.16
CA GLN A 82 -11.69 -10.64 -6.36
C GLN A 82 -10.70 -10.17 -7.38
N GLN A 83 -10.68 -8.84 -7.69
CA GLN A 83 -9.81 -8.34 -8.73
C GLN A 83 -8.55 -7.76 -8.13
N GLU A 84 -7.38 -8.35 -8.50
CA GLU A 84 -6.11 -7.88 -7.99
C GLU A 84 -5.06 -8.40 -8.92
N PRO A 85 -3.92 -7.74 -8.96
CA PRO A 85 -2.81 -8.18 -9.80
C PRO A 85 -2.28 -9.42 -9.23
N PHE A 86 -1.73 -9.17 -8.06
CA PHE A 86 -1.21 -10.27 -7.26
C PHE A 86 -1.91 -10.56 -5.93
N ASP A 87 -1.93 -11.81 -5.58
CA ASP A 87 -2.27 -12.09 -4.18
C ASP A 87 -1.07 -12.52 -3.31
N LEU A 88 -0.07 -11.75 -3.94
CA LEU A 88 1.32 -11.98 -3.55
C LEU A 88 1.69 -11.17 -2.30
N GLU A 89 1.22 -11.99 -1.36
CA GLU A 89 1.69 -11.93 0.03
C GLU A 89 1.98 -13.29 0.66
N ILE A 90 1.85 -14.03 -0.43
CA ILE A 90 1.81 -15.48 -0.59
C ILE A 90 3.19 -15.99 -0.20
N GLU A 91 3.28 -16.88 0.85
CA GLU A 91 4.59 -17.31 1.35
C GLU A 91 5.47 -17.90 0.27
N LYS A 92 4.87 -18.65 -0.63
CA LYS A 92 5.61 -19.20 -1.76
C LYS A 92 6.12 -18.09 -2.67
N ARG A 93 5.11 -17.98 -3.55
CA ARG A 93 5.16 -16.96 -4.57
C ARG A 93 5.53 -15.64 -3.93
N GLY A 94 4.44 -15.01 -3.43
CA GLY A 94 4.40 -13.64 -3.02
C GLY A 94 5.62 -13.35 -2.20
N ALA A 95 5.63 -13.59 -0.88
CA ALA A 95 6.83 -13.19 -0.16
C ALA A 95 8.09 -13.25 -1.02
N SER A 96 8.29 -14.25 -1.93
CA SER A 96 9.43 -14.19 -2.83
C SER A 96 9.38 -12.96 -3.73
N LYS A 97 8.15 -12.65 -4.18
CA LYS A 97 7.80 -11.53 -5.02
C LYS A 97 8.03 -10.23 -4.26
N LEU A 98 8.15 -10.27 -2.91
CA LEU A 98 8.30 -9.04 -2.15
C LEU A 98 9.36 -8.16 -2.78
N GLN A 99 10.50 -8.68 -3.28
CA GLN A 99 11.43 -7.76 -3.92
C GLN A 99 10.78 -7.13 -5.16
N ARG A 100 10.14 -7.95 -6.02
CA ARG A 100 9.46 -7.45 -7.22
C ARG A 100 8.26 -6.59 -6.82
N TRP A 101 7.66 -6.91 -5.63
CA TRP A 101 6.48 -6.25 -5.10
C TRP A 101 6.66 -4.76 -5.17
N GLN A 102 7.93 -4.28 -5.02
CA GLN A 102 8.20 -2.87 -4.94
C GLN A 102 7.40 -2.12 -5.98
N GLN A 103 7.40 -2.60 -7.18
CA GLN A 103 6.78 -1.85 -8.26
C GLN A 103 5.27 -1.72 -8.07
N GLN A 104 4.45 -2.74 -7.62
CA GLN A 104 3.02 -2.43 -7.67
C GLN A 104 2.62 -1.54 -6.51
N ILE A 105 2.71 -2.05 -5.24
CA ILE A 105 2.25 -1.25 -4.12
C ILE A 105 3.12 -0.03 -3.97
N GLN A 106 4.52 -0.09 -4.08
CA GLN A 106 5.23 1.13 -3.77
C GLN A 106 5.24 2.12 -4.92
N GLU A 107 5.66 1.68 -6.16
CA GLU A 107 5.85 2.66 -7.23
C GLU A 107 4.54 3.35 -7.62
N GLU A 108 3.38 2.72 -7.30
CA GLU A 108 2.09 3.36 -7.62
C GLU A 108 2.05 4.72 -6.91
N LEU A 109 2.96 4.94 -5.90
CA LEU A 109 3.07 6.21 -5.22
C LEU A 109 3.36 7.29 -6.24
N LYS A 110 3.31 8.59 -5.84
CA LYS A 110 3.48 9.66 -6.80
C LYS A 110 4.80 9.55 -7.52
N GLN A 111 5.93 9.42 -6.78
CA GLN A 111 7.24 9.32 -7.41
C GLN A 111 8.27 9.58 -6.36
N GLN A 112 9.37 8.80 -6.38
CA GLN A 112 10.44 9.01 -5.44
C GLN A 112 11.64 8.27 -5.97
N LYS A 113 12.85 8.69 -5.52
CA LYS A 113 14.06 8.07 -6.00
C LYS A 113 14.66 7.25 -4.89
N GLU A 114 14.35 7.58 -3.62
CA GLU A 114 14.91 6.83 -2.51
C GLU A 114 13.87 5.83 -2.05
N MET A 115 13.33 5.05 -2.99
CA MET A 115 12.39 4.03 -2.57
C MET A 115 13.10 2.89 -1.86
N VAL A 116 14.32 2.46 -2.37
CA VAL A 116 15.04 1.31 -1.80
C VAL A 116 15.70 1.62 -0.44
N VAL A 117 14.72 2.18 0.27
CA VAL A 117 14.85 2.55 1.65
C VAL A 117 14.25 1.40 2.46
N PHE A 118 12.95 1.79 2.74
CA PHE A 118 12.27 1.12 3.86
C PHE A 118 12.15 -0.39 3.71
N LYS A 119 13.18 -0.97 2.88
CA LYS A 119 13.51 -2.33 3.32
C LYS A 119 14.94 -2.34 3.86
N ALA A 120 15.26 -1.36 4.82
CA ALA A 120 16.58 -1.73 5.27
C ALA A 120 16.96 -1.27 6.67
N ARG A 121 15.89 -1.15 7.49
CA ARG A 121 16.20 -0.63 8.82
C ARG A 121 15.00 -0.83 9.77
N PRO A 122 15.21 -0.51 11.01
CA PRO A 122 14.10 -0.41 11.96
C PRO A 122 13.17 0.68 11.47
N ASN A 123 11.83 0.47 11.72
CA ASN A 123 10.81 1.42 11.33
C ASN A 123 11.31 2.62 10.52
N THR A 124 11.78 2.20 9.26
CA THR A 124 11.96 3.19 8.20
C THR A 124 10.88 2.93 7.15
N VAL A 125 9.82 2.43 7.82
CA VAL A 125 8.84 1.88 6.89
C VAL A 125 7.68 2.87 6.71
N VAL A 126 8.06 4.07 6.84
CA VAL A 126 6.94 4.98 6.92
C VAL A 126 7.27 6.27 6.15
N HIS A 127 7.11 5.90 4.87
CA HIS A 127 7.22 6.78 3.76
C HIS A 127 5.86 7.21 3.64
N GLN A 128 5.41 7.72 2.50
CA GLN A 128 3.99 7.99 2.55
C GLN A 128 3.08 6.75 2.59
N GLU A 129 3.71 5.54 2.69
CA GLU A 129 2.88 4.34 2.66
C GLU A 129 2.31 3.85 4.02
N PRO A 130 3.08 3.37 5.01
CA PRO A 130 2.47 3.28 6.33
C PRO A 130 2.68 4.53 7.17
N PHE A 131 1.73 5.48 7.15
CA PHE A 131 2.57 6.61 7.55
C PHE A 131 2.42 6.84 9.05
N VAL A 132 1.34 6.26 9.59
CA VAL A 132 0.89 6.48 10.97
C VAL A 132 1.96 6.26 12.02
N PRO A 133 2.03 7.23 12.95
CA PRO A 133 2.98 7.24 14.05
C PRO A 133 2.65 6.34 15.19
N LYS A 134 3.69 6.10 16.00
CA LYS A 134 3.63 5.28 17.18
C LYS A 134 5.07 4.94 17.40
N LYS A 135 5.41 3.65 17.36
CA LYS A 135 6.82 3.28 17.50
C LYS A 135 7.63 3.50 16.22
N GLU A 136 6.91 3.80 15.11
CA GLU A 136 7.57 3.91 13.81
C GLU A 136 7.96 5.37 13.57
N ASN A 137 7.05 6.30 13.79
CA ASN A 137 7.45 7.67 13.51
C ASN A 137 8.15 8.22 14.75
N ARG A 138 8.88 7.28 15.42
CA ARG A 138 9.86 7.82 16.34
C ARG A 138 10.95 8.63 15.65
N SER A 139 11.46 9.72 16.20
CA SER A 139 12.31 10.54 15.35
C SER A 139 13.48 9.74 14.79
N LEU A 140 14.54 10.61 14.80
CA LEU A 140 15.91 10.18 14.60
C LEU A 140 16.66 10.01 15.90
N THR A 141 16.19 8.74 16.36
CA THR A 141 16.44 8.38 17.75
C THR A 141 17.93 8.42 18.02
N GLU A 142 18.29 7.25 18.66
CA GLU A 142 19.66 7.04 19.08
C GLU A 142 20.36 6.13 18.12
N SER A 143 19.71 4.99 17.81
CA SER A 143 20.29 4.01 16.91
C SER A 143 19.51 4.05 15.64
N LEU A 144 18.48 4.91 15.64
CA LEU A 144 17.64 5.10 14.50
C LEU A 144 16.52 4.08 14.49
N SER A 145 15.30 4.53 14.89
CA SER A 145 14.12 3.70 14.81
C SER A 145 13.60 3.51 13.38
N GLY A 146 14.30 4.23 12.60
CA GLY A 146 13.98 4.58 11.22
C GLY A 146 12.97 5.74 11.13
N SER A 147 13.99 6.59 11.06
CA SER A 147 13.64 7.92 10.55
C SER A 147 13.56 7.85 9.04
N ILE A 148 12.86 8.63 8.51
CA ILE A 148 12.50 8.10 7.22
C ILE A 148 13.54 8.51 6.20
N VAL A 149 14.50 7.61 5.73
CA VAL A 149 15.53 8.28 4.96
C VAL A 149 15.30 7.86 3.51
N GLN A 150 14.23 8.59 3.51
CA GLN A 150 13.18 8.59 2.51
C GLN A 150 12.21 9.72 2.75
N GLU A 151 11.19 9.87 1.98
CA GLU A 151 10.36 10.98 2.41
C GLU A 151 9.59 10.60 3.68
N GLY A 152 9.68 11.48 4.67
CA GLY A 152 9.00 11.30 5.90
C GLY A 152 8.35 12.60 6.16
N PHE A 153 7.84 12.79 7.39
CA PHE A 153 7.18 14.06 7.68
C PHE A 153 8.20 15.18 7.50
N GLU A 154 9.06 15.22 8.50
CA GLU A 154 10.29 15.99 8.40
C GLU A 154 11.47 15.03 8.53
N LEU A 155 10.94 13.88 8.99
CA LEU A 155 11.79 12.99 9.75
C LEU A 155 12.67 12.18 8.82
N ALA A 156 12.87 12.77 7.64
CA ALA A 156 14.05 12.21 7.00
C ALA A 156 15.26 13.06 7.34
N THR A 157 16.52 12.56 7.26
CA THR A 157 17.62 13.44 7.64
C THR A 157 17.42 14.86 7.17
N ALA A 158 18.09 15.01 6.01
CA ALA A 158 18.15 16.30 5.35
C ALA A 158 16.77 16.83 4.99
N LYS A 159 15.66 15.99 4.90
CA LYS A 159 14.42 16.53 4.35
C LYS A 159 13.68 17.24 5.46
N ARG A 160 14.54 17.55 6.52
CA ARG A 160 13.85 18.22 7.63
C ARG A 160 13.81 19.72 7.35
N ALA A 161 15.05 20.30 7.23
CA ALA A 161 15.26 21.72 7.36
C ALA A 161 14.54 22.46 6.27
N LYS A 162 14.62 22.08 4.99
CA LYS A 162 14.07 22.94 3.97
C LYS A 162 12.59 23.18 4.21
N GLU A 163 11.84 22.12 4.47
CA GLU A 163 10.39 22.25 4.53
C GLU A 163 9.92 23.03 5.76
N ARG A 164 10.69 23.09 6.87
CA ARG A 164 10.10 23.49 8.14
C ARG A 164 9.39 24.82 7.99
N GLN A 165 9.94 25.88 7.34
CA GLN A 165 9.27 27.16 7.52
C GLN A 165 7.88 27.15 6.93
N GLU A 166 7.70 26.79 5.63
CA GLU A 166 6.34 26.89 5.11
C GLU A 166 5.53 25.67 5.49
N PHE A 167 6.28 24.62 5.77
CA PHE A 167 5.75 23.27 5.86
C PHE A 167 4.70 23.20 6.96
N ASP A 168 5.22 22.66 8.14
CA ASP A 168 4.32 22.14 9.15
C ASP A 168 2.95 22.80 9.15
N LYS A 169 2.91 23.76 10.10
CA LYS A 169 1.60 24.23 10.51
C LYS A 169 0.63 24.28 9.34
N CYS A 170 0.99 24.74 8.13
CA CYS A 170 -0.06 24.67 7.12
C CYS A 170 -0.09 23.31 6.46
N LEU A 171 1.06 22.89 5.87
CA LEU A 171 1.06 21.73 4.99
C LEU A 171 1.10 20.46 5.84
N ALA A 172 1.55 20.45 7.12
CA ALA A 172 1.86 19.19 7.76
C ALA A 172 0.75 18.15 7.60
N GLU A 173 -0.48 18.42 8.00
CA GLU A 173 -1.48 17.37 7.85
C GLU A 173 -1.87 17.21 6.40
N THR A 174 -1.94 18.32 5.61
CA THR A 174 -2.29 18.08 4.21
C THR A 174 -1.25 17.18 3.55
N GLU A 175 0.08 17.24 3.97
CA GLU A 175 0.98 16.23 3.41
C GLU A 175 0.47 14.84 3.79
N ALA A 176 -0.01 14.71 5.02
CA ALA A 176 -0.56 13.43 5.45
C ALA A 176 -1.69 12.99 4.50
N GLN A 177 -2.53 13.96 4.07
CA GLN A 177 -3.51 13.58 3.05
C GLN A 177 -2.81 13.14 1.78
N LYS A 178 -1.78 13.92 1.38
CA LYS A 178 -0.99 13.60 0.19
C LYS A 178 -0.34 12.24 0.38
N SER A 179 0.16 11.96 1.60
CA SER A 179 0.87 10.72 1.87
C SER A 179 0.11 9.50 1.35
N LEU A 180 -0.54 8.93 2.37
CA LEU A 180 -1.18 7.63 2.20
C LEU A 180 -2.16 7.69 1.03
N LEU A 181 -2.96 8.75 0.85
CA LEU A 181 -3.95 8.71 -0.20
C LEU A 181 -3.29 8.62 -1.56
N GLU A 182 -2.22 9.41 -1.76
CA GLU A 182 -1.54 9.48 -3.06
C GLU A 182 -1.05 8.11 -3.47
N GLU A 183 -0.62 7.23 -2.52
CA GLU A 183 0.08 6.03 -2.93
C GLU A 183 -0.66 5.32 -4.07
N GLU A 184 -1.65 4.53 -3.63
CA GLU A 184 -2.32 3.68 -4.62
C GLU A 184 -3.39 4.44 -5.38
N ILE A 185 -4.20 5.31 -4.73
CA ILE A 185 -5.26 5.97 -5.48
C ILE A 185 -4.65 6.90 -6.50
N ARG A 186 -3.67 7.74 -6.10
CA ARG A 186 -3.10 8.72 -6.99
C ARG A 186 -4.12 9.80 -7.20
N LYS A 187 -3.89 10.99 -6.58
CA LYS A 187 -4.84 12.07 -6.72
C LYS A 187 -4.55 12.76 -8.03
N ARG A 188 -5.54 12.74 -8.95
CA ARG A 188 -5.36 13.36 -10.24
C ARG A 188 -5.64 14.83 -10.09
N ARG A 189 -5.03 15.65 -10.97
CA ARG A 189 -5.25 17.07 -10.92
C ARG A 189 -6.21 17.42 -12.00
N GLU A 190 -5.80 17.25 -13.28
CA GLU A 190 -6.68 17.56 -14.39
C GLU A 190 -6.92 16.29 -15.15
N GLU A 191 -5.94 15.37 -15.16
CA GLU A 191 -6.11 14.13 -15.88
C GLU A 191 -5.24 13.10 -15.21
N GLU A 192 -5.51 11.82 -15.51
CA GLU A 192 -4.75 10.75 -14.92
C GLU A 192 -3.55 10.49 -15.78
N GLU A 193 -2.41 10.21 -15.12
CA GLU A 193 -1.19 9.91 -15.84
C GLU A 193 -0.32 9.16 -14.88
N LYS A 194 -0.06 9.79 -13.71
CA LYS A 194 0.73 9.16 -12.68
C LYS A 194 0.08 7.88 -12.16
N GLU A 195 -1.23 7.83 -12.31
CA GLU A 195 -2.00 6.70 -11.85
C GLU A 195 -1.50 5.39 -12.44
N GLU A 196 -2.37 5.13 -13.47
CA GLU A 196 -2.48 3.88 -14.21
C GLU A 196 -1.15 3.51 -14.84
N ILE A 197 -0.04 4.06 -14.14
CA ILE A 197 1.30 3.69 -14.57
C ILE A 197 1.60 2.27 -14.19
N SER A 198 1.02 1.73 -13.04
CA SER A 198 1.54 0.45 -12.55
C SER A 198 1.65 -0.55 -13.70
N GLN A 199 0.61 -0.78 -14.52
CA GLN A 199 0.81 -1.80 -15.54
C GLN A 199 1.77 -1.30 -16.62
N LEU A 200 1.43 -0.11 -17.17
CA LEU A 200 1.86 0.26 -18.51
C LEU A 200 3.35 0.54 -18.60
N ARG A 201 4.15 1.20 -17.67
CA ARG A 201 5.42 1.54 -18.31
C ARG A 201 6.45 0.41 -18.19
N GLN A 202 6.91 0.21 -16.92
CA GLN A 202 7.98 -0.77 -16.88
C GLN A 202 7.59 -2.03 -16.09
N GLU A 203 6.92 -1.61 -14.94
CA GLU A 203 6.68 -2.46 -13.79
C GLU A 203 6.30 -3.83 -14.28
N LEU A 204 7.22 -4.61 -14.87
CA LEU A 204 6.93 -6.03 -14.91
C LEU A 204 7.09 -6.68 -13.56
N VAL A 205 6.14 -5.99 -12.79
CA VAL A 205 6.06 -6.18 -11.35
C VAL A 205 5.89 -7.66 -11.00
N HIS A 206 4.92 -8.26 -11.62
CA HIS A 206 4.77 -9.69 -11.38
C HIS A 206 4.52 -10.35 -12.74
N LYS A 207 5.58 -11.07 -13.20
CA LYS A 207 5.53 -11.60 -14.57
C LYS A 207 5.14 -13.07 -14.53
N ALA A 208 4.97 -13.62 -13.33
CA ALA A 208 4.87 -15.05 -13.18
C ALA A 208 3.93 -15.67 -14.22
N LYS A 209 2.73 -15.76 -13.55
CA LYS A 209 1.74 -16.32 -14.45
C LYS A 209 0.75 -15.23 -14.92
N PRO A 210 0.58 -15.14 -16.21
CA PRO A 210 -0.09 -13.94 -16.68
C PRO A 210 -1.47 -13.76 -16.07
N ILE A 211 -1.40 -12.59 -15.47
CA ILE A 211 -2.53 -11.94 -14.83
C ILE A 211 -3.20 -11.02 -15.85
N ARG A 212 -4.52 -11.15 -16.11
CA ARG A 212 -4.98 -10.07 -16.97
C ARG A 212 -5.19 -8.77 -16.17
N LYS A 213 -3.92 -8.26 -16.13
CA LYS A 213 -3.69 -6.94 -15.49
C LYS A 213 -3.94 -5.79 -16.46
N TYR A 214 -4.27 -6.40 -17.68
CA TYR A 214 -4.56 -5.80 -18.95
C TYR A 214 -5.96 -5.24 -18.92
N ARG A 215 -6.14 -4.46 -17.84
CA ARG A 215 -7.36 -3.67 -17.50
C ARG A 215 -8.20 -3.20 -18.70
N ALA A 216 -8.01 -3.72 -19.94
CA ALA A 216 -8.69 -3.12 -21.08
C ALA A 216 -10.21 -3.27 -20.96
N VAL A 217 -10.75 -3.84 -19.85
CA VAL A 217 -12.20 -3.87 -19.70
C VAL A 217 -12.71 -2.80 -18.72
N GLU A 218 -11.98 -2.68 -17.59
CA GLU A 218 -12.33 -1.58 -16.68
C GLU A 218 -11.23 -0.55 -16.52
N VAL A 219 -11.18 -0.19 -17.85
CA VAL A 219 -10.16 0.60 -18.50
C VAL A 219 -9.44 1.65 -17.69
N LYS A 220 -9.92 2.37 -16.64
CA LYS A 220 -8.91 3.25 -16.08
C LYS A 220 -8.27 2.49 -14.95
N ALA A 221 -8.69 2.69 -13.67
CA ALA A 221 -8.18 1.77 -12.67
C ALA A 221 -9.27 1.35 -11.71
N SER A 222 -8.56 1.34 -10.52
CA SER A 222 -9.19 1.22 -9.22
C SER A 222 -8.52 2.07 -8.17
N ASP A 223 -7.91 1.14 -7.34
CA ASP A 223 -6.86 1.56 -6.42
C ASP A 223 -5.48 1.09 -6.86
N VAL A 224 -5.52 -0.12 -7.50
CA VAL A 224 -4.40 -0.84 -8.11
C VAL A 224 -4.67 -0.91 -9.60
N PRO A 225 -3.68 -1.26 -10.45
CA PRO A 225 -3.92 -1.44 -11.89
C PRO A 225 -5.12 -2.33 -12.04
N LEU A 226 -6.13 -1.92 -12.83
CA LEU A 226 -7.33 -2.73 -12.93
C LEU A 226 -6.93 -4.08 -13.46
N THR A 227 -7.03 -5.06 -12.60
CA THR A 227 -6.62 -6.39 -12.94
C THR A 227 -7.80 -7.30 -12.83
N VAL A 228 -7.69 -8.45 -13.52
CA VAL A 228 -8.71 -9.45 -13.47
C VAL A 228 -8.32 -10.31 -12.30
N PRO A 229 -9.25 -11.06 -11.76
CA PRO A 229 -8.96 -11.90 -10.59
C PRO A 229 -7.81 -12.85 -10.76
N ARG A 230 -6.95 -12.90 -9.72
CA ARG A 230 -5.83 -13.80 -9.72
C ARG A 230 -6.30 -15.02 -8.99
N SER A 231 -6.10 -16.22 -9.58
CA SER A 231 -6.57 -17.43 -8.94
C SER A 231 -5.70 -17.69 -7.73
N PRO A 232 -6.34 -17.77 -6.57
CA PRO A 232 -5.62 -18.02 -5.32
C PRO A 232 -5.28 -19.47 -5.11
N ASN A 233 -5.86 -20.36 -5.95
CA ASN A 233 -5.61 -21.77 -5.82
C ASN A 233 -5.20 -22.26 -7.18
N PHE A 234 -4.82 -23.55 -7.28
CA PHE A 234 -4.40 -24.10 -8.54
C PHE A 234 -5.64 -24.23 -9.39
N SER A 235 -5.54 -23.74 -10.65
CA SER A 235 -6.66 -23.81 -11.55
C SER A 235 -6.13 -23.48 -12.91
N ASP A 236 -7.04 -23.28 -13.89
CA ASP A 236 -6.63 -22.96 -15.23
C ASP A 236 -6.52 -21.46 -15.32
N ARG A 237 -6.70 -20.76 -14.17
CA ARG A 237 -6.60 -19.32 -14.11
C ARG A 237 -7.92 -18.73 -14.53
N PHE A 238 -8.09 -17.42 -14.31
CA PHE A 238 -9.32 -16.75 -14.65
C PHE A 238 -9.48 -16.79 -16.15
N LYS A 239 -8.36 -16.65 -16.89
CA LYS A 239 -8.42 -16.66 -18.34
C LYS A 239 -8.95 -17.99 -18.78
N CYS A 240 -8.53 -19.09 -18.12
CA CYS A 240 -8.99 -20.41 -18.46
C CYS A 240 -8.55 -20.71 -19.92
N VAL A 1 -20.58 6.06 2.98
CA VAL A 1 -20.18 5.16 4.11
C VAL A 1 -18.80 4.61 3.87
N PRO A 2 -17.80 5.40 4.22
CA PRO A 2 -16.40 5.03 4.06
C PRO A 2 -15.93 4.11 5.14
N VAL A 3 -16.45 2.87 5.16
CA VAL A 3 -16.08 1.97 6.25
C VAL A 3 -15.27 0.73 5.85
N ILE A 4 -14.07 0.63 6.47
CA ILE A 4 -13.29 -0.61 6.38
C ILE A 4 -13.89 -1.72 7.28
N LYS A 5 -13.35 -1.47 8.60
CA LYS A 5 -13.69 -2.28 9.78
C LYS A 5 -13.93 -3.76 9.46
N ALA A 6 -13.07 -4.29 8.61
CA ALA A 6 -13.16 -5.72 8.29
C ALA A 6 -12.64 -6.61 9.43
N THR A 7 -13.05 -7.89 9.42
CA THR A 7 -12.64 -8.83 10.48
C THR A 7 -11.13 -8.91 10.64
N ARG A 8 -10.65 -9.00 11.90
CA ARG A 8 -9.21 -9.05 12.10
C ARG A 8 -8.73 -10.48 11.88
N MET A 9 -7.54 -10.60 11.24
CA MET A 9 -6.94 -11.86 10.89
C MET A 9 -5.93 -11.46 9.84
N PRO A 10 -5.19 -12.41 9.27
CA PRO A 10 -4.25 -12.09 8.20
C PRO A 10 -4.90 -11.27 7.14
N HIS A 11 -4.16 -10.29 6.60
CA HIS A 11 -4.70 -9.34 5.65
C HIS A 11 -4.98 -9.95 4.29
N TYR A 12 -3.96 -10.56 3.69
CA TYR A 12 -4.05 -11.13 2.40
C TYR A 12 -4.54 -12.49 2.67
N GLY A 13 -5.82 -12.53 2.97
CA GLY A 13 -6.42 -13.71 3.40
C GLY A 13 -7.15 -13.35 4.67
N VAL A 14 -7.85 -12.18 4.53
CA VAL A 14 -8.75 -11.59 5.51
C VAL A 14 -9.99 -11.51 4.68
N PRO A 15 -11.19 -11.33 5.22
CA PRO A 15 -12.28 -11.16 4.30
C PRO A 15 -12.01 -9.86 3.59
N PHE A 16 -11.66 -9.97 2.30
CA PHE A 16 -11.24 -8.83 1.56
C PHE A 16 -12.37 -8.19 0.83
N LYS A 17 -13.24 -8.99 0.18
CA LYS A 17 -14.28 -8.37 -0.59
C LYS A 17 -15.67 -8.80 -0.17
N PRO A 18 -16.00 -8.65 1.11
CA PRO A 18 -17.35 -8.89 1.56
C PRO A 18 -18.12 -7.63 1.31
N LYS A 19 -17.30 -6.58 1.18
CA LYS A 19 -17.73 -5.24 0.90
C LYS A 19 -16.47 -4.63 0.35
N LEU A 20 -16.56 -3.84 -0.73
CA LEU A 20 -15.37 -3.27 -1.29
C LEU A 20 -14.86 -2.18 -0.39
N VAL A 21 -13.50 -2.04 -0.23
CA VAL A 21 -13.02 -0.99 0.62
C VAL A 21 -13.29 0.28 -0.16
N GLU A 22 -13.78 1.31 0.56
CA GLU A 22 -14.19 2.55 -0.06
C GLU A 22 -13.00 3.34 -0.49
N GLN A 23 -11.81 2.85 -0.16
CA GLN A 23 -10.58 3.51 -0.50
C GLN A 23 -10.40 3.65 -2.00
N ARG A 24 -11.46 3.38 -2.81
CA ARG A 24 -11.36 3.51 -4.24
C ARG A 24 -11.21 4.98 -4.60
N GLN A 25 -11.91 5.88 -3.86
CA GLN A 25 -11.84 7.30 -4.16
C GLN A 25 -11.45 8.03 -2.91
N VAL A 26 -10.57 9.07 -3.04
CA VAL A 26 -10.12 9.79 -1.85
C VAL A 26 -11.24 10.40 -1.00
N ASP A 27 -12.44 10.60 -1.57
CA ASP A 27 -13.48 11.22 -0.76
C ASP A 27 -14.14 10.24 0.20
N VAL A 28 -13.90 8.92 0.02
CA VAL A 28 -14.49 7.96 0.93
C VAL A 28 -13.47 6.90 1.21
N CYS A 29 -12.31 7.60 1.45
CA CYS A 29 -11.12 6.86 1.81
C CYS A 29 -10.33 7.45 2.97
N PRO A 30 -10.59 7.03 4.21
CA PRO A 30 -9.76 7.69 5.22
C PRO A 30 -8.36 7.08 5.30
N PHE A 31 -7.41 7.89 4.92
CA PHE A 31 -6.05 7.66 5.43
C PHE A 31 -5.39 8.90 5.98
N SER A 32 -6.32 9.52 6.77
CA SER A 32 -6.01 10.69 7.56
C SER A 32 -5.65 10.24 8.97
N PHE A 33 -5.19 11.12 9.82
CA PHE A 33 -4.72 10.61 11.04
C PHE A 33 -5.09 11.54 12.14
N CYS A 34 -6.24 12.25 11.95
CA CYS A 34 -6.71 13.12 12.98
C CYS A 34 -7.54 12.26 13.89
N ASP A 35 -8.31 11.31 13.31
CA ASP A 35 -9.13 10.42 14.10
C ASP A 35 -9.69 9.35 13.19
N ARG A 36 -9.09 9.15 11.99
CA ARG A 36 -9.60 8.14 11.07
C ARG A 36 -8.61 7.03 10.99
N ASP A 37 -7.53 7.13 11.78
CA ASP A 37 -6.51 6.08 11.82
C ASP A 37 -7.19 4.93 12.51
N LYS A 38 -8.08 5.25 13.49
CA LYS A 38 -8.78 4.19 14.19
C LYS A 38 -9.53 3.31 13.19
N GLU A 39 -10.28 3.86 12.21
CA GLU A 39 -10.89 2.95 11.25
C GLU A 39 -9.86 2.23 10.39
N ARG A 40 -8.84 3.00 10.06
CA ARG A 40 -7.70 2.65 9.22
C ARG A 40 -6.92 1.46 9.82
N GLN A 41 -7.24 1.03 11.13
CA GLN A 41 -6.37 0.06 11.81
C GLN A 41 -5.88 -1.02 10.85
N LEU A 42 -6.82 -1.58 10.24
CA LEU A 42 -6.65 -2.75 9.39
C LEU A 42 -5.71 -2.44 8.24
N GLN A 43 -5.78 -1.27 7.67
CA GLN A 43 -4.85 -0.99 6.60
C GLN A 43 -3.43 -1.02 7.16
N LYS A 44 -3.31 -0.30 8.30
CA LYS A 44 -2.06 -0.12 9.02
C LYS A 44 -1.51 -1.41 9.57
N GLU A 45 -2.32 -1.97 10.43
CA GLU A 45 -1.90 -2.95 11.43
C GLU A 45 -1.42 -4.24 10.79
N LYS A 46 -2.07 -4.71 9.83
CA LYS A 46 -1.94 -6.13 9.60
C LYS A 46 -0.51 -6.52 9.30
N ARG A 47 0.30 -5.81 8.44
CA ARG A 47 1.58 -6.47 8.24
C ARG A 47 2.57 -6.08 9.30
N LEU A 48 2.16 -5.01 10.04
CA LEU A 48 3.07 -4.39 10.98
C LEU A 48 3.60 -5.35 12.02
N ASP A 49 2.84 -5.29 13.10
CA ASP A 49 3.41 -5.99 14.25
C ASP A 49 4.11 -7.27 13.86
N GLU A 50 3.31 -8.37 13.97
CA GLU A 50 3.95 -9.67 13.77
C GLU A 50 4.88 -9.66 12.55
N LEU A 51 4.56 -8.91 11.48
CA LEU A 51 5.43 -8.88 10.29
C LEU A 51 6.24 -7.59 10.25
N ARG A 52 6.63 -7.07 11.46
CA ARG A 52 7.31 -5.76 11.64
C ARG A 52 8.58 -5.51 10.84
N LYS A 53 8.80 -6.19 9.70
CA LYS A 53 9.97 -5.89 8.91
C LYS A 53 9.82 -4.47 8.40
N ASP A 54 8.56 -4.07 8.03
CA ASP A 54 8.30 -2.74 7.53
C ASP A 54 6.82 -2.63 7.34
N GLU A 55 6.31 -2.14 6.18
CA GLU A 55 4.87 -2.13 6.03
C GLU A 55 4.46 -2.20 4.58
N VAL A 56 3.62 -3.25 4.21
CA VAL A 56 3.01 -3.27 2.91
C VAL A 56 1.95 -2.25 3.31
N PRO A 57 2.11 -1.06 2.75
CA PRO A 57 1.45 0.21 3.15
C PRO A 57 0.03 0.28 3.60
N LYS A 58 -0.33 1.50 4.09
CA LYS A 58 -1.69 1.80 4.44
C LYS A 58 -2.21 2.20 3.10
N PHE A 59 -2.12 1.22 2.23
CA PHE A 59 -2.45 1.34 0.86
C PHE A 59 -3.86 1.67 0.69
N LYS A 60 -4.15 2.45 -0.36
CA LYS A 60 -5.50 2.68 -0.70
C LYS A 60 -5.69 1.47 -1.53
N ALA A 61 -5.53 0.33 -0.85
CA ALA A 61 -5.49 -0.96 -1.46
C ALA A 61 -6.88 -1.30 -1.88
N GLN A 62 -7.00 -2.16 -2.95
CA GLN A 62 -8.30 -2.66 -3.40
C GLN A 62 -8.91 -3.15 -2.12
N PRO A 63 -10.19 -3.48 -2.07
CA PRO A 63 -10.85 -3.78 -0.79
C PRO A 63 -9.87 -4.32 0.20
N LEU A 64 -9.87 -3.66 1.40
CA LEU A 64 -8.86 -3.84 2.44
C LEU A 64 -8.24 -5.19 2.35
N PRO A 65 -6.97 -5.23 2.73
CA PRO A 65 -6.14 -6.38 2.53
C PRO A 65 -6.66 -7.48 1.66
N GLN A 66 -6.19 -7.47 0.39
CA GLN A 66 -6.60 -8.46 -0.58
C GLN A 66 -5.37 -8.86 -1.33
N PHE A 67 -4.25 -8.75 -0.62
CA PHE A 67 -2.94 -8.99 -1.15
C PHE A 67 -2.18 -7.85 -0.61
N ASP A 68 -2.90 -6.92 0.00
CA ASP A 68 -2.28 -5.76 0.47
C ASP A 68 -2.11 -5.75 1.96
N ASN A 69 -0.85 -6.09 2.45
CA ASN A 69 -0.46 -6.04 3.88
C ASN A 69 0.57 -7.17 4.19
N ILE A 70 0.26 -8.10 5.15
CA ILE A 70 1.18 -9.14 5.69
C ILE A 70 1.39 -10.39 4.85
N ARG A 71 2.52 -11.08 5.18
CA ARG A 71 2.86 -12.33 4.53
C ARG A 71 2.23 -13.42 5.39
N LEU A 72 1.41 -14.30 4.78
CA LEU A 72 0.73 -15.31 5.57
C LEU A 72 0.80 -16.65 4.86
N PRO A 73 0.54 -17.72 5.59
CA PRO A 73 0.57 -19.08 5.05
C PRO A 73 -0.60 -19.44 4.19
N GLU A 74 -0.52 -20.64 3.54
CA GLU A 74 -1.54 -21.09 2.63
C GLU A 74 -2.72 -21.65 3.40
N LYS A 75 -2.68 -21.65 4.75
CA LYS A 75 -3.80 -22.20 5.50
C LYS A 75 -4.72 -21.09 6.03
N LYS A 76 -4.28 -19.84 5.85
CA LYS A 76 -5.09 -18.71 6.33
C LYS A 76 -5.91 -18.10 5.20
N VAL A 77 -5.40 -18.19 3.94
CA VAL A 77 -6.11 -17.58 2.82
C VAL A 77 -7.16 -18.58 2.34
N LYS A 78 -8.03 -18.66 3.39
CA LYS A 78 -9.20 -19.51 3.34
C LYS A 78 -10.13 -19.03 2.26
N MET A 79 -10.32 -17.69 2.18
CA MET A 79 -11.22 -17.14 1.19
C MET A 79 -10.41 -16.72 -0.01
N PRO A 80 -11.05 -16.74 -1.18
CA PRO A 80 -10.41 -16.34 -2.41
C PRO A 80 -10.46 -14.85 -2.68
N THR A 81 -9.34 -14.31 -3.17
CA THR A 81 -9.24 -12.89 -3.47
C THR A 81 -9.72 -12.70 -4.89
N GLN A 82 -10.18 -11.47 -5.22
CA GLN A 82 -10.63 -11.21 -6.55
C GLN A 82 -10.40 -9.76 -6.85
N GLN A 83 -10.30 -9.42 -8.16
CA GLN A 83 -10.09 -8.04 -8.59
C GLN A 83 -8.78 -7.53 -8.05
N GLU A 84 -7.67 -8.25 -8.33
CA GLU A 84 -6.37 -7.81 -7.88
C GLU A 84 -5.34 -8.43 -8.78
N PRO A 85 -4.19 -7.78 -8.93
CA PRO A 85 -3.12 -8.26 -9.81
C PRO A 85 -2.48 -9.44 -9.23
N PHE A 86 -1.82 -9.11 -8.15
CA PHE A 86 -1.21 -10.16 -7.34
C PHE A 86 -1.79 -10.39 -5.95
N ASP A 87 -1.76 -11.63 -5.56
CA ASP A 87 -2.08 -11.86 -4.14
C ASP A 87 -0.86 -12.24 -3.29
N LEU A 88 0.14 -11.47 -3.93
CA LEU A 88 1.54 -11.66 -3.57
C LEU A 88 1.91 -10.85 -2.32
N GLU A 89 1.41 -11.69 -1.40
CA GLU A 89 1.78 -11.66 0.01
C GLU A 89 2.06 -13.03 0.62
N ILE A 90 1.99 -13.76 -0.49
CA ILE A 90 2.00 -15.20 -0.67
C ILE A 90 3.41 -15.66 -0.29
N GLU A 91 3.55 -16.59 0.73
CA GLU A 91 4.87 -16.98 1.20
C GLU A 91 5.76 -17.52 0.10
N LYS A 92 5.19 -18.30 -0.80
CA LYS A 92 5.94 -18.80 -1.94
C LYS A 92 6.38 -17.67 -2.86
N ARG A 93 5.36 -17.62 -3.72
CA ARG A 93 5.32 -16.59 -4.73
C ARG A 93 5.67 -15.27 -4.10
N GLY A 94 4.59 -14.69 -3.53
CA GLY A 94 4.53 -13.32 -3.11
C GLY A 94 5.79 -13.01 -2.34
N ALA A 95 5.84 -13.27 -1.02
CA ALA A 95 7.06 -12.83 -0.34
C ALA A 95 8.28 -12.88 -1.24
N SER A 96 8.45 -13.87 -2.16
CA SER A 96 9.57 -13.79 -3.10
C SER A 96 9.48 -12.57 -4.01
N LYS A 97 8.22 -12.31 -4.46
CA LYS A 97 7.84 -11.20 -5.30
C LYS A 97 8.02 -9.90 -4.53
N LEU A 98 8.14 -9.94 -3.19
CA LEU A 98 8.22 -8.71 -2.42
C LEU A 98 9.24 -7.78 -3.03
N GLN A 99 10.40 -8.24 -3.56
CA GLN A 99 11.29 -7.27 -4.19
C GLN A 99 10.63 -6.68 -5.44
N ARG A 100 10.06 -7.54 -6.30
CA ARG A 100 9.36 -7.08 -7.51
C ARG A 100 8.10 -6.30 -7.13
N TRP A 101 7.49 -6.67 -5.96
CA TRP A 101 6.28 -6.03 -5.47
C TRP A 101 6.43 -4.55 -5.55
N GLN A 102 7.64 -4.01 -5.24
CA GLN A 102 7.80 -2.59 -5.05
C GLN A 102 7.08 -1.84 -6.14
N GLN A 103 7.17 -2.28 -7.37
CA GLN A 103 6.59 -1.53 -8.45
C GLN A 103 5.07 -1.40 -8.30
N GLN A 104 4.23 -2.42 -7.89
CA GLN A 104 2.81 -2.11 -7.99
C GLN A 104 2.35 -1.24 -6.84
N ILE A 105 2.38 -1.74 -5.56
CA ILE A 105 1.91 -0.92 -4.47
C ILE A 105 2.82 0.27 -4.31
N GLN A 106 4.20 0.20 -4.43
CA GLN A 106 4.88 1.44 -4.11
C GLN A 106 4.91 2.40 -5.29
N GLU A 107 5.35 1.96 -6.50
CA GLU A 107 5.51 2.93 -7.58
C GLU A 107 4.17 3.52 -8.02
N GLU A 108 3.05 2.86 -7.65
CA GLU A 108 1.74 3.46 -7.96
C GLU A 108 1.63 4.81 -7.21
N LEU A 109 2.58 5.06 -6.26
CA LEU A 109 2.66 6.30 -5.51
C LEU A 109 3.77 7.12 -6.16
N LYS A 110 3.95 8.44 -5.84
CA LYS A 110 4.99 9.21 -6.52
C LYS A 110 6.33 8.50 -6.39
N GLN A 111 6.61 7.94 -5.19
CA GLN A 111 7.83 7.17 -4.96
C GLN A 111 9.03 8.06 -4.89
N GLN A 112 10.17 7.45 -4.46
CA GLN A 112 11.41 8.15 -4.37
C GLN A 112 12.43 7.28 -5.05
N LYS A 113 13.64 7.83 -5.29
CA LYS A 113 14.68 7.10 -5.97
C LYS A 113 15.12 5.91 -5.16
N GLU A 114 15.20 6.05 -3.82
CA GLU A 114 15.66 4.94 -3.01
C GLU A 114 14.49 4.06 -2.68
N MET A 115 14.22 3.09 -3.56
CA MET A 115 13.14 2.16 -3.27
C MET A 115 13.43 1.31 -2.05
N VAL A 116 14.68 0.74 -2.04
CA VAL A 116 15.08 -0.24 -1.03
C VAL A 116 15.37 0.38 0.34
N VAL A 117 14.31 1.18 0.67
CA VAL A 117 14.29 1.78 1.99
C VAL A 117 13.52 0.82 2.89
N PHE A 118 12.18 1.27 3.03
CA PHE A 118 11.47 0.63 4.14
C PHE A 118 11.39 -0.89 4.05
N LYS A 119 12.43 -1.45 3.30
CA LYS A 119 12.63 -2.86 3.66
C LYS A 119 14.07 -3.05 4.14
N ALA A 120 14.46 -1.97 5.00
CA ALA A 120 15.82 -2.21 5.45
C ALA A 120 16.22 -1.53 6.76
N ARG A 121 15.24 -1.18 7.62
CA ARG A 121 15.72 -0.36 8.73
C ARG A 121 14.59 -0.19 9.79
N PRO A 122 15.01 0.45 10.89
CA PRO A 122 14.14 1.00 11.91
C PRO A 122 13.24 2.03 11.25
N ASN A 123 12.00 2.13 11.83
CA ASN A 123 10.98 3.06 11.36
C ASN A 123 11.40 3.92 10.17
N THR A 124 11.73 3.20 9.02
CA THR A 124 11.74 3.95 7.76
C THR A 124 10.62 3.38 6.90
N VAL A 125 9.79 2.91 7.87
CA VAL A 125 8.68 2.11 7.37
C VAL A 125 7.37 2.90 7.50
N VAL A 126 7.69 4.16 7.23
CA VAL A 126 6.61 5.10 7.19
C VAL A 126 6.89 6.18 6.13
N HIS A 127 6.73 5.62 4.94
CA HIS A 127 6.93 6.35 3.74
C HIS A 127 5.62 6.96 3.50
N GLN A 128 5.43 7.93 2.58
CA GLN A 128 4.06 8.39 2.52
C GLN A 128 3.02 7.32 2.11
N GLU A 129 3.53 6.06 1.92
CA GLU A 129 2.62 4.94 1.76
C GLU A 129 2.14 4.23 3.07
N PRO A 130 3.09 3.68 3.85
CA PRO A 130 2.78 3.24 5.20
C PRO A 130 2.89 4.36 6.22
N PHE A 131 1.80 5.18 6.47
CA PHE A 131 2.60 6.35 6.86
C PHE A 131 2.47 6.55 8.37
N VAL A 132 1.33 6.00 8.84
CA VAL A 132 0.76 6.18 10.17
C VAL A 132 1.65 5.88 11.33
N PRO A 133 1.33 6.58 12.43
CA PRO A 133 2.06 6.53 13.68
C PRO A 133 1.68 5.41 14.59
N LYS A 134 2.52 5.30 15.64
CA LYS A 134 2.42 4.31 16.68
C LYS A 134 3.85 4.01 16.97
N LYS A 135 4.29 2.78 16.74
CA LYS A 135 5.70 2.47 16.98
C LYS A 135 6.61 2.95 15.86
N GLU A 136 6.03 3.31 14.67
CA GLU A 136 6.88 3.69 13.54
C GLU A 136 7.01 5.21 13.50
N ASN A 137 5.95 6.05 13.61
CA ASN A 137 6.30 7.44 13.43
C ASN A 137 6.86 7.96 14.74
N ARG A 138 7.68 7.14 15.45
CA ARG A 138 8.57 7.92 16.28
C ARG A 138 9.35 8.97 15.48
N SER A 139 9.63 10.18 15.89
CA SER A 139 10.04 11.07 14.80
C SER A 139 11.31 10.58 14.14
N LEU A 140 11.89 11.69 13.74
CA LEU A 140 13.16 11.73 13.05
C LEU A 140 14.28 12.31 13.90
N THR A 141 14.51 11.20 14.78
CA THR A 141 15.27 11.41 15.99
C THR A 141 16.67 11.84 15.63
N GLU A 142 17.55 11.15 16.47
CA GLU A 142 18.99 11.36 16.38
C GLU A 142 19.71 10.12 15.95
N SER A 143 19.39 9.00 16.67
CA SER A 143 20.05 7.73 16.47
C SER A 143 19.70 7.18 15.14
N LEU A 144 18.48 7.53 14.66
CA LEU A 144 17.99 7.09 13.39
C LEU A 144 16.94 6.06 13.62
N SER A 145 15.74 6.51 14.04
CA SER A 145 14.62 5.58 14.15
C SER A 145 14.08 5.14 12.78
N GLY A 146 14.72 5.70 11.84
CA GLY A 146 14.22 5.80 10.47
C GLY A 146 13.33 7.02 10.24
N SER A 147 14.33 7.92 9.93
CA SER A 147 13.82 9.09 9.24
C SER A 147 13.48 8.71 7.82
N ILE A 148 12.58 9.31 7.17
CA ILE A 148 12.17 8.40 6.11
C ILE A 148 13.12 8.53 4.96
N VAL A 149 14.11 7.56 4.83
CA VAL A 149 15.12 7.89 3.86
C VAL A 149 14.90 6.92 2.72
N GLN A 150 13.85 7.58 2.48
CA GLN A 150 12.79 7.41 1.50
C GLN A 150 11.92 8.64 1.48
N GLU A 151 11.02 8.63 0.68
CA GLU A 151 10.21 9.83 0.84
C GLU A 151 9.20 9.62 1.98
N GLY A 152 9.13 10.59 2.91
CA GLY A 152 8.11 10.59 3.96
C GLY A 152 7.33 11.60 3.27
N PHE A 153 6.33 12.36 3.64
CA PHE A 153 5.93 13.21 2.52
C PHE A 153 7.13 14.06 2.11
N GLU A 154 7.71 14.73 3.12
CA GLU A 154 8.94 15.48 2.91
C GLU A 154 10.00 14.90 3.83
N LEU A 155 9.38 14.11 4.75
CA LEU A 155 9.97 13.81 6.04
C LEU A 155 11.05 12.77 5.88
N ALA A 156 11.96 12.98 4.90
CA ALA A 156 13.17 12.21 5.02
C ALA A 156 14.14 12.91 5.94
N THR A 157 15.21 12.18 6.38
CA THR A 157 16.21 12.78 7.27
C THR A 157 16.48 14.23 6.94
N ALA A 158 17.57 14.27 6.14
CA ALA A 158 18.10 15.54 5.69
C ALA A 158 17.00 16.47 5.18
N LYS A 159 15.76 15.95 4.85
CA LYS A 159 14.75 16.84 4.29
C LYS A 159 14.08 17.58 5.42
N ARG A 160 14.86 17.48 6.57
CA ARG A 160 14.32 18.15 7.74
C ARG A 160 14.82 19.59 7.76
N ALA A 161 16.15 19.76 7.52
CA ALA A 161 16.88 20.92 7.98
C ALA A 161 16.16 22.20 7.61
N LYS A 162 15.91 22.50 6.35
CA LYS A 162 15.33 23.80 6.10
C LYS A 162 13.91 23.87 6.63
N GLU A 163 13.21 22.80 6.36
CA GLU A 163 11.76 22.71 6.55
C GLU A 163 11.36 22.75 8.01
N ARG A 164 12.27 22.38 8.98
CA ARG A 164 11.87 22.06 10.34
C ARG A 164 10.96 23.16 10.88
N GLN A 165 11.25 24.48 10.76
CA GLN A 165 10.47 25.40 11.57
C GLN A 165 9.01 25.36 11.20
N GLU A 166 8.62 25.54 9.92
CA GLU A 166 7.19 25.52 9.62
C GLU A 166 6.70 24.10 9.52
N PHE A 167 7.65 23.26 9.22
CA PHE A 167 7.44 21.88 8.83
C PHE A 167 6.79 21.11 9.98
N ASP A 168 7.68 20.28 10.65
CA ASP A 168 7.12 19.25 11.52
C ASP A 168 5.80 19.63 12.17
N LYS A 169 6.04 20.06 13.42
CA LYS A 169 4.90 20.18 14.31
C LYS A 169 3.71 20.80 13.61
N CYS A 170 3.86 21.86 12.79
CA CYS A 170 2.63 22.41 12.26
C CYS A 170 2.16 21.61 11.05
N LEU A 171 3.04 21.45 10.00
CA LEU A 171 2.53 20.92 8.76
C LEU A 171 2.42 19.39 8.88
N ALA A 172 3.24 18.68 9.71
CA ALA A 172 3.34 17.23 9.55
C ALA A 172 1.98 16.55 9.47
N GLU A 173 1.00 16.81 10.34
CA GLU A 173 -0.27 16.10 10.19
C GLU A 173 -0.96 16.53 8.92
N THR A 174 -1.06 17.86 8.63
CA THR A 174 -1.70 18.23 7.39
C THR A 174 -0.88 17.72 6.18
N GLU A 175 0.42 17.66 6.44
CA GLU A 175 1.38 17.12 5.48
C GLU A 175 1.00 15.67 5.16
N ALA A 176 0.67 14.95 6.24
CA ALA A 176 0.24 13.57 6.17
C ALA A 176 -1.05 13.44 5.36
N GLN A 177 -1.93 14.46 5.34
CA GLN A 177 -3.18 14.27 4.64
C GLN A 177 -2.93 13.92 3.17
N LYS A 178 -2.06 14.69 2.48
CA LYS A 178 -1.79 14.40 1.08
C LYS A 178 -1.03 13.09 0.98
N SER A 179 -0.23 12.76 2.05
CA SER A 179 0.62 11.58 2.03
C SER A 179 -0.06 10.39 1.36
N LEU A 180 -0.61 9.60 2.32
CA LEU A 180 -1.18 8.30 2.01
C LEU A 180 -2.16 8.42 0.85
N LEU A 181 -2.97 9.50 0.72
CA LEU A 181 -4.01 9.47 -0.28
C LEU A 181 -3.41 9.24 -1.66
N GLU A 182 -2.29 9.89 -1.94
CA GLU A 182 -1.64 9.82 -3.24
C GLU A 182 -1.28 8.39 -3.60
N GLU A 183 -1.02 7.49 -2.59
CA GLU A 183 -0.39 6.23 -2.90
C GLU A 183 -1.12 5.51 -4.05
N GLU A 184 -2.16 4.77 -3.62
CA GLU A 184 -2.75 3.91 -4.65
C GLU A 184 -3.82 4.64 -5.47
N ILE A 185 -4.63 5.51 -4.84
CA ILE A 185 -5.65 6.19 -5.62
C ILE A 185 -5.01 7.07 -6.67
N ARG A 186 -3.98 7.85 -6.23
CA ARG A 186 -3.30 8.79 -7.11
C ARG A 186 -4.10 10.07 -7.05
N LYS A 187 -3.48 11.22 -7.43
CA LYS A 187 -4.17 12.48 -7.36
C LYS A 187 -5.36 12.46 -8.30
N ARG A 188 -5.15 12.07 -9.57
CA ARG A 188 -6.24 12.05 -10.52
C ARG A 188 -5.63 11.70 -11.85
N ARG A 189 -6.35 12.01 -12.95
CA ARG A 189 -5.85 11.72 -14.26
C ARG A 189 -5.50 13.03 -14.92
N GLU A 190 -6.36 13.49 -15.87
CA GLU A 190 -6.13 14.73 -16.59
C GLU A 190 -5.09 14.45 -17.65
N GLU A 191 -4.30 15.49 -18.02
CA GLU A 191 -3.29 15.32 -19.05
C GLU A 191 -2.15 14.50 -18.50
N GLU A 192 -2.02 14.41 -17.16
CA GLU A 192 -0.96 13.63 -16.58
C GLU A 192 -1.58 12.35 -16.11
N GLU A 193 -1.31 11.24 -16.84
CA GLU A 193 -1.91 9.98 -16.47
C GLU A 193 -1.09 9.34 -15.38
N LYS A 194 -1.03 9.99 -14.21
CA LYS A 194 -0.30 9.43 -13.07
C LYS A 194 -0.91 8.13 -12.60
N GLU A 195 -2.20 7.99 -12.79
CA GLU A 195 -2.91 6.82 -12.32
C GLU A 195 -2.30 5.53 -12.86
N GLU A 196 -3.13 5.17 -13.88
CA GLU A 196 -3.15 3.91 -14.59
C GLU A 196 -1.77 3.58 -15.16
N ILE A 197 -0.72 4.18 -14.42
CA ILE A 197 0.64 3.90 -14.83
C ILE A 197 1.01 2.47 -14.47
N SER A 198 0.47 1.88 -13.33
CA SER A 198 1.05 0.64 -12.84
C SER A 198 1.20 -0.36 -14.00
N GLN A 199 0.15 -0.64 -14.79
CA GLN A 199 0.38 -1.66 -15.82
C GLN A 199 1.31 -1.12 -16.91
N LEU A 200 0.90 0.06 -17.43
CA LEU A 200 1.31 0.44 -18.79
C LEU A 200 2.79 0.77 -18.90
N ARG A 201 3.55 1.46 -17.96
CA ARG A 201 4.78 1.87 -18.61
C ARG A 201 5.89 0.83 -18.48
N GLN A 202 6.35 0.65 -17.19
CA GLN A 202 7.49 -0.26 -17.15
C GLN A 202 7.18 -1.53 -16.35
N GLU A 203 6.50 -1.16 -15.18
CA GLU A 203 6.34 -2.00 -14.01
C GLU A 203 6.01 -3.39 -14.47
N LEU A 204 6.95 -4.12 -15.10
CA LEU A 204 6.73 -5.55 -15.19
C LEU A 204 6.96 -6.23 -13.85
N VAL A 205 6.00 -5.61 -13.05
CA VAL A 205 5.97 -5.84 -11.61
C VAL A 205 5.84 -7.33 -11.30
N HIS A 206 4.88 -7.98 -11.94
CA HIS A 206 4.79 -9.40 -11.70
C HIS A 206 4.56 -10.06 -13.05
N LYS A 207 5.64 -10.76 -13.56
CA LYS A 207 5.55 -11.31 -14.92
C LYS A 207 5.21 -12.79 -14.86
N ALA A 208 5.10 -13.33 -13.64
CA ALA A 208 5.06 -14.75 -13.47
C ALA A 208 4.11 -15.42 -14.49
N LYS A 209 2.93 -15.54 -13.79
CA LYS A 209 1.93 -16.13 -14.67
C LYS A 209 0.92 -15.07 -15.15
N PRO A 210 0.72 -15.01 -16.44
CA PRO A 210 0.01 -13.84 -16.91
C PRO A 210 -1.36 -13.69 -16.25
N ILE A 211 -1.31 -12.50 -15.68
CA ILE A 211 -2.45 -11.89 -15.02
C ILE A 211 -3.19 -11.02 -16.04
N ARG A 212 -4.48 -11.23 -16.27
CA ARG A 212 -5.02 -10.20 -17.15
C ARG A 212 -5.33 -8.90 -16.37
N LYS A 213 -4.08 -8.35 -16.34
CA LYS A 213 -3.89 -7.01 -15.73
C LYS A 213 -4.20 -5.88 -16.70
N TYR A 214 -4.51 -6.52 -17.90
CA TYR A 214 -4.85 -5.95 -19.18
C TYR A 214 -6.28 -5.45 -19.12
N ARG A 215 -6.47 -4.67 -18.04
CA ARG A 215 -7.70 -3.94 -17.68
C ARG A 215 -8.60 -3.50 -18.86
N ALA A 216 -8.43 -4.01 -20.10
CA ALA A 216 -9.19 -3.45 -21.21
C ALA A 216 -10.69 -3.67 -21.03
N VAL A 217 -11.16 -4.23 -19.89
CA VAL A 217 -12.59 -4.34 -19.68
C VAL A 217 -13.10 -3.29 -18.68
N GLU A 218 -12.32 -3.11 -17.60
CA GLU A 218 -12.65 -2.02 -16.68
C GLU A 218 -11.56 -0.95 -16.61
N VAL A 219 -11.62 -0.57 -17.93
CA VAL A 219 -10.64 0.24 -18.65
C VAL A 219 -9.88 1.29 -17.88
N LYS A 220 -10.28 1.99 -16.77
CA LYS A 220 -9.23 2.87 -16.28
C LYS A 220 -8.53 2.14 -15.15
N ALA A 221 -8.88 2.38 -13.87
CA ALA A 221 -8.30 1.50 -12.86
C ALA A 221 -9.35 1.12 -11.83
N SER A 222 -8.58 1.14 -10.67
CA SER A 222 -9.14 1.06 -9.33
C SER A 222 -8.40 1.93 -8.34
N ASP A 223 -7.77 0.99 -7.52
CA ASP A 223 -6.67 1.39 -6.66
C ASP A 223 -5.31 0.88 -7.16
N VAL A 224 -5.43 -0.35 -7.76
CA VAL A 224 -4.37 -1.11 -8.39
C VAL A 224 -4.71 -1.15 -9.88
N PRO A 225 -3.78 -1.56 -10.77
CA PRO A 225 -4.12 -1.69 -12.19
C PRO A 225 -5.31 -2.59 -12.27
N LEU A 226 -6.33 -2.26 -13.09
CA LEU A 226 -7.51 -3.09 -13.10
C LEU A 226 -7.15 -4.42 -13.70
N THR A 227 -7.12 -5.43 -12.83
CA THR A 227 -6.76 -6.74 -13.25
C THR A 227 -7.91 -7.66 -12.98
N VAL A 228 -7.92 -8.82 -13.66
CA VAL A 228 -8.94 -9.80 -13.44
C VAL A 228 -8.50 -10.53 -12.20
N PRO A 229 -9.43 -11.17 -11.53
CA PRO A 229 -9.12 -11.90 -10.30
C PRO A 229 -7.98 -12.88 -10.45
N ARG A 230 -7.03 -12.84 -9.48
CA ARG A 230 -5.92 -13.75 -9.50
C ARG A 230 -6.31 -14.90 -8.63
N SER A 231 -6.26 -16.13 -9.17
CA SER A 231 -6.64 -17.29 -8.38
C SER A 231 -5.52 -17.60 -7.43
N PRO A 232 -5.88 -18.05 -6.24
CA PRO A 232 -4.91 -18.40 -5.24
C PRO A 232 -4.41 -19.81 -5.38
N ASN A 233 -3.78 -20.10 -6.55
CA ASN A 233 -3.23 -21.42 -6.81
C ASN A 233 -4.38 -22.36 -7.13
N PHE A 234 -4.30 -23.61 -6.63
CA PHE A 234 -5.33 -24.62 -6.86
C PHE A 234 -5.25 -25.06 -8.31
N SER A 235 -4.14 -24.71 -9.01
CA SER A 235 -3.96 -25.12 -10.40
C SER A 235 -5.15 -24.68 -11.21
N ASP A 236 -5.57 -23.41 -11.06
CA ASP A 236 -6.71 -22.96 -11.82
C ASP A 236 -6.57 -21.47 -11.97
N ARG A 237 -7.34 -20.88 -12.92
CA ARG A 237 -7.28 -19.46 -13.13
C ARG A 237 -8.69 -19.00 -13.36
N PHE A 238 -9.01 -17.78 -12.86
CA PHE A 238 -10.33 -17.23 -13.02
C PHE A 238 -10.55 -16.89 -14.47
N LYS A 239 -9.49 -16.49 -15.18
CA LYS A 239 -9.62 -16.14 -16.58
C LYS A 239 -9.97 -17.36 -17.38
N CYS A 240 -9.73 -18.57 -16.81
CA CYS A 240 -10.03 -19.78 -17.53
C CYS A 240 -11.53 -20.07 -17.36
N VAL A 1 -19.78 -0.35 -2.43
CA VAL A 1 -19.61 -0.11 -0.98
C VAL A 1 -18.15 -0.01 -0.63
N PRO A 2 -17.64 1.20 -0.60
CA PRO A 2 -16.25 1.43 -0.27
C PRO A 2 -16.02 1.52 1.20
N VAL A 3 -16.39 0.46 1.92
CA VAL A 3 -16.21 0.44 3.36
C VAL A 3 -15.24 -0.64 3.90
N ILE A 4 -14.22 -0.25 4.73
CA ILE A 4 -13.42 -1.35 5.29
C ILE A 4 -14.23 -2.19 6.30
N LYS A 5 -14.00 -1.58 7.61
CA LYS A 5 -14.43 -2.21 8.86
C LYS A 5 -14.35 -3.76 8.80
N ALA A 6 -13.23 -4.20 8.19
CA ALA A 6 -13.05 -5.64 7.90
C ALA A 6 -12.62 -6.42 9.15
N THR A 7 -12.89 -7.74 9.07
CA THR A 7 -12.58 -8.68 10.16
C THR A 7 -11.11 -8.62 10.58
N ARG A 8 -10.80 -8.82 11.88
CA ARG A 8 -9.39 -8.75 12.21
C ARG A 8 -8.71 -10.02 11.68
N MET A 9 -7.58 -9.74 10.99
CA MET A 9 -6.76 -10.72 10.28
C MET A 9 -6.46 -9.96 9.01
N PRO A 10 -5.57 -10.44 8.19
CA PRO A 10 -5.23 -9.75 6.95
C PRO A 10 -6.05 -10.14 5.74
N HIS A 11 -6.63 -9.15 4.94
CA HIS A 11 -7.50 -9.48 3.76
C HIS A 11 -6.91 -10.55 2.96
N TYR A 12 -5.61 -10.42 2.68
CA TYR A 12 -4.91 -11.42 1.96
C TYR A 12 -4.84 -12.54 2.98
N GLY A 13 -6.04 -13.09 3.24
CA GLY A 13 -6.28 -14.05 4.24
C GLY A 13 -7.32 -13.49 5.27
N VAL A 14 -8.26 -12.54 4.79
CA VAL A 14 -9.39 -11.96 5.57
C VAL A 14 -10.44 -11.92 4.49
N PRO A 15 -11.74 -11.67 4.77
CA PRO A 15 -12.69 -11.56 3.66
C PRO A 15 -12.06 -10.75 2.57
N PHE A 16 -11.95 -11.33 1.36
CA PHE A 16 -11.15 -10.70 0.35
C PHE A 16 -11.70 -9.47 -0.22
N LYS A 17 -12.87 -9.51 -0.84
CA LYS A 17 -13.32 -8.29 -1.40
C LYS A 17 -14.83 -8.28 -1.46
N PRO A 18 -15.47 -8.37 -0.32
CA PRO A 18 -16.91 -8.28 -0.26
C PRO A 18 -17.31 -6.84 -0.32
N LYS A 19 -16.31 -5.98 -0.01
CA LYS A 19 -16.47 -4.56 -0.01
C LYS A 19 -15.14 -4.02 -0.46
N LEU A 20 -15.06 -2.71 -0.74
CA LEU A 20 -13.80 -2.13 -1.17
C LEU A 20 -13.27 -1.30 -0.03
N VAL A 21 -11.92 -1.11 0.06
CA VAL A 21 -11.40 -0.29 1.12
C VAL A 21 -11.86 1.14 0.75
N GLU A 22 -12.10 2.02 1.77
CA GLU A 22 -12.64 3.39 1.57
C GLU A 22 -11.95 4.22 0.51
N GLN A 23 -10.84 3.75 -0.06
CA GLN A 23 -10.09 4.48 -1.06
C GLN A 23 -10.89 4.79 -2.33
N ARG A 24 -12.23 4.61 -2.35
CA ARG A 24 -12.98 4.88 -3.56
C ARG A 24 -12.83 6.32 -3.96
N GLN A 25 -12.93 7.26 -2.99
CA GLN A 25 -12.77 8.66 -3.33
C GLN A 25 -12.02 9.30 -2.19
N VAL A 26 -11.02 10.15 -2.52
CA VAL A 26 -10.27 10.81 -1.45
C VAL A 26 -11.10 11.62 -0.45
N ASP A 27 -12.33 12.01 -0.82
CA ASP A 27 -13.13 12.78 0.10
C ASP A 27 -13.81 11.92 1.16
N VAL A 28 -13.80 10.57 0.99
CA VAL A 28 -14.40 9.72 2.01
C VAL A 28 -13.52 8.51 2.18
N CYS A 29 -12.23 9.01 2.21
CA CYS A 29 -11.14 8.09 2.42
C CYS A 29 -10.09 8.57 3.41
N PRO A 30 -10.22 8.23 4.68
CA PRO A 30 -9.17 8.68 5.57
C PRO A 30 -7.92 7.79 5.49
N PHE A 31 -6.80 8.35 5.04
CA PHE A 31 -5.55 7.70 5.45
C PHE A 31 -4.53 8.64 6.06
N SER A 32 -5.26 9.50 6.79
CA SER A 32 -4.68 10.48 7.69
C SER A 32 -5.02 10.09 9.12
N PHE A 33 -4.50 10.74 10.16
CA PHE A 33 -4.79 10.13 11.43
C PHE A 33 -4.64 11.07 12.58
N CYS A 34 -4.46 10.46 13.79
CA CYS A 34 -4.42 11.18 15.05
C CYS A 34 -5.87 11.37 15.39
N ASP A 35 -6.72 10.62 14.64
CA ASP A 35 -8.14 10.66 14.81
C ASP A 35 -8.73 9.82 13.69
N ARG A 36 -8.01 9.73 12.54
CA ARG A 36 -8.51 8.97 11.40
C ARG A 36 -7.72 7.69 11.20
N ASP A 37 -7.06 7.24 12.28
CA ASP A 37 -6.38 5.94 12.32
C ASP A 37 -7.48 4.93 12.30
N LYS A 38 -8.66 5.35 12.84
CA LYS A 38 -9.78 4.43 12.89
C LYS A 38 -10.03 3.80 11.52
N GLU A 39 -9.99 4.53 10.39
CA GLU A 39 -10.20 3.79 9.15
C GLU A 39 -8.99 2.89 8.82
N ARG A 40 -7.78 3.41 9.10
CA ARG A 40 -6.50 2.75 8.80
C ARG A 40 -6.43 1.38 9.48
N GLN A 41 -7.45 1.02 10.43
CA GLN A 41 -7.38 -0.20 11.22
C GLN A 41 -6.88 -1.39 10.40
N LEU A 42 -7.17 -1.49 9.09
CA LEU A 42 -6.60 -2.61 8.36
C LEU A 42 -5.11 -2.75 8.66
N GLN A 43 -4.35 -1.65 8.79
CA GLN A 43 -2.95 -1.92 9.06
C GLN A 43 -2.77 -2.16 10.56
N LYS A 44 -3.51 -1.47 11.44
CA LYS A 44 -3.46 -1.90 12.83
C LYS A 44 -3.62 -3.39 12.98
N GLU A 45 -4.51 -3.88 12.11
CA GLU A 45 -4.71 -5.31 11.96
C GLU A 45 -3.47 -6.03 11.48
N LYS A 46 -2.97 -5.44 10.41
CA LYS A 46 -2.00 -6.21 9.63
C LYS A 46 -0.59 -5.91 10.08
N ARG A 47 -0.23 -4.59 10.12
CA ARG A 47 1.15 -4.18 10.18
C ARG A 47 1.82 -4.68 11.43
N LEU A 48 1.05 -4.90 12.46
CA LEU A 48 1.68 -5.17 13.74
C LEU A 48 2.58 -6.37 13.70
N ASP A 49 1.92 -7.43 14.08
CA ASP A 49 2.71 -8.62 14.33
C ASP A 49 3.77 -8.86 13.25
N GLU A 50 3.33 -9.86 12.45
CA GLU A 50 4.27 -10.44 11.49
C GLU A 50 4.86 -9.38 10.58
N LEU A 51 4.13 -8.30 10.23
CA LEU A 51 4.74 -7.29 9.36
C LEU A 51 5.39 -6.21 10.17
N ARG A 52 5.81 -6.52 11.42
CA ARG A 52 6.48 -5.56 12.27
C ARG A 52 7.81 -5.10 11.64
N LYS A 53 7.99 -5.30 10.31
CA LYS A 53 9.21 -4.89 9.66
C LYS A 53 8.82 -3.82 8.64
N ASP A 54 8.45 -4.22 7.40
CA ASP A 54 8.03 -3.25 6.41
C ASP A 54 6.52 -3.26 6.45
N GLU A 55 5.82 -2.75 5.41
CA GLU A 55 4.39 -2.76 5.53
C GLU A 55 3.75 -2.69 4.19
N VAL A 56 3.12 -3.77 3.67
CA VAL A 56 2.34 -3.60 2.44
C VAL A 56 1.26 -2.65 3.03
N PRO A 57 1.14 -1.46 2.46
CA PRO A 57 0.41 -0.28 3.00
C PRO A 57 -0.98 -0.38 3.44
N LYS A 58 -1.40 0.66 4.23
CA LYS A 58 -2.77 0.80 4.63
C LYS A 58 -3.33 0.99 3.31
N PHE A 59 -4.12 0.04 2.88
CA PHE A 59 -4.43 0.08 1.53
C PHE A 59 -5.41 1.10 1.15
N LYS A 60 -4.80 2.13 0.50
CA LYS A 60 -5.47 3.17 -0.20
C LYS A 60 -5.17 2.67 -1.59
N ALA A 61 -4.76 1.39 -1.50
CA ALA A 61 -4.34 0.58 -2.54
C ALA A 61 -5.57 0.14 -3.23
N GLN A 62 -5.45 -0.91 -3.99
CA GLN A 62 -6.56 -1.47 -4.68
C GLN A 62 -7.62 -1.80 -3.62
N PRO A 63 -8.87 -2.10 -4.01
CA PRO A 63 -10.00 -2.37 -3.10
C PRO A 63 -9.63 -3.12 -1.85
N LEU A 64 -10.64 -3.34 -0.89
CA LEU A 64 -10.36 -3.91 0.46
C LEU A 64 -9.16 -4.74 0.27
N PRO A 65 -8.07 -4.35 0.95
CA PRO A 65 -6.75 -4.83 0.67
C PRO A 65 -6.64 -5.80 -0.45
N GLN A 66 -5.96 -5.38 -1.51
CA GLN A 66 -5.86 -6.20 -2.69
C GLN A 66 -4.65 -7.06 -2.60
N PHE A 67 -4.01 -6.96 -1.47
CA PHE A 67 -2.84 -7.68 -1.12
C PHE A 67 -2.79 -7.33 0.30
N ASP A 68 -2.66 -8.29 1.20
CA ASP A 68 -2.68 -7.88 2.54
C ASP A 68 -1.39 -7.26 2.83
N ASN A 69 -1.35 -6.66 3.96
CA ASN A 69 -0.21 -6.04 4.36
C ASN A 69 0.82 -7.10 4.74
N ILE A 70 0.40 -8.21 5.42
CA ILE A 70 1.37 -9.20 5.89
C ILE A 70 1.47 -10.39 4.97
N ARG A 71 1.94 -11.54 5.50
CA ARG A 71 2.06 -12.73 4.69
C ARG A 71 1.39 -13.84 5.46
N LEU A 72 0.69 -14.76 4.74
CA LEU A 72 -0.01 -15.83 5.43
C LEU A 72 0.17 -17.12 4.65
N PRO A 73 0.04 -18.24 5.35
CA PRO A 73 0.16 -19.57 4.77
C PRO A 73 -1.07 -20.04 4.06
N GLU A 74 -1.14 -21.37 3.82
CA GLU A 74 -2.25 -21.97 3.09
C GLU A 74 -3.41 -22.25 4.03
N LYS A 75 -3.27 -21.93 5.33
CA LYS A 75 -4.37 -22.20 6.25
C LYS A 75 -5.17 -20.92 6.55
N LYS A 76 -4.66 -19.77 6.08
CA LYS A 76 -5.35 -18.53 6.32
C LYS A 76 -6.19 -18.10 5.11
N VAL A 77 -5.72 -18.46 3.89
CA VAL A 77 -6.45 -18.07 2.69
C VAL A 77 -7.52 -19.11 2.44
N LYS A 78 -8.37 -18.96 3.52
CA LYS A 78 -9.56 -19.79 3.64
C LYS A 78 -10.47 -19.47 2.48
N MET A 79 -10.54 -18.17 2.11
CA MET A 79 -11.38 -17.77 1.01
C MET A 79 -10.47 -17.36 -0.11
N PRO A 80 -10.91 -17.54 -1.33
CA PRO A 80 -10.13 -17.18 -2.49
C PRO A 80 -10.16 -15.71 -2.80
N THR A 81 -9.13 -15.23 -3.52
CA THR A 81 -9.07 -13.83 -3.90
C THR A 81 -9.97 -13.66 -5.10
N GLN A 82 -10.47 -12.41 -5.31
CA GLN A 82 -11.38 -12.14 -6.40
C GLN A 82 -10.59 -11.89 -7.67
N GLN A 83 -10.77 -10.69 -8.31
CA GLN A 83 -10.06 -10.36 -9.52
C GLN A 83 -8.96 -9.40 -9.17
N GLU A 84 -7.68 -9.88 -9.21
CA GLU A 84 -6.57 -9.04 -8.85
C GLU A 84 -5.36 -9.45 -9.64
N PRO A 85 -4.41 -8.53 -9.79
CA PRO A 85 -3.14 -8.82 -10.45
C PRO A 85 -2.43 -9.73 -9.55
N PHE A 86 -1.88 -9.11 -8.52
CA PHE A 86 -1.36 -9.94 -7.45
C PHE A 86 -2.06 -9.83 -6.08
N ASP A 87 -2.24 -10.96 -5.53
CA ASP A 87 -2.56 -10.94 -4.11
C ASP A 87 -1.46 -11.52 -3.21
N LEU A 88 -0.34 -11.05 -3.98
CA LEU A 88 1.00 -11.54 -3.65
C LEU A 88 1.57 -10.80 -2.44
N GLU A 89 0.98 -11.56 -1.53
CA GLU A 89 1.37 -11.58 -0.12
C GLU A 89 1.54 -12.96 0.47
N ILE A 90 1.29 -13.66 -0.65
CA ILE A 90 1.15 -15.09 -0.85
C ILE A 90 2.52 -15.70 -0.58
N GLU A 91 2.69 -16.55 0.50
CA GLU A 91 4.03 -17.02 0.87
C GLU A 91 4.75 -17.73 -0.24
N LYS A 92 4.03 -18.51 -1.02
CA LYS A 92 4.65 -19.16 -2.17
C LYS A 92 5.15 -18.14 -3.17
N ARG A 93 4.10 -17.99 -3.97
CA ARG A 93 4.11 -16.99 -5.01
C ARG A 93 4.66 -15.71 -4.46
N GLY A 94 3.70 -14.98 -3.86
CA GLY A 94 3.86 -13.60 -3.49
C GLY A 94 5.17 -13.47 -2.76
N ALA A 95 5.23 -13.67 -1.43
CA ALA A 95 6.51 -13.41 -0.79
C ALA A 95 7.70 -13.64 -1.73
N SER A 96 7.73 -14.69 -2.58
CA SER A 96 8.82 -14.79 -3.55
C SER A 96 8.79 -13.65 -4.56
N LYS A 97 7.57 -13.36 -5.08
CA LYS A 97 7.33 -12.32 -6.06
C LYS A 97 7.51 -10.95 -5.43
N LEU A 98 7.58 -10.96 -4.08
CA LEU A 98 7.60 -9.76 -3.28
C LEU A 98 8.61 -8.79 -3.82
N GLN A 99 9.80 -9.20 -4.34
CA GLN A 99 10.68 -8.17 -4.86
C GLN A 99 9.99 -7.40 -5.99
N ARG A 100 9.30 -8.15 -6.87
CA ARG A 100 8.54 -7.57 -7.97
C ARG A 100 7.40 -6.69 -7.43
N TRP A 101 6.83 -7.10 -6.25
CA TRP A 101 5.78 -6.34 -5.58
C TRP A 101 6.17 -4.89 -5.53
N GLN A 102 7.44 -4.67 -5.20
CA GLN A 102 7.93 -3.37 -4.83
C GLN A 102 7.46 -2.33 -5.82
N GLN A 103 7.48 -2.61 -7.10
CA GLN A 103 7.12 -1.54 -8.02
C GLN A 103 5.64 -1.16 -7.87
N GLN A 104 4.64 -2.08 -7.74
CA GLN A 104 3.28 -1.54 -7.74
C GLN A 104 2.97 -0.83 -6.43
N ILE A 105 3.05 -1.53 -5.28
CA ILE A 105 2.67 -0.84 -4.07
C ILE A 105 3.60 0.33 -3.85
N GLN A 106 4.98 0.23 -4.03
CA GLN A 106 5.77 1.40 -3.70
C GLN A 106 5.81 2.41 -4.82
N GLU A 107 6.16 2.04 -6.09
CA GLU A 107 6.41 3.07 -7.08
C GLU A 107 5.18 3.97 -7.31
N GLU A 108 3.96 3.51 -6.96
CA GLU A 108 2.78 4.36 -7.22
C GLU A 108 2.92 5.73 -6.52
N LEU A 109 3.84 5.86 -5.50
CA LEU A 109 4.12 7.15 -4.88
C LEU A 109 4.99 7.93 -5.86
N LYS A 110 5.43 9.15 -5.52
CA LYS A 110 6.21 9.93 -6.47
C LYS A 110 7.45 9.16 -6.90
N GLN A 111 8.19 8.50 -5.95
CA GLN A 111 9.37 7.75 -6.37
C GLN A 111 9.80 6.89 -5.20
N GLN A 112 10.13 5.58 -5.49
CA GLN A 112 10.53 4.68 -4.41
C GLN A 112 11.64 3.79 -4.88
N LYS A 113 12.09 2.85 -4.00
CA LYS A 113 13.18 1.96 -4.34
C LYS A 113 12.81 0.53 -3.99
N GLU A 114 13.12 0.08 -2.74
CA GLU A 114 12.87 -1.31 -2.37
C GLU A 114 12.36 -1.40 -0.96
N MET A 115 11.64 -2.53 -0.66
CA MET A 115 11.15 -2.73 0.70
C MET A 115 12.28 -2.80 1.70
N VAL A 116 13.40 -3.53 1.36
CA VAL A 116 14.47 -3.63 2.37
C VAL A 116 15.31 -2.36 2.49
N VAL A 117 14.42 -1.33 2.44
CA VAL A 117 14.81 0.02 2.79
C VAL A 117 14.16 0.33 4.13
N PHE A 118 12.85 0.92 3.96
CA PHE A 118 12.17 1.24 5.22
C PHE A 118 12.01 0.07 6.17
N LYS A 119 12.98 -0.92 5.92
CA LYS A 119 13.22 -1.86 7.02
C LYS A 119 14.66 -1.68 7.51
N ALA A 120 15.09 -0.45 8.00
CA ALA A 120 16.46 -0.69 8.39
C ALA A 120 17.00 0.20 9.52
N ARG A 121 16.06 0.63 10.34
CA ARG A 121 16.56 1.53 11.39
C ARG A 121 15.44 1.79 12.44
N PRO A 122 15.77 2.60 13.41
CA PRO A 122 14.75 3.13 14.30
C PRO A 122 13.70 3.81 13.46
N ASN A 123 12.46 3.83 13.99
CA ASN A 123 11.32 4.39 13.27
C ASN A 123 11.62 4.81 11.83
N THR A 124 11.98 3.74 11.00
CA THR A 124 11.89 3.99 9.55
C THR A 124 10.75 3.15 9.02
N VAL A 125 9.95 3.03 10.09
CA VAL A 125 8.74 2.23 9.84
C VAL A 125 7.52 3.17 9.82
N VAL A 126 7.89 4.29 9.24
CA VAL A 126 6.84 5.27 9.06
C VAL A 126 7.02 5.97 7.70
N HIS A 127 6.66 5.11 6.75
CA HIS A 127 6.82 5.41 5.36
C HIS A 127 5.45 5.54 4.82
N GLN A 128 5.24 6.08 3.59
CA GLN A 128 3.85 6.05 3.20
C GLN A 128 3.20 4.66 3.19
N GLU A 129 3.95 3.61 3.39
CA GLU A 129 3.20 2.38 3.63
C GLU A 129 2.75 2.11 5.10
N PRO A 130 3.71 1.99 6.02
CA PRO A 130 3.40 2.02 7.45
C PRO A 130 3.40 3.42 8.02
N PHE A 131 2.24 4.21 8.06
CA PHE A 131 2.91 5.50 8.14
C PHE A 131 2.82 6.02 9.59
N VAL A 132 1.91 5.27 10.31
CA VAL A 132 1.35 5.58 11.65
C VAL A 132 2.34 6.02 12.72
N PRO A 133 1.78 6.81 13.66
CA PRO A 133 2.49 7.44 14.77
C PRO A 133 2.51 6.69 16.06
N LYS A 134 2.68 7.49 17.15
CA LYS A 134 2.77 7.02 18.51
C LYS A 134 4.24 6.98 18.80
N LYS A 135 4.78 5.79 19.08
CA LYS A 135 6.22 5.69 19.34
C LYS A 135 7.05 5.81 18.07
N GLU A 136 6.37 5.72 16.89
CA GLU A 136 7.09 5.68 15.61
C GLU A 136 7.14 7.08 15.02
N ASN A 137 6.02 7.83 14.89
CA ASN A 137 6.23 9.10 14.24
C ASN A 137 6.77 10.07 15.28
N ARG A 138 7.65 9.55 16.18
CA ARG A 138 8.53 10.57 16.70
C ARG A 138 9.32 11.29 15.60
N SER A 139 9.60 12.57 15.58
CA SER A 139 10.02 13.02 14.25
C SER A 139 11.31 12.36 13.82
N LEU A 140 11.89 13.26 13.07
CA LEU A 140 13.15 13.11 12.38
C LEU A 140 14.26 13.96 12.99
N THR A 141 14.55 13.15 14.12
CA THR A 141 15.31 13.69 15.22
C THR A 141 16.65 14.18 14.71
N GLU A 142 17.63 13.67 15.56
CA GLU A 142 19.00 14.10 15.37
C GLU A 142 19.91 13.11 14.70
N SER A 143 19.97 11.84 15.20
CA SER A 143 20.96 10.93 14.64
C SER A 143 20.38 9.76 13.92
N LEU A 144 19.25 9.15 14.37
CA LEU A 144 18.81 7.99 13.64
C LEU A 144 17.47 7.50 14.12
N SER A 145 16.47 8.40 14.20
CA SER A 145 15.13 7.95 14.53
C SER A 145 14.43 7.21 13.39
N GLY A 146 15.06 7.23 12.28
CA GLY A 146 14.37 6.88 11.06
C GLY A 146 13.33 7.93 10.64
N SER A 147 14.21 8.66 9.96
CA SER A 147 13.60 9.51 8.96
C SER A 147 13.11 8.64 7.82
N ILE A 148 12.26 8.97 7.02
CA ILE A 148 11.77 7.74 6.42
C ILE A 148 12.75 7.28 5.36
N VAL A 149 13.60 6.24 5.72
CA VAL A 149 14.74 6.17 4.85
C VAL A 149 14.53 4.94 3.99
N GLN A 150 13.62 5.58 3.36
CA GLN A 150 12.99 5.49 2.06
C GLN A 150 12.04 6.64 1.86
N GLU A 151 11.65 7.11 0.81
CA GLU A 151 10.88 8.32 1.08
C GLU A 151 9.45 7.94 1.46
N GLY A 152 8.96 8.77 2.37
CA GLY A 152 7.64 8.73 2.92
C GLY A 152 7.09 9.75 2.04
N PHE A 153 6.12 10.55 2.35
CA PHE A 153 5.77 11.47 1.28
C PHE A 153 7.01 12.30 0.95
N GLU A 154 7.61 13.01 1.95
CA GLU A 154 8.82 13.74 1.66
C GLU A 154 9.90 13.29 2.66
N LEU A 155 9.32 12.65 3.66
CA LEU A 155 9.92 12.71 4.98
C LEU A 155 11.04 11.70 5.09
N ALA A 156 11.90 11.61 4.03
CA ALA A 156 13.14 10.89 4.26
C ALA A 156 14.15 11.81 4.92
N THR A 157 15.25 11.22 5.48
CA THR A 157 16.27 11.99 6.18
C THR A 157 16.56 13.32 5.50
N ALA A 158 17.66 13.15 4.72
CA ALA A 158 18.23 14.29 4.04
C ALA A 158 17.17 15.16 3.35
N LYS A 159 15.94 14.61 3.12
CA LYS A 159 14.96 15.35 2.35
C LYS A 159 14.21 16.28 3.27
N ARG A 160 15.02 16.47 4.41
CA ARG A 160 14.54 17.45 5.38
C ARG A 160 15.04 18.83 5.01
N ALA A 161 16.33 18.90 4.54
CA ALA A 161 17.13 20.08 4.66
C ALA A 161 16.38 21.31 4.21
N LYS A 162 15.92 21.43 2.97
CA LYS A 162 15.33 22.70 2.59
C LYS A 162 14.01 22.91 3.32
N GLU A 163 13.26 21.86 3.29
CA GLU A 163 11.86 21.81 3.71
C GLU A 163 11.69 22.02 5.21
N ARG A 164 12.79 21.86 6.02
CA ARG A 164 12.67 21.70 7.47
C ARG A 164 11.76 22.79 8.02
N GLN A 165 11.91 24.11 7.70
CA GLN A 165 11.22 25.08 8.51
C GLN A 165 9.72 24.90 8.44
N GLU A 166 9.10 24.89 7.25
CA GLU A 166 7.65 24.73 7.25
C GLU A 166 7.26 23.28 7.43
N PHE A 167 8.20 22.49 7.01
CA PHE A 167 8.07 21.05 6.84
C PHE A 167 7.80 20.38 8.18
N ASP A 168 8.92 19.75 8.68
CA ASP A 168 8.74 18.84 9.80
C ASP A 168 7.60 19.22 10.74
N LYS A 169 8.11 19.84 11.82
CA LYS A 169 7.21 20.01 12.95
C LYS A 169 5.85 20.53 12.52
N CYS A 170 5.74 21.52 11.61
CA CYS A 170 4.38 21.98 11.37
C CYS A 170 3.67 21.06 10.38
N LEU A 171 4.26 20.86 9.17
CA LEU A 171 3.51 20.20 8.12
C LEU A 171 3.55 18.68 8.36
N ALA A 172 4.56 18.08 9.08
CA ALA A 172 4.70 16.64 9.04
C ALA A 172 3.39 15.90 9.24
N GLU A 173 2.56 16.15 10.28
CA GLU A 173 1.33 15.36 10.32
C GLU A 173 0.38 15.77 9.22
N THR A 174 0.21 17.11 8.96
CA THR A 174 -0.67 17.48 7.87
C THR A 174 -0.12 16.93 6.54
N GLU A 175 1.21 16.73 6.51
CA GLU A 175 1.87 16.11 5.37
C GLU A 175 1.24 14.74 5.12
N ALA A 176 0.85 14.07 6.23
CA ALA A 176 0.18 12.78 6.12
C ALA A 176 -1.06 12.88 5.26
N GLN A 177 -1.74 14.08 5.28
CA GLN A 177 -3.00 14.17 4.55
C GLN A 177 -2.78 13.79 3.08
N LYS A 178 -1.79 14.49 2.45
CA LYS A 178 -1.58 14.23 1.04
C LYS A 178 -0.78 12.95 0.86
N SER A 179 0.14 12.68 1.87
CA SER A 179 1.03 11.52 1.76
C SER A 179 0.30 10.28 1.26
N LEU A 180 -0.06 9.51 2.32
CA LEU A 180 -0.63 8.19 2.05
C LEU A 180 -1.64 8.29 0.90
N LEU A 181 -2.47 9.34 0.81
CA LEU A 181 -3.41 9.30 -0.29
C LEU A 181 -2.67 9.26 -1.61
N GLU A 182 -1.57 10.02 -1.69
CA GLU A 182 -0.78 10.06 -2.92
C GLU A 182 -0.23 8.69 -3.26
N GLU A 183 0.18 7.83 -2.25
CA GLU A 183 0.86 6.60 -2.64
C GLU A 183 0.04 5.82 -3.66
N GLU A 184 -0.99 5.13 -3.15
CA GLU A 184 -1.73 4.31 -4.09
C GLU A 184 -2.84 5.11 -4.79
N ILE A 185 -3.60 5.95 -4.06
CA ILE A 185 -4.67 6.67 -4.73
C ILE A 185 -4.09 7.67 -5.72
N ARG A 186 -3.05 8.44 -5.31
CA ARG A 186 -2.49 9.45 -6.18
C ARG A 186 -3.54 10.54 -6.27
N LYS A 187 -3.81 11.08 -7.48
CA LYS A 187 -4.82 12.11 -7.62
C LYS A 187 -5.59 11.80 -8.87
N ARG A 188 -6.87 12.25 -8.93
CA ARG A 188 -7.67 12.01 -10.11
C ARG A 188 -8.76 13.04 -10.10
N ARG A 189 -9.06 13.61 -11.30
CA ARG A 189 -10.11 14.60 -11.37
C ARG A 189 -10.52 14.72 -12.81
N GLU A 190 -10.36 15.94 -13.41
CA GLU A 190 -10.75 16.15 -14.79
C GLU A 190 -9.85 15.38 -15.70
N GLU A 191 -8.53 15.35 -15.39
CA GLU A 191 -7.60 14.65 -16.25
C GLU A 191 -7.28 13.34 -15.60
N GLU A 192 -7.39 12.23 -16.36
CA GLU A 192 -7.10 10.93 -15.81
C GLU A 192 -5.79 10.47 -16.40
N GLU A 193 -4.79 10.28 -15.53
CA GLU A 193 -3.48 9.84 -15.97
C GLU A 193 -2.73 9.50 -14.72
N LYS A 194 -2.91 10.37 -13.70
CA LYS A 194 -2.27 10.15 -12.41
C LYS A 194 -2.73 8.84 -11.76
N GLU A 195 -3.96 8.47 -11.96
CA GLU A 195 -4.46 7.22 -11.42
C GLU A 195 -3.66 6.04 -11.92
N GLU A 196 -4.33 5.53 -12.98
CA GLU A 196 -4.08 4.29 -13.71
C GLU A 196 -2.61 4.18 -14.08
N ILE A 197 -1.72 4.87 -13.16
CA ILE A 197 -0.28 4.76 -13.38
C ILE A 197 0.19 3.35 -13.10
N SER A 198 -0.45 2.59 -12.11
CA SER A 198 0.15 1.33 -11.71
C SER A 198 0.59 0.54 -12.95
N GLN A 199 -0.30 0.26 -13.89
CA GLN A 199 0.18 -0.52 -15.02
C GLN A 199 1.05 0.33 -15.93
N LEU A 200 0.59 1.56 -16.23
CA LEU A 200 1.03 2.24 -17.44
C LEU A 200 2.48 2.68 -17.37
N ARG A 201 3.13 3.24 -16.26
CA ARG A 201 4.40 3.83 -16.66
C ARG A 201 5.55 2.83 -16.55
N GLN A 202 5.90 2.45 -15.26
CA GLN A 202 7.07 1.57 -15.28
C GLN A 202 6.75 0.17 -14.74
N GLU A 203 5.97 0.31 -13.59
CA GLU A 203 5.66 -0.76 -12.67
C GLU A 203 5.35 -2.01 -13.46
N LEU A 204 6.33 -2.62 -14.15
CA LEU A 204 6.09 -3.96 -14.62
C LEU A 204 6.09 -4.97 -13.49
N VAL A 205 5.00 -4.57 -12.71
CA VAL A 205 4.87 -5.10 -11.37
C VAL A 205 5.25 -6.59 -11.35
N HIS A 206 4.57 -7.34 -12.15
CA HIS A 206 4.87 -8.75 -12.14
C HIS A 206 4.86 -9.23 -13.59
N LYS A 207 6.06 -9.63 -14.03
CA LYS A 207 6.29 -10.09 -15.42
C LYS A 207 5.91 -11.56 -15.53
N ALA A 208 5.29 -12.01 -14.43
CA ALA A 208 5.08 -13.42 -14.22
C ALA A 208 4.60 -14.12 -15.49
N LYS A 209 3.29 -14.22 -15.29
CA LYS A 209 2.56 -14.88 -16.37
C LYS A 209 1.56 -13.90 -17.02
N PRO A 210 1.47 -13.81 -18.35
CA PRO A 210 0.69 -12.69 -18.82
C PRO A 210 -0.71 -12.66 -18.22
N ILE A 211 -0.76 -11.49 -17.54
CA ILE A 211 -1.93 -11.05 -16.81
C ILE A 211 -2.65 -10.00 -17.63
N ARG A 212 -3.93 -10.20 -17.99
CA ARG A 212 -4.52 -9.01 -18.57
C ARG A 212 -4.96 -8.01 -17.49
N LYS A 213 -3.76 -7.40 -17.23
CA LYS A 213 -3.74 -6.28 -16.25
C LYS A 213 -4.02 -4.92 -16.90
N TYR A 214 -4.20 -5.15 -18.30
CA TYR A 214 -4.32 -4.17 -19.34
C TYR A 214 -5.67 -3.50 -19.21
N ARG A 215 -5.93 -3.08 -17.97
CA ARG A 215 -7.12 -2.33 -17.57
C ARG A 215 -7.49 -1.23 -18.58
N ALA A 216 -6.74 -1.06 -19.70
CA ALA A 216 -7.03 0.05 -20.59
C ALA A 216 -8.40 -0.09 -21.24
N VAL A 217 -9.18 -1.14 -20.88
CA VAL A 217 -10.51 -1.31 -21.42
C VAL A 217 -11.60 -1.02 -20.40
N GLU A 218 -11.43 -1.54 -19.14
CA GLU A 218 -12.52 -1.26 -18.19
C GLU A 218 -12.08 -0.45 -16.99
N VAL A 219 -11.62 0.71 -17.62
CA VAL A 219 -11.05 1.84 -16.88
C VAL A 219 -12.04 2.40 -15.87
N LYS A 220 -13.29 1.91 -15.89
CA LYS A 220 -14.34 2.40 -15.00
C LYS A 220 -14.08 2.08 -13.53
N ALA A 221 -12.78 2.02 -13.08
CA ALA A 221 -12.69 1.66 -11.67
C ALA A 221 -12.19 2.85 -10.85
N SER A 222 -11.24 2.24 -10.01
CA SER A 222 -10.65 3.16 -9.04
C SER A 222 -9.14 3.15 -9.06
N ASP A 223 -8.75 2.55 -7.86
CA ASP A 223 -7.34 2.40 -7.55
C ASP A 223 -6.77 1.07 -8.05
N VAL A 224 -7.65 0.17 -8.56
CA VAL A 224 -7.22 -1.15 -9.03
C VAL A 224 -7.13 -1.25 -10.54
N PRO A 225 -6.02 -1.84 -11.03
CA PRO A 225 -5.89 -2.15 -12.45
C PRO A 225 -6.86 -3.28 -12.73
N LEU A 226 -7.80 -3.12 -13.69
CA LEU A 226 -8.73 -4.19 -13.98
C LEU A 226 -7.94 -5.31 -14.54
N THR A 227 -7.63 -6.29 -13.68
CA THR A 227 -6.80 -7.38 -14.07
C THR A 227 -7.57 -8.66 -13.95
N VAL A 228 -7.08 -9.71 -14.66
CA VAL A 228 -7.69 -11.01 -14.57
C VAL A 228 -7.33 -11.55 -13.20
N PRO A 229 -8.16 -12.40 -12.66
CA PRO A 229 -7.93 -12.96 -11.33
C PRO A 229 -6.70 -13.82 -11.20
N ARG A 230 -5.92 -13.57 -10.12
CA ARG A 230 -4.73 -14.34 -9.85
C ARG A 230 -5.12 -15.39 -8.85
N SER A 231 -4.76 -16.67 -9.12
CA SER A 231 -5.09 -17.74 -8.21
C SER A 231 -4.14 -17.64 -7.04
N PRO A 232 -4.68 -17.57 -5.85
CA PRO A 232 -3.88 -17.46 -4.64
C PRO A 232 -3.15 -18.73 -4.28
N ASN A 233 -3.73 -19.89 -4.66
CA ASN A 233 -3.09 -21.13 -4.34
C ASN A 233 -3.62 -22.19 -5.27
N PHE A 234 -3.03 -22.29 -6.48
CA PHE A 234 -3.47 -23.28 -7.41
C PHE A 234 -2.41 -23.35 -8.48
N SER A 235 -2.16 -24.57 -9.02
CA SER A 235 -1.14 -24.73 -10.03
C SER A 235 -1.52 -23.98 -11.28
N ASP A 236 -2.83 -23.95 -11.61
CA ASP A 236 -3.27 -23.27 -12.81
C ASP A 236 -3.89 -21.95 -12.39
N ARG A 237 -3.58 -20.88 -13.15
CA ARG A 237 -4.15 -19.59 -12.86
C ARG A 237 -5.49 -19.53 -13.52
N PHE A 238 -6.34 -18.59 -13.06
CA PHE A 238 -7.67 -18.45 -13.62
C PHE A 238 -7.54 -18.01 -15.06
N LYS A 239 -6.52 -17.18 -15.36
CA LYS A 239 -6.31 -16.71 -16.71
C LYS A 239 -6.07 -17.91 -17.60
N CYS A 240 -5.23 -18.85 -17.13
CA CYS A 240 -4.94 -20.02 -17.91
C CYS A 240 -4.34 -21.07 -16.98
N VAL A 1 -22.50 3.24 1.03
CA VAL A 1 -21.77 2.85 2.27
C VAL A 1 -20.29 2.80 2.02
N PRO A 2 -19.66 3.95 2.06
CA PRO A 2 -18.23 4.07 1.83
C PRO A 2 -17.43 3.83 3.08
N VAL A 3 -17.60 2.62 3.62
CA VAL A 3 -16.94 2.25 4.86
C VAL A 3 -15.98 1.06 4.78
N ILE A 4 -14.72 1.21 5.35
CA ILE A 4 -13.89 -0.01 5.38
C ILE A 4 -14.51 -1.10 6.26
N LYS A 5 -14.09 -0.85 7.61
CA LYS A 5 -14.45 -1.76 8.72
C LYS A 5 -14.56 -3.23 8.29
N ALA A 6 -13.57 -3.58 7.47
CA ALA A 6 -13.47 -4.91 6.84
C ALA A 6 -13.06 -5.98 7.85
N THR A 7 -13.46 -7.25 7.61
CA THR A 7 -13.16 -8.34 8.56
C THR A 7 -11.66 -8.47 8.83
N ARG A 8 -11.27 -8.70 10.10
CA ARG A 8 -9.82 -8.80 10.33
C ARG A 8 -9.38 -10.22 9.96
N MET A 9 -8.22 -10.25 9.27
CA MET A 9 -7.61 -11.44 8.75
C MET A 9 -6.71 -10.84 7.70
N PRO A 10 -5.91 -11.59 6.98
CA PRO A 10 -5.06 -10.98 5.95
C PRO A 10 -5.86 -10.25 4.92
N HIS A 11 -5.34 -9.11 4.40
CA HIS A 11 -6.10 -8.34 3.41
C HIS A 11 -6.13 -9.12 2.15
N TYR A 12 -4.95 -9.61 1.79
CA TYR A 12 -4.79 -10.37 0.60
C TYR A 12 -5.28 -11.70 0.96
N GLY A 13 -6.60 -11.70 1.10
CA GLY A 13 -7.32 -12.80 1.59
C GLY A 13 -8.20 -12.30 2.73
N VAL A 14 -8.86 -11.10 2.45
CA VAL A 14 -9.86 -10.43 3.31
C VAL A 14 -10.93 -10.10 2.30
N PRO A 15 -12.21 -9.96 2.66
CA PRO A 15 -13.12 -9.48 1.64
C PRO A 15 -12.73 -8.06 1.43
N PHE A 16 -12.08 -7.79 0.28
CA PHE A 16 -11.53 -6.49 0.05
C PHE A 16 -12.31 -5.60 -0.86
N LYS A 17 -12.44 -5.99 -2.13
CA LYS A 17 -13.07 -5.13 -3.08
C LYS A 17 -13.71 -5.99 -4.14
N PRO A 18 -15.01 -5.83 -4.33
CA PRO A 18 -15.68 -6.56 -5.41
C PRO A 18 -15.22 -6.00 -6.72
N LYS A 19 -14.82 -4.71 -6.66
CA LYS A 19 -14.29 -4.00 -7.79
C LYS A 19 -13.50 -2.89 -7.17
N LEU A 20 -14.20 -2.07 -6.37
CA LEU A 20 -13.61 -0.94 -5.67
C LEU A 20 -13.58 -1.28 -4.22
N VAL A 21 -12.64 -0.69 -3.41
CA VAL A 21 -12.64 -0.97 -1.97
C VAL A 21 -13.99 -0.50 -1.50
N GLU A 22 -14.40 -0.86 -0.29
CA GLU A 22 -15.71 -0.50 0.16
C GLU A 22 -15.87 1.00 0.35
N GLN A 23 -14.78 1.83 0.38
CA GLN A 23 -15.02 3.25 0.60
C GLN A 23 -14.98 4.05 -0.67
N ARG A 24 -13.81 4.08 -1.37
CA ARG A 24 -13.67 4.86 -2.59
C ARG A 24 -13.93 6.33 -2.29
N GLN A 25 -13.40 7.23 -3.17
CA GLN A 25 -13.60 8.67 -3.03
C GLN A 25 -12.84 9.19 -1.83
N VAL A 26 -11.93 10.17 -2.09
CA VAL A 26 -11.15 10.74 -0.98
C VAL A 26 -11.97 11.36 0.16
N ASP A 27 -13.24 11.71 -0.11
CA ASP A 27 -14.02 12.37 0.93
C ASP A 27 -14.57 11.39 1.97
N VAL A 28 -14.51 10.06 1.71
CA VAL A 28 -15.06 9.15 2.68
C VAL A 28 -14.13 7.96 2.79
N CYS A 29 -12.87 8.50 2.84
CA CYS A 29 -11.74 7.61 3.03
C CYS A 29 -10.72 8.11 4.01
N PRO A 30 -10.81 7.73 5.30
CA PRO A 30 -9.78 8.29 6.16
C PRO A 30 -8.45 7.56 6.04
N PHE A 31 -7.51 8.28 5.47
CA PHE A 31 -6.10 7.93 5.74
C PHE A 31 -5.24 9.13 6.12
N SER A 32 -6.04 9.82 6.95
CA SER A 32 -5.63 10.99 7.70
C SER A 32 -5.31 10.56 9.13
N PHE A 33 -4.82 11.43 9.98
CA PHE A 33 -4.44 10.89 11.22
C PHE A 33 -4.67 11.89 12.31
N CYS A 34 -5.98 12.14 12.52
CA CYS A 34 -6.44 13.00 13.55
C CYS A 34 -7.64 12.28 14.09
N ASP A 35 -7.37 11.10 14.70
CA ASP A 35 -8.41 10.24 15.22
C ASP A 35 -9.11 9.60 14.05
N ARG A 36 -8.35 9.37 12.94
CA ARG A 36 -8.93 8.78 11.76
C ARG A 36 -8.21 7.49 11.46
N ASP A 37 -7.12 7.21 12.21
CA ASP A 37 -6.39 5.94 12.02
C ASP A 37 -7.31 4.90 12.58
N LYS A 38 -8.18 5.31 13.56
CA LYS A 38 -9.10 4.38 14.16
C LYS A 38 -9.94 3.67 13.09
N GLU A 39 -10.56 4.34 12.08
CA GLU A 39 -11.24 3.50 11.11
C GLU A 39 -10.25 2.65 10.30
N ARG A 40 -9.18 3.33 9.98
CA ARG A 40 -8.03 2.86 9.21
C ARG A 40 -7.39 1.64 9.88
N GLN A 41 -7.80 1.27 11.17
CA GLN A 41 -7.07 0.23 11.90
C GLN A 41 -6.72 -0.95 11.00
N LEU A 42 -7.73 -1.38 10.35
CA LEU A 42 -7.66 -2.59 9.53
C LEU A 42 -6.55 -2.50 8.51
N GLN A 43 -6.38 -1.32 8.08
CA GLN A 43 -5.39 -1.08 7.05
C GLN A 43 -4.01 -1.45 7.59
N LYS A 44 -3.75 -0.79 8.75
CA LYS A 44 -2.51 -0.89 9.52
C LYS A 44 -2.25 -2.28 10.03
N GLU A 45 -3.29 -2.89 10.56
CA GLU A 45 -3.15 -4.11 11.34
C GLU A 45 -2.56 -5.25 10.53
N LYS A 46 -3.02 -5.36 9.37
CA LYS A 46 -2.94 -6.63 8.68
C LYS A 46 -1.48 -7.04 8.47
N ARG A 47 -0.48 -6.20 7.97
CA ARG A 47 0.72 -6.97 7.74
C ARG A 47 1.65 -6.89 8.92
N LEU A 48 1.45 -5.90 9.82
CA LEU A 48 2.58 -5.46 10.62
C LEU A 48 3.33 -6.60 11.27
N ASP A 49 2.93 -6.66 12.53
CA ASP A 49 3.79 -7.43 13.42
C ASP A 49 4.33 -8.69 12.77
N GLU A 50 3.58 -9.79 13.06
CA GLU A 50 4.15 -11.08 12.65
C GLU A 50 4.77 -10.99 11.26
N LEU A 51 4.27 -10.17 10.31
CA LEU A 51 4.90 -10.12 8.99
C LEU A 51 5.83 -8.90 8.88
N ARG A 52 6.34 -8.38 10.03
CA ARG A 52 7.18 -7.17 10.10
C ARG A 52 8.51 -7.23 9.29
N LYS A 53 8.61 -8.02 8.20
CA LYS A 53 9.89 -8.10 7.46
C LYS A 53 10.25 -6.81 6.69
N ASP A 54 9.26 -6.13 6.06
CA ASP A 54 9.52 -4.93 5.22
C ASP A 54 8.16 -4.58 4.62
N GLU A 55 7.51 -3.50 5.16
CA GLU A 55 6.14 -3.15 4.84
C GLU A 55 5.75 -3.35 3.42
N VAL A 56 5.10 -4.54 3.17
CA VAL A 56 4.35 -4.71 1.96
C VAL A 56 3.21 -4.03 2.70
N PRO A 57 3.06 -2.77 2.45
CA PRO A 57 2.36 -1.85 3.29
C PRO A 57 1.23 -2.28 4.12
N LYS A 58 1.42 -1.90 5.41
CA LYS A 58 0.41 -2.00 6.38
C LYS A 58 -0.36 -0.87 5.86
N PHE A 59 -1.54 -1.13 5.42
CA PHE A 59 -2.20 -0.11 4.74
C PHE A 59 -2.48 1.11 5.52
N LYS A 60 -2.24 2.14 4.73
CA LYS A 60 -2.43 3.50 5.03
C LYS A 60 -2.70 4.02 3.65
N ALA A 61 -2.79 3.02 2.77
CA ALA A 61 -2.94 3.09 1.38
C ALA A 61 -4.38 3.29 1.11
N GLN A 62 -4.85 2.87 -0.05
CA GLN A 62 -6.25 2.96 -0.34
C GLN A 62 -6.95 2.01 0.61
N PRO A 63 -8.26 2.19 0.82
CA PRO A 63 -9.09 1.38 1.73
C PRO A 63 -8.89 -0.11 1.66
N LEU A 64 -9.71 -0.92 2.45
CA LEU A 64 -9.51 -2.38 2.62
C LEU A 64 -8.82 -2.92 1.42
N PRO A 65 -7.58 -3.31 1.64
CA PRO A 65 -6.70 -3.65 0.55
C PRO A 65 -7.01 -4.89 -0.19
N GLN A 66 -6.71 -4.85 -1.51
CA GLN A 66 -6.88 -5.98 -2.37
C GLN A 66 -5.61 -6.07 -3.15
N PHE A 67 -4.52 -5.89 -2.42
CA PHE A 67 -3.23 -5.99 -3.00
C PHE A 67 -2.28 -6.08 -1.90
N ASP A 68 -2.28 -5.08 -1.00
CA ASP A 68 -1.32 -5.10 0.04
C ASP A 68 -1.80 -5.21 1.43
N ASN A 69 -0.83 -5.75 2.24
CA ASN A 69 -0.94 -6.01 3.65
C ASN A 69 -0.39 -7.43 3.81
N ILE A 70 -1.22 -8.48 4.07
CA ILE A 70 -0.68 -9.85 4.17
C ILE A 70 -1.59 -10.82 3.50
N ARG A 71 -1.05 -12.06 3.30
CA ARG A 71 -1.80 -13.13 2.71
C ARG A 71 -2.01 -14.17 3.78
N LEU A 72 -0.94 -14.43 4.60
CA LEU A 72 -1.03 -15.42 5.67
C LEU A 72 -1.36 -16.77 5.06
N PRO A 73 -0.36 -17.40 4.49
CA PRO A 73 -0.54 -18.70 3.85
C PRO A 73 -0.49 -19.85 4.80
N GLU A 74 -1.51 -19.97 5.67
CA GLU A 74 -1.54 -21.08 6.61
C GLU A 74 -2.95 -21.61 6.65
N LYS A 75 -3.75 -21.15 7.63
CA LYS A 75 -5.12 -21.65 7.73
C LYS A 75 -6.12 -20.61 7.21
N LYS A 76 -5.59 -19.46 6.77
CA LYS A 76 -6.45 -18.40 6.27
C LYS A 76 -6.58 -18.45 4.75
N VAL A 77 -5.54 -19.05 4.09
CA VAL A 77 -5.51 -19.11 2.64
C VAL A 77 -6.36 -20.30 2.21
N LYS A 78 -7.65 -19.95 2.53
CA LYS A 78 -8.75 -20.83 2.18
C LYS A 78 -9.32 -20.27 0.90
N MET A 79 -8.41 -19.99 -0.06
CA MET A 79 -8.76 -19.42 -1.35
C MET A 79 -9.57 -18.15 -1.18
N PRO A 80 -9.04 -17.16 -0.44
CA PRO A 80 -9.74 -15.91 -0.25
C PRO A 80 -9.25 -14.76 -1.09
N THR A 81 -7.97 -14.83 -1.55
CA THR A 81 -7.39 -13.77 -2.34
C THR A 81 -7.72 -14.08 -3.78
N GLN A 82 -8.45 -13.16 -4.46
CA GLN A 82 -8.83 -13.39 -5.84
C GLN A 82 -9.03 -12.05 -6.50
N GLN A 83 -9.09 -12.04 -7.86
CA GLN A 83 -9.28 -10.80 -8.61
C GLN A 83 -8.11 -9.89 -8.36
N GLU A 84 -6.89 -10.35 -8.77
CA GLU A 84 -5.71 -9.56 -8.53
C GLU A 84 -4.58 -10.06 -9.40
N PRO A 85 -3.57 -9.22 -9.57
CA PRO A 85 -2.36 -9.55 -10.37
C PRO A 85 -1.59 -10.59 -9.67
N PHE A 86 -1.17 -10.10 -8.53
CA PHE A 86 -0.52 -10.96 -7.55
C PHE A 86 -1.26 -11.20 -6.24
N ASP A 87 -1.16 -12.39 -5.72
CA ASP A 87 -1.64 -12.53 -4.34
C ASP A 87 -0.52 -12.56 -3.28
N LEU A 88 0.39 -11.67 -3.91
CA LEU A 88 1.73 -11.64 -3.33
C LEU A 88 1.82 -10.58 -2.23
N GLU A 89 1.34 -11.25 -1.18
CA GLU A 89 1.56 -10.82 0.20
C GLU A 89 2.03 -11.92 1.15
N ILE A 90 2.17 -12.87 0.22
CA ILE A 90 2.45 -14.29 0.32
C ILE A 90 3.87 -14.41 0.85
N GLU A 91 4.06 -15.07 2.04
CA GLU A 91 5.40 -15.18 2.63
C GLU A 91 6.40 -15.85 1.73
N LYS A 92 5.96 -16.88 1.03
CA LYS A 92 6.82 -17.56 0.07
C LYS A 92 7.17 -16.64 -1.11
N ARG A 93 6.17 -16.91 -1.96
CA ARG A 93 6.06 -16.20 -3.21
C ARG A 93 6.33 -14.74 -2.96
N GLY A 94 5.24 -14.08 -2.51
CA GLY A 94 5.18 -12.64 -2.42
C GLY A 94 6.46 -12.16 -1.76
N ALA A 95 6.52 -12.13 -0.40
CA ALA A 95 7.75 -11.58 0.14
C ALA A 95 8.96 -11.82 -0.75
N SER A 96 9.13 -12.99 -1.42
CA SER A 96 10.23 -13.12 -2.37
C SER A 96 10.10 -12.17 -3.56
N LYS A 97 8.85 -12.08 -4.10
CA LYS A 97 8.50 -11.27 -5.24
C LYS A 97 8.52 -9.79 -4.84
N LEU A 98 8.62 -9.61 -3.52
CA LEU A 98 8.49 -8.32 -2.87
C LEU A 98 9.33 -7.28 -3.58
N GLN A 99 10.54 -7.59 -4.12
CA GLN A 99 11.26 -6.55 -4.83
C GLN A 99 10.44 -6.07 -6.04
N ARG A 100 9.87 -7.02 -6.81
CA ARG A 100 9.06 -6.71 -7.98
C ARG A 100 7.80 -5.93 -7.55
N TRP A 101 7.36 -6.16 -6.31
CA TRP A 101 6.17 -5.53 -5.75
C TRP A 101 6.20 -4.06 -6.03
N GLN A 102 7.42 -3.48 -5.90
CA GLN A 102 7.56 -2.05 -5.79
C GLN A 102 6.70 -1.36 -6.81
N GLN A 103 6.71 -1.75 -8.03
CA GLN A 103 6.06 -0.89 -8.99
C GLN A 103 4.55 -0.86 -8.80
N GLN A 104 3.81 -1.95 -8.41
CA GLN A 104 2.36 -1.80 -8.37
C GLN A 104 1.95 -0.85 -7.24
N ILE A 105 2.20 -1.24 -5.94
CA ILE A 105 1.79 -0.36 -4.87
C ILE A 105 2.66 0.88 -4.87
N GLN A 106 4.06 0.88 -5.14
CA GLN A 106 4.74 2.16 -5.04
C GLN A 106 4.52 3.02 -6.27
N GLU A 107 4.81 2.56 -7.54
CA GLU A 107 4.74 3.53 -8.63
C GLU A 107 3.32 4.08 -8.83
N GLU A 108 2.30 3.35 -8.34
CA GLU A 108 0.96 3.91 -8.41
C GLU A 108 1.01 5.20 -7.59
N LEU A 109 2.10 5.34 -6.77
CA LEU A 109 2.36 6.51 -5.98
C LEU A 109 3.53 7.26 -6.62
N LYS A 110 3.73 8.53 -6.19
CA LYS A 110 4.77 9.38 -6.76
C LYS A 110 6.19 8.83 -6.61
N GLN A 111 6.60 8.29 -5.42
CA GLN A 111 7.99 7.86 -5.25
C GLN A 111 8.10 6.37 -5.04
N GLN A 112 9.36 5.84 -5.19
CA GLN A 112 9.62 4.42 -5.00
C GLN A 112 11.08 4.28 -4.64
N LYS A 113 11.47 3.10 -4.05
CA LYS A 113 12.87 2.90 -3.68
C LYS A 113 13.01 1.48 -3.15
N GLU A 114 14.25 1.11 -2.68
CA GLU A 114 14.50 -0.24 -2.16
C GLU A 114 13.65 -0.47 -0.95
N MET A 115 12.81 -1.51 -1.02
CA MET A 115 11.88 -1.76 0.08
C MET A 115 12.62 -2.26 1.32
N VAL A 116 13.66 -3.20 1.19
CA VAL A 116 14.26 -3.73 2.42
C VAL A 116 15.22 -2.74 3.09
N VAL A 117 14.58 -1.59 3.00
CA VAL A 117 15.03 -0.35 3.60
C VAL A 117 14.12 -0.07 4.78
N PHE A 118 13.08 0.72 4.24
CA PHE A 118 12.28 1.54 5.17
C PHE A 118 11.76 0.76 6.37
N LYS A 119 12.30 -0.55 6.67
CA LYS A 119 12.25 -0.80 8.10
C LYS A 119 13.60 -1.36 8.57
N ALA A 120 14.68 -0.51 8.61
CA ALA A 120 15.84 -1.17 9.20
C ALA A 120 16.60 -0.37 10.26
N ARG A 121 15.66 0.30 10.95
CA ARG A 121 16.13 1.19 12.01
C ARG A 121 14.95 1.60 12.94
N PRO A 122 15.24 2.36 13.96
CA PRO A 122 14.18 2.95 14.76
C PRO A 122 13.25 3.70 13.83
N ASN A 123 11.96 3.72 14.23
CA ASN A 123 10.91 4.30 13.39
C ASN A 123 11.39 4.79 12.02
N THR A 124 11.82 3.72 11.22
CA THR A 124 11.85 3.97 9.78
C THR A 124 10.70 3.18 9.16
N VAL A 125 9.80 3.09 10.16
CA VAL A 125 8.62 2.30 9.82
C VAL A 125 7.43 3.26 9.54
N VAL A 126 7.94 4.30 8.92
CA VAL A 126 6.97 5.30 8.56
C VAL A 126 7.36 5.92 7.21
N HIS A 127 7.18 5.04 6.24
CA HIS A 127 7.48 5.36 4.90
C HIS A 127 6.15 5.65 4.40
N GLN A 128 5.95 6.28 3.22
CA GLN A 128 4.54 6.46 2.93
C GLN A 128 3.73 5.16 2.86
N GLU A 129 4.42 4.02 2.90
CA GLU A 129 3.72 2.75 2.96
C GLU A 129 3.26 2.26 4.37
N PRO A 130 4.11 2.15 5.33
CA PRO A 130 3.66 2.11 6.71
C PRO A 130 3.55 3.48 7.34
N PHE A 131 2.36 4.24 7.21
CA PHE A 131 2.99 5.54 7.37
C PHE A 131 2.60 6.13 8.73
N VAL A 132 1.41 5.62 9.19
CA VAL A 132 0.65 6.10 10.34
C VAL A 132 1.42 6.13 11.65
N PRO A 133 0.96 7.05 12.52
CA PRO A 133 1.57 7.34 13.82
C PRO A 133 1.22 6.44 14.94
N LYS A 134 1.78 6.85 16.11
CA LYS A 134 1.66 6.19 17.37
C LYS A 134 3.09 6.09 17.83
N LYS A 135 3.59 4.87 17.96
CA LYS A 135 4.99 4.70 18.36
C LYS A 135 5.97 4.90 17.19
N GLU A 136 5.43 4.98 15.94
CA GLU A 136 6.29 5.02 14.77
C GLU A 136 6.50 6.46 14.33
N ASN A 137 5.45 7.33 14.21
CA ASN A 137 5.80 8.65 13.69
C ASN A 137 6.38 9.45 14.85
N ARG A 138 7.21 8.83 15.72
CA ARG A 138 8.06 9.80 16.39
C ARG A 138 8.93 10.59 15.41
N SER A 139 9.16 11.89 15.51
CA SER A 139 9.68 12.46 14.28
C SER A 139 11.07 11.92 13.95
N LEU A 140 11.66 12.92 13.34
CA LEU A 140 13.01 12.89 12.80
C LEU A 140 13.98 13.73 13.60
N THR A 141 14.16 12.89 14.72
CA THR A 141 14.84 13.39 15.90
C THR A 141 16.24 13.83 15.54
N GLU A 142 17.12 13.29 16.46
CA GLU A 142 18.51 13.67 16.40
C GLU A 142 19.46 12.65 15.82
N SER A 143 19.46 11.40 16.35
CA SER A 143 20.48 10.46 15.89
C SER A 143 19.95 9.28 15.14
N LEU A 144 18.78 8.70 15.49
CA LEU A 144 18.39 7.54 14.76
C LEU A 144 16.97 7.14 15.05
N SER A 145 16.03 8.09 14.88
CA SER A 145 14.61 7.78 15.02
C SER A 145 14.03 7.10 13.78
N GLY A 146 14.82 7.02 12.76
CA GLY A 146 14.23 6.71 11.46
C GLY A 146 13.31 7.81 10.95
N SER A 147 14.29 8.52 10.37
CA SER A 147 13.79 9.42 9.34
C SER A 147 13.34 8.59 8.15
N ILE A 148 12.59 8.96 7.28
CA ILE A 148 12.20 7.76 6.57
C ILE A 148 13.31 7.35 5.64
N VAL A 149 14.14 6.28 6.02
CA VAL A 149 15.42 6.35 5.35
C VAL A 149 15.34 5.34 4.21
N GLN A 150 14.49 6.04 3.61
CA GLN A 150 13.97 5.99 2.26
C GLN A 150 12.98 7.12 2.03
N GLU A 151 12.61 7.51 0.95
CA GLU A 151 11.76 8.68 1.15
C GLU A 151 10.32 8.22 1.43
N GLY A 152 9.69 9.02 2.29
CA GLY A 152 8.33 8.89 2.71
C GLY A 152 7.81 9.92 1.83
N PHE A 153 6.79 10.71 2.07
CA PHE A 153 6.54 11.65 1.01
C PHE A 153 7.81 12.48 0.80
N GLU A 154 8.35 13.15 1.88
CA GLU A 154 9.61 13.86 1.72
C GLU A 154 10.58 13.35 2.78
N LEU A 155 9.94 12.73 3.75
CA LEU A 155 10.45 12.76 5.10
C LEU A 155 11.54 11.74 5.26
N ALA A 156 12.50 11.68 4.29
CA ALA A 156 13.70 10.92 4.62
C ALA A 156 14.66 11.79 5.38
N THR A 157 15.74 11.15 5.96
CA THR A 157 16.75 11.86 6.74
C THR A 157 17.09 13.21 6.14
N ALA A 158 18.21 13.02 5.40
CA ALA A 158 18.86 14.16 4.77
C ALA A 158 17.89 15.05 4.01
N LYS A 159 16.66 14.53 3.69
CA LYS A 159 15.73 15.31 2.88
C LYS A 159 14.95 16.22 3.79
N ARG A 160 15.70 16.35 4.97
CA ARG A 160 15.22 17.31 5.95
C ARG A 160 15.78 18.68 5.62
N ALA A 161 17.10 18.70 5.24
CA ALA A 161 17.96 19.84 5.44
C ALA A 161 17.29 21.11 4.95
N LYS A 162 16.92 21.24 3.68
CA LYS A 162 16.42 22.54 3.27
C LYS A 162 15.07 22.82 3.92
N GLU A 163 14.28 21.80 3.85
CA GLU A 163 12.86 21.81 4.20
C GLU A 163 12.63 21.99 5.69
N ARG A 164 13.67 21.76 6.56
CA ARG A 164 13.46 21.58 7.99
C ARG A 164 12.57 22.69 8.53
N GLN A 165 12.79 24.00 8.24
CA GLN A 165 12.11 24.99 9.05
C GLN A 165 10.60 24.87 8.92
N GLU A 166 10.02 24.90 7.71
CA GLU A 166 8.57 24.79 7.67
C GLU A 166 8.13 23.34 7.79
N PHE A 167 9.05 22.53 7.34
CA PHE A 167 8.87 21.12 7.06
C PHE A 167 8.50 20.37 8.34
N ASP A 168 9.57 19.66 8.84
CA ASP A 168 9.33 18.70 9.90
C ASP A 168 8.18 19.07 10.82
N LYS A 169 8.67 19.64 11.93
CA LYS A 169 7.75 19.81 13.05
C LYS A 169 6.43 20.41 12.60
N CYS A 170 6.39 21.45 11.73
CA CYS A 170 5.06 21.98 11.47
C CYS A 170 4.36 21.16 10.40
N LEU A 171 5.00 21.06 9.19
CA LEU A 171 4.28 20.51 8.05
C LEU A 171 4.26 18.99 8.16
N ALA A 172 5.23 18.28 8.81
CA ALA A 172 5.31 16.85 8.60
C ALA A 172 3.98 16.14 8.81
N GLU A 173 3.21 16.36 9.88
CA GLU A 173 1.95 15.65 9.96
C GLU A 173 0.99 16.13 8.89
N THR A 174 0.89 17.48 8.64
CA THR A 174 0.00 17.89 7.56
C THR A 174 0.50 17.36 6.21
N GLU A 175 1.83 17.21 6.17
CA GLU A 175 2.51 16.58 5.03
C GLU A 175 1.95 15.18 4.82
N ALA A 176 1.67 14.53 5.95
CA ALA A 176 1.11 13.19 5.91
C ALA A 176 -0.21 13.18 5.13
N GLN A 177 -1.00 14.28 5.28
CA GLN A 177 -2.28 14.30 4.58
C GLN A 177 -2.07 14.18 3.07
N LYS A 178 -1.13 14.99 2.50
CA LYS A 178 -0.97 14.90 1.06
C LYS A 178 -0.38 13.54 0.70
N SER A 179 0.57 13.07 1.58
CA SER A 179 1.25 11.80 1.34
C SER A 179 0.29 10.72 0.89
N LEU A 180 -0.10 9.98 1.96
CA LEU A 180 -0.87 8.76 1.75
C LEU A 180 -2.00 9.01 0.75
N LEU A 181 -2.75 10.13 0.85
CA LEU A 181 -3.83 10.28 -0.09
C LEU A 181 -3.30 10.31 -1.50
N GLU A 182 -2.24 11.10 -1.72
CA GLU A 182 -1.62 11.14 -3.03
C GLU A 182 -1.08 9.77 -3.43
N GLU A 183 -0.60 9.02 -2.41
CA GLU A 183 0.12 7.78 -2.72
C GLU A 183 -0.71 6.86 -3.60
N GLU A 184 -1.60 6.14 -2.88
CA GLU A 184 -2.37 5.12 -3.61
C GLU A 184 -3.61 5.73 -4.29
N ILE A 185 -4.39 6.53 -3.54
CA ILE A 185 -5.63 7.03 -4.11
C ILE A 185 -5.33 8.02 -5.22
N ARG A 186 -4.37 8.94 -4.97
CA ARG A 186 -4.04 9.96 -5.95
C ARG A 186 -5.22 10.90 -6.05
N LYS A 187 -5.38 11.76 -5.01
CA LYS A 187 -6.48 12.70 -4.97
C LYS A 187 -6.34 13.68 -6.10
N ARG A 188 -7.46 14.44 -6.37
CA ARG A 188 -7.47 15.42 -7.43
C ARG A 188 -7.27 14.71 -8.74
N ARG A 189 -8.22 13.82 -9.09
CA ARG A 189 -8.12 13.06 -10.32
C ARG A 189 -8.08 14.02 -11.47
N GLU A 190 -7.37 13.63 -12.55
CA GLU A 190 -7.24 14.48 -13.71
C GLU A 190 -7.46 13.62 -14.91
N GLU A 191 -7.49 14.25 -16.11
CA GLU A 191 -7.71 13.52 -17.33
C GLU A 191 -6.45 12.76 -17.66
N GLU A 192 -5.38 12.96 -16.86
CA GLU A 192 -4.13 12.26 -17.09
C GLU A 192 -4.33 10.81 -16.71
N GLU A 193 -5.47 10.52 -16.02
CA GLU A 193 -5.80 9.17 -15.61
C GLU A 193 -4.88 8.74 -14.51
N LYS A 194 -4.97 9.44 -13.35
CA LYS A 194 -4.13 9.07 -12.22
C LYS A 194 -4.40 7.65 -11.76
N GLU A 195 -5.61 7.20 -11.95
CA GLU A 195 -5.99 5.86 -11.55
C GLU A 195 -5.08 4.82 -12.18
N GLU A 196 -5.73 4.37 -13.29
CA GLU A 196 -5.35 3.25 -14.13
C GLU A 196 -3.91 3.36 -14.57
N ILE A 197 -3.10 4.13 -13.68
CA ILE A 197 -1.67 4.19 -13.94
C ILE A 197 -1.02 2.86 -13.60
N SER A 198 -1.52 2.09 -12.55
CA SER A 198 -0.75 0.92 -12.15
C SER A 198 -0.35 0.12 -13.38
N GLN A 199 -1.25 -0.31 -14.23
CA GLN A 199 -0.76 -1.10 -15.35
C GLN A 199 -0.09 -0.21 -16.40
N LEU A 200 -0.76 0.91 -16.69
CA LEU A 200 -0.51 1.61 -17.96
C LEU A 200 0.89 2.19 -18.05
N ARG A 201 1.58 2.82 -17.02
CA ARG A 201 2.74 3.51 -17.57
C ARG A 201 3.98 2.61 -17.57
N GLN A 202 4.49 2.25 -16.33
CA GLN A 202 5.73 1.49 -16.47
C GLN A 202 5.61 0.07 -15.92
N GLU A 203 4.88 0.12 -14.72
CA GLU A 203 4.85 -0.94 -13.73
C GLU A 203 4.81 -2.27 -14.46
N LEU A 204 5.87 -2.71 -15.18
CA LEU A 204 5.85 -4.12 -15.50
C LEU A 204 6.28 -4.97 -14.33
N VAL A 205 5.36 -4.57 -13.37
CA VAL A 205 5.56 -4.86 -11.96
C VAL A 205 5.78 -6.36 -11.75
N HIS A 206 4.97 -7.18 -12.35
CA HIS A 206 5.19 -8.58 -12.06
C HIS A 206 5.16 -9.31 -13.40
N LYS A 207 6.36 -9.82 -13.75
CA LYS A 207 6.56 -10.52 -15.03
C LYS A 207 6.24 -12.00 -14.84
N ALA A 208 5.66 -12.25 -13.64
CA ALA A 208 5.49 -13.61 -13.18
C ALA A 208 5.04 -14.54 -14.32
N LYS A 209 3.72 -14.63 -14.08
CA LYS A 209 3.00 -15.47 -15.04
C LYS A 209 1.98 -14.64 -15.83
N PRO A 210 1.88 -14.77 -17.14
CA PRO A 210 1.05 -13.77 -17.79
C PRO A 210 -0.34 -13.70 -17.18
N ILE A 211 -0.46 -12.44 -16.72
CA ILE A 211 -1.63 -11.96 -16.01
C ILE A 211 -2.47 -11.13 -16.98
N ARG A 212 -3.76 -11.48 -17.20
CA ARG A 212 -4.47 -10.40 -17.87
C ARG A 212 -4.93 -9.33 -16.87
N LYS A 213 -3.80 -8.57 -16.74
CA LYS A 213 -3.86 -7.41 -15.82
C LYS A 213 -4.37 -6.15 -16.52
N TYR A 214 -4.65 -6.50 -17.88
CA TYR A 214 -5.01 -5.62 -18.97
C TYR A 214 -6.41 -5.10 -18.72
N ARG A 215 -6.58 -4.67 -17.48
CA ARG A 215 -7.78 -4.05 -16.96
C ARG A 215 -8.31 -2.95 -17.89
N ALA A 216 -7.67 -2.73 -19.08
CA ALA A 216 -8.14 -1.64 -19.93
C ALA A 216 -9.55 -1.92 -20.46
N VAL A 217 -10.16 -3.03 -20.04
CA VAL A 217 -11.53 -3.33 -20.41
C VAL A 217 -12.51 -3.17 -19.23
N GLU A 218 -12.05 -3.60 -18.02
CA GLU A 218 -13.00 -3.43 -16.92
C GLU A 218 -12.50 -2.48 -15.84
N VAL A 219 -12.30 -1.33 -16.60
CA VAL A 219 -11.78 -0.07 -16.05
C VAL A 219 -12.69 0.41 -14.93
N LYS A 220 -13.85 -0.26 -14.77
CA LYS A 220 -14.84 0.09 -13.76
C LYS A 220 -14.35 -0.13 -12.33
N ALA A 221 -13.00 0.04 -12.05
CA ALA A 221 -12.72 -0.24 -10.65
C ALA A 221 -12.38 1.04 -9.90
N SER A 222 -11.30 0.69 -9.07
CA SER A 222 -10.90 1.79 -8.19
C SER A 222 -9.43 2.09 -8.25
N ASP A 223 -8.97 1.65 -7.00
CA ASP A 223 -7.57 1.82 -6.62
C ASP A 223 -6.70 0.62 -7.01
N VAL A 224 -7.34 -0.54 -7.39
CA VAL A 224 -6.61 -1.75 -7.81
C VAL A 224 -6.61 -1.91 -9.32
N PRO A 225 -5.62 -2.67 -9.83
CA PRO A 225 -5.58 -3.04 -11.25
C PRO A 225 -6.59 -4.13 -11.44
N LEU A 226 -7.57 -3.97 -12.38
CA LEU A 226 -8.58 -5.00 -12.56
C LEU A 226 -7.98 -6.09 -13.38
N THR A 227 -7.45 -7.11 -12.70
CA THR A 227 -6.79 -8.16 -13.40
C THR A 227 -7.55 -9.44 -13.17
N VAL A 228 -7.28 -10.45 -14.03
CA VAL A 228 -7.91 -11.74 -13.90
C VAL A 228 -7.31 -12.33 -12.63
N PRO A 229 -8.09 -13.08 -11.88
CA PRO A 229 -7.59 -13.69 -10.65
C PRO A 229 -6.36 -14.53 -10.84
N ARG A 230 -5.41 -14.40 -9.86
CA ARG A 230 -4.19 -15.15 -9.91
C ARG A 230 -4.45 -16.42 -9.15
N SER A 231 -3.92 -17.57 -9.65
CA SER A 231 -4.16 -18.82 -8.98
C SER A 231 -3.33 -18.84 -7.71
N PRO A 232 -3.96 -19.16 -6.61
CA PRO A 232 -3.31 -19.20 -5.31
C PRO A 232 -2.51 -20.46 -5.09
N ASN A 233 -2.67 -21.45 -5.98
CA ASN A 233 -1.96 -22.70 -5.82
C ASN A 233 -1.47 -23.12 -7.18
N PHE A 234 -0.87 -24.33 -7.26
CA PHE A 234 -0.37 -24.80 -8.52
C PHE A 234 -1.52 -25.44 -9.24
N SER A 235 -2.13 -24.68 -10.16
CA SER A 235 -3.24 -25.19 -10.92
C SER A 235 -3.29 -24.37 -12.18
N ASP A 236 -4.27 -24.66 -13.05
CA ASP A 236 -4.41 -23.92 -14.28
C ASP A 236 -4.77 -22.50 -13.92
N ARG A 237 -4.30 -21.54 -14.74
CA ARG A 237 -4.59 -20.15 -14.48
C ARG A 237 -6.04 -19.91 -14.78
N PHE A 238 -6.62 -18.90 -14.09
CA PHE A 238 -8.01 -18.56 -14.28
C PHE A 238 -8.20 -18.06 -15.69
N LYS A 239 -7.10 -17.57 -16.32
CA LYS A 239 -7.18 -17.08 -17.68
C LYS A 239 -7.62 -18.22 -18.57
N CYS A 240 -7.03 -19.41 -18.38
CA CYS A 240 -7.38 -20.55 -19.21
C CYS A 240 -7.03 -21.81 -18.41
N VAL A 1 -23.33 -1.26 -1.84
CA VAL A 1 -22.73 -1.17 -0.48
C VAL A 1 -21.24 -1.35 -0.56
N PRO A 2 -20.53 -0.27 -0.77
CA PRO A 2 -19.08 -0.30 -0.87
C PRO A 2 -18.40 -0.21 0.47
N VAL A 3 -18.57 -1.26 1.31
CA VAL A 3 -17.96 -1.19 2.64
C VAL A 3 -16.90 -2.28 2.93
N ILE A 4 -15.67 -1.82 3.28
CA ILE A 4 -14.62 -2.76 3.70
C ILE A 4 -14.91 -3.35 5.10
N LYS A 5 -14.41 -2.45 6.11
CA LYS A 5 -14.42 -2.85 7.52
C LYS A 5 -14.11 -4.35 7.73
N ALA A 6 -13.02 -4.74 7.02
CA ALA A 6 -12.63 -6.16 6.96
C ALA A 6 -12.07 -6.67 8.29
N THR A 7 -12.36 -7.97 8.49
CA THR A 7 -11.96 -8.75 9.66
C THR A 7 -10.44 -8.82 9.82
N ARG A 8 -9.96 -8.83 11.08
CA ARG A 8 -8.51 -8.90 11.21
C ARG A 8 -8.06 -10.31 10.86
N MET A 9 -7.00 -10.34 10.00
CA MET A 9 -6.48 -11.55 9.41
C MET A 9 -5.55 -11.01 8.35
N PRO A 10 -4.87 -11.84 7.57
CA PRO A 10 -3.98 -11.34 6.53
C PRO A 10 -4.72 -10.83 5.35
N HIS A 11 -4.41 -9.59 4.87
CA HIS A 11 -5.14 -9.04 3.76
C HIS A 11 -5.02 -9.91 2.57
N TYR A 12 -3.77 -10.21 2.25
CA TYR A 12 -3.46 -10.95 1.09
C TYR A 12 -3.68 -12.37 1.41
N GLY A 13 -5.00 -12.65 1.53
CA GLY A 13 -5.53 -13.88 1.98
C GLY A 13 -6.52 -13.57 3.11
N VAL A 14 -7.34 -12.47 2.86
CA VAL A 14 -8.47 -12.05 3.71
C VAL A 14 -9.51 -11.84 2.65
N PRO A 15 -10.79 -12.12 2.84
CA PRO A 15 -11.66 -11.77 1.75
C PRO A 15 -11.87 -10.29 1.81
N PHE A 16 -11.10 -9.59 0.97
CA PHE A 16 -11.16 -8.17 0.94
C PHE A 16 -11.88 -7.70 -0.28
N LYS A 17 -11.36 -8.12 -1.44
CA LYS A 17 -11.86 -7.66 -2.70
C LYS A 17 -12.54 -8.80 -3.43
N PRO A 18 -13.87 -8.84 -3.40
CA PRO A 18 -14.60 -9.82 -4.18
C PRO A 18 -14.29 -9.60 -5.62
N LYS A 19 -14.10 -8.30 -5.90
CA LYS A 19 -13.72 -7.82 -7.19
C LYS A 19 -12.73 -6.75 -6.84
N LEU A 20 -13.26 -5.59 -6.42
CA LEU A 20 -12.41 -4.49 -5.97
C LEU A 20 -12.66 -4.43 -4.48
N VAL A 21 -11.72 -3.85 -3.66
CA VAL A 21 -12.00 -3.76 -2.23
C VAL A 21 -13.34 -3.05 -2.19
N GLU A 22 -14.18 -3.38 -1.21
CA GLU A 22 -15.53 -2.81 -1.19
C GLU A 22 -15.53 -1.30 -1.09
N GLN A 23 -14.61 -0.69 -0.31
CA GLN A 23 -14.60 0.77 -0.14
C GLN A 23 -14.09 1.46 -1.39
N ARG A 24 -14.18 0.81 -2.57
CA ARG A 24 -13.72 1.39 -3.83
C ARG A 24 -14.45 2.70 -4.16
N GLN A 25 -14.36 3.69 -3.25
CA GLN A 25 -14.96 4.97 -3.44
C GLN A 25 -14.23 5.87 -2.49
N VAL A 26 -13.44 6.84 -3.03
CA VAL A 26 -12.66 7.70 -2.13
C VAL A 26 -13.48 8.50 -1.11
N ASP A 27 -14.80 8.68 -1.35
CA ASP A 27 -15.56 9.49 -0.41
C ASP A 27 -15.90 8.76 0.88
N VAL A 28 -15.68 7.43 0.96
CA VAL A 28 -16.02 6.74 2.19
C VAL A 28 -14.90 5.79 2.50
N CYS A 29 -13.77 6.57 2.33
CA CYS A 29 -12.47 5.98 2.58
C CYS A 29 -11.53 6.88 3.36
N PRO A 30 -11.50 6.77 4.69
CA PRO A 30 -10.60 7.64 5.41
C PRO A 30 -9.14 7.20 5.30
N PHE A 31 -8.27 8.06 4.81
CA PHE A 31 -6.89 7.87 5.27
C PHE A 31 -6.26 9.10 5.88
N SER A 32 -7.16 9.62 6.75
CA SER A 32 -6.87 10.75 7.60
C SER A 32 -6.40 10.23 8.96
N PHE A 33 -5.95 11.06 9.87
CA PHE A 33 -5.41 10.42 11.00
C PHE A 33 -5.53 11.28 12.21
N CYS A 34 -6.79 11.63 12.51
CA CYS A 34 -7.10 12.36 13.69
C CYS A 34 -7.67 11.32 14.60
N ASP A 35 -8.33 10.30 13.97
CA ASP A 35 -8.91 9.20 14.69
C ASP A 35 -9.58 8.31 13.67
N ARG A 36 -9.02 8.24 12.43
CA ARG A 36 -9.61 7.43 11.38
C ARG A 36 -8.65 6.32 11.02
N ASP A 37 -7.46 6.35 11.64
CA ASP A 37 -6.46 5.31 11.40
C ASP A 37 -7.02 4.09 12.10
N LYS A 38 -7.76 4.37 13.19
CA LYS A 38 -8.33 3.30 14.01
C LYS A 38 -9.13 2.34 13.14
N GLU A 39 -9.99 2.80 12.22
CA GLU A 39 -10.76 1.82 11.44
C GLU A 39 -9.85 1.02 10.49
N ARG A 40 -8.95 1.81 9.92
CA ARG A 40 -7.96 1.53 8.88
C ARG A 40 -7.04 0.37 9.29
N GLN A 41 -7.14 -0.01 10.60
CA GLN A 41 -6.39 -1.09 11.24
C GLN A 41 -6.50 -2.41 10.48
N LEU A 42 -7.44 -2.36 9.63
CA LEU A 42 -8.15 -3.55 9.20
C LEU A 42 -7.18 -4.68 8.90
N GLN A 43 -6.32 -4.58 7.83
CA GLN A 43 -5.51 -5.78 7.64
C GLN A 43 -4.12 -5.55 8.23
N LYS A 44 -3.83 -4.26 8.22
CA LYS A 44 -2.53 -3.63 8.48
C LYS A 44 -1.82 -4.24 9.66
N GLU A 45 -2.53 -4.50 10.66
CA GLU A 45 -1.93 -4.68 11.98
C GLU A 45 -0.98 -5.84 12.03
N LYS A 46 -1.23 -7.06 11.48
CA LYS A 46 -0.37 -8.15 11.90
C LYS A 46 1.02 -8.02 11.32
N ARG A 47 1.18 -7.80 10.01
CA ARG A 47 2.48 -7.98 9.39
C ARG A 47 3.43 -6.88 9.77
N LEU A 48 2.88 -5.88 10.52
CA LEU A 48 3.62 -4.67 10.75
C LEU A 48 4.99 -4.92 11.35
N ASP A 49 4.86 -4.58 12.64
CA ASP A 49 6.04 -4.53 13.48
C ASP A 49 6.91 -5.78 13.34
N GLU A 50 6.64 -6.67 14.34
CA GLU A 50 7.50 -7.84 14.45
C GLU A 50 7.74 -8.50 13.10
N LEU A 51 6.76 -8.47 12.18
CA LEU A 51 6.96 -9.06 10.85
C LEU A 51 7.55 -7.99 9.92
N ARG A 52 8.35 -7.06 10.54
CA ARG A 52 8.97 -5.87 9.91
C ARG A 52 9.79 -6.07 8.63
N LYS A 53 9.51 -7.05 7.76
CA LYS A 53 10.33 -7.17 6.55
C LYS A 53 9.79 -6.29 5.42
N ASP A 54 10.12 -4.94 5.41
CA ASP A 54 9.68 -4.01 4.32
C ASP A 54 8.18 -3.82 4.41
N GLU A 55 7.68 -2.58 4.73
CA GLU A 55 6.24 -2.38 4.94
C GLU A 55 5.47 -2.50 3.66
N VAL A 56 4.54 -3.52 3.60
CA VAL A 56 3.59 -3.48 2.55
C VAL A 56 2.80 -2.48 3.30
N PRO A 57 2.76 -1.28 2.79
CA PRO A 57 2.38 -0.14 3.57
C PRO A 57 1.26 -0.25 4.48
N LYS A 58 1.42 0.51 5.58
CA LYS A 58 0.38 0.71 6.50
C LYS A 58 -0.48 1.37 5.55
N PHE A 59 -1.61 0.82 5.25
CA PHE A 59 -2.29 1.40 4.18
C PHE A 59 -2.78 2.71 4.45
N LYS A 60 -2.43 3.44 3.42
CA LYS A 60 -2.79 4.74 3.12
C LYS A 60 -2.37 4.72 1.71
N ALA A 61 -2.65 3.45 1.28
CA ALA A 61 -2.49 2.89 0.02
C ALA A 61 -3.90 3.01 -0.48
N GLN A 62 -4.30 2.15 -1.41
CA GLN A 62 -5.66 2.15 -1.90
C GLN A 62 -6.53 1.93 -0.69
N PRO A 63 -7.85 2.14 -0.79
CA PRO A 63 -8.78 2.05 0.35
C PRO A 63 -8.34 1.10 1.41
N LEU A 64 -8.83 1.36 2.67
CA LEU A 64 -8.39 0.64 3.88
C LEU A 64 -8.02 -0.75 3.51
N PRO A 65 -6.96 -1.30 4.12
CA PRO A 65 -6.40 -2.58 3.75
C PRO A 65 -6.83 -3.19 2.48
N GLN A 66 -6.78 -2.36 1.42
CA GLN A 66 -7.18 -2.76 0.11
C GLN A 66 -6.47 -4.02 -0.22
N PHE A 67 -5.22 -3.89 -0.62
CA PHE A 67 -4.42 -5.01 -0.96
C PHE A 67 -3.55 -5.29 0.24
N ASP A 68 -2.25 -5.53 0.00
CA ASP A 68 -1.38 -5.94 1.05
C ASP A 68 -1.04 -4.93 2.06
N ASN A 69 -1.62 -5.08 3.22
CA ASN A 69 -1.26 -4.25 4.31
C ASN A 69 -0.46 -5.18 5.17
N ILE A 70 -0.73 -6.53 5.00
CA ILE A 70 -0.02 -7.53 5.75
C ILE A 70 0.08 -8.79 4.92
N ARG A 71 0.70 -9.86 5.51
CA ARG A 71 0.89 -11.10 4.79
C ARG A 71 0.30 -12.22 5.59
N LEU A 72 0.19 -13.41 4.96
CA LEU A 72 -0.41 -14.55 5.61
C LEU A 72 0.67 -15.55 5.95
N PRO A 73 0.39 -16.38 6.95
CA PRO A 73 1.30 -17.43 7.35
C PRO A 73 0.97 -18.75 6.71
N GLU A 74 -0.09 -19.43 7.18
CA GLU A 74 -0.46 -20.70 6.59
C GLU A 74 -1.80 -21.15 7.17
N LYS A 75 -2.16 -20.67 8.38
CA LYS A 75 -3.44 -21.08 8.95
C LYS A 75 -4.50 -19.98 8.83
N LYS A 76 -4.09 -18.80 8.32
CA LYS A 76 -5.03 -17.69 8.24
C LYS A 76 -5.69 -17.60 6.87
N VAL A 77 -4.96 -18.06 5.82
CA VAL A 77 -5.49 -17.94 4.46
C VAL A 77 -6.40 -19.13 4.22
N LYS A 78 -7.45 -18.94 5.08
CA LYS A 78 -8.58 -19.84 5.08
C LYS A 78 -9.37 -19.54 3.84
N MET A 79 -9.49 -18.22 3.51
CA MET A 79 -10.21 -17.81 2.34
C MET A 79 -9.35 -16.78 1.64
N PRO A 80 -8.66 -17.20 0.59
CA PRO A 80 -7.78 -16.32 -0.18
C PRO A 80 -8.47 -15.16 -0.84
N THR A 81 -7.70 -14.06 -1.07
CA THR A 81 -8.24 -12.89 -1.73
C THR A 81 -7.73 -12.93 -3.12
N GLN A 82 -8.44 -12.27 -4.07
CA GLN A 82 -8.00 -12.30 -5.44
C GLN A 82 -8.55 -11.09 -6.14
N GLN A 83 -7.71 -10.43 -6.99
CA GLN A 83 -8.13 -9.26 -7.72
C GLN A 83 -6.94 -8.74 -8.46
N GLU A 84 -5.90 -8.34 -7.70
CA GLU A 84 -4.69 -7.80 -8.28
C GLU A 84 -3.97 -8.91 -9.00
N PRO A 85 -2.91 -8.60 -9.75
CA PRO A 85 -2.17 -9.62 -10.44
C PRO A 85 -1.45 -10.36 -9.41
N PHE A 86 -1.21 -9.62 -8.31
CA PHE A 86 -0.57 -10.29 -7.19
C PHE A 86 -1.40 -10.48 -5.92
N ASP A 87 -1.26 -11.63 -5.38
CA ASP A 87 -1.65 -11.74 -3.98
C ASP A 87 -0.47 -12.00 -3.01
N LEU A 88 0.50 -11.17 -3.68
CA LEU A 88 1.89 -11.34 -3.30
C LEU A 88 2.22 -10.60 -2.01
N GLU A 89 1.78 -11.54 -1.16
CA GLU A 89 2.21 -11.65 0.23
C GLU A 89 2.54 -13.06 0.70
N ILE A 90 2.43 -13.70 -0.48
CA ILE A 90 2.50 -15.12 -0.75
C ILE A 90 3.90 -15.57 -0.39
N GLU A 91 4.08 -16.53 0.58
CA GLU A 91 5.43 -16.91 0.99
C GLU A 91 6.28 -17.40 -0.16
N LYS A 92 5.67 -18.14 -1.07
CA LYS A 92 6.36 -18.57 -2.28
C LYS A 92 6.73 -17.39 -3.16
N ARG A 93 5.65 -17.29 -3.94
CA ARG A 93 5.53 -16.21 -4.89
C ARG A 93 5.94 -14.93 -4.22
N GLY A 94 4.95 -14.37 -3.50
CA GLY A 94 5.00 -13.02 -2.98
C GLY A 94 6.36 -12.81 -2.36
N ALA A 95 6.55 -13.16 -1.07
CA ALA A 95 7.85 -12.81 -0.51
C ALA A 95 8.96 -12.82 -1.57
N SER A 96 9.03 -13.81 -2.50
CA SER A 96 10.03 -13.74 -3.55
C SER A 96 9.77 -12.58 -4.52
N LYS A 97 8.49 -12.44 -4.97
CA LYS A 97 8.06 -11.45 -5.92
C LYS A 97 8.07 -10.07 -5.27
N LEU A 98 8.16 -10.03 -3.92
CA LEU A 98 8.10 -8.78 -3.19
C LEU A 98 9.03 -7.76 -3.81
N GLN A 99 10.22 -8.13 -4.34
CA GLN A 99 11.02 -7.09 -4.97
C GLN A 99 10.25 -6.47 -6.14
N ARG A 100 9.61 -7.32 -7.00
CA ARG A 100 8.78 -6.81 -8.09
C ARG A 100 7.59 -6.03 -7.52
N TRP A 101 7.00 -6.53 -6.39
CA TRP A 101 5.92 -5.82 -5.73
C TRP A 101 6.32 -4.39 -5.52
N GLN A 102 7.57 -4.15 -5.05
CA GLN A 102 7.89 -2.81 -4.62
C GLN A 102 7.40 -1.81 -5.64
N GLN A 103 7.63 -2.03 -6.90
CA GLN A 103 7.18 -1.03 -7.85
C GLN A 103 5.66 -0.93 -7.87
N GLN A 104 4.84 -2.02 -7.78
CA GLN A 104 3.41 -1.80 -8.03
C GLN A 104 2.81 -0.89 -6.98
N ILE A 105 2.93 -1.27 -5.68
CA ILE A 105 2.36 -0.42 -4.64
C ILE A 105 3.03 0.93 -4.67
N GLN A 106 4.43 1.05 -5.15
CA GLN A 106 5.06 2.33 -5.32
C GLN A 106 4.42 3.15 -6.43
N GLU A 107 4.45 2.50 -7.63
CA GLU A 107 4.20 3.13 -8.92
C GLU A 107 2.87 3.88 -8.95
N GLU A 108 1.91 3.47 -8.15
CA GLU A 108 0.70 4.20 -8.14
C GLU A 108 1.03 5.61 -7.59
N LEU A 109 2.24 5.75 -6.94
CA LEU A 109 2.76 7.01 -6.42
C LEU A 109 3.67 7.58 -7.49
N LYS A 110 4.05 8.87 -7.37
CA LYS A 110 4.89 9.48 -8.39
C LYS A 110 6.26 8.83 -8.48
N GLN A 111 6.88 8.33 -7.37
CA GLN A 111 8.20 7.72 -7.48
C GLN A 111 8.72 7.35 -6.12
N GLN A 112 10.05 6.95 -6.08
CA GLN A 112 10.78 6.55 -4.87
C GLN A 112 10.86 5.05 -4.79
N LYS A 113 12.09 4.54 -4.44
CA LYS A 113 12.31 3.10 -4.35
C LYS A 113 13.14 2.82 -3.11
N GLU A 114 13.45 1.51 -2.87
CA GLU A 114 14.23 1.06 -1.71
C GLU A 114 13.30 0.99 -0.53
N MET A 115 12.23 0.21 -0.70
CA MET A 115 11.23 0.09 0.36
C MET A 115 11.77 -0.70 1.53
N VAL A 116 12.84 -1.65 1.26
CA VAL A 116 13.40 -2.51 2.32
C VAL A 116 14.27 -1.74 3.32
N VAL A 117 13.62 -0.65 3.49
CA VAL A 117 13.87 0.42 4.43
C VAL A 117 12.81 0.30 5.53
N PHE A 118 11.83 1.12 5.04
CA PHE A 118 10.74 1.60 5.89
C PHE A 118 9.99 0.49 6.63
N LYS A 119 10.69 -0.81 6.75
CA LYS A 119 10.59 -1.32 8.12
C LYS A 119 11.96 -1.84 8.56
N ALA A 120 13.00 -0.96 8.80
CA ALA A 120 14.15 -1.68 9.33
C ALA A 120 14.88 -1.00 10.49
N ARG A 121 13.98 -0.32 11.19
CA ARG A 121 14.48 0.45 12.33
C ARG A 121 13.29 0.96 13.18
N PRO A 122 13.59 1.70 14.22
CA PRO A 122 12.55 2.43 14.92
C PRO A 122 11.81 3.26 13.91
N ASN A 123 10.47 3.46 14.17
CA ASN A 123 9.61 4.20 13.27
C ASN A 123 10.28 4.65 11.96
N THR A 124 10.66 3.58 11.14
CA THR A 124 10.98 3.91 9.75
C THR A 124 9.85 3.36 8.89
N VAL A 125 8.79 3.39 9.71
CA VAL A 125 7.58 2.82 9.12
C VAL A 125 6.61 3.95 8.72
N VAL A 126 7.33 4.99 8.31
CA VAL A 126 6.54 6.15 7.96
C VAL A 126 7.20 6.88 6.78
N HIS A 127 6.90 6.14 5.70
CA HIS A 127 7.36 6.48 4.39
C HIS A 127 6.16 7.01 3.72
N GLN A 128 6.23 7.66 2.53
CA GLN A 128 4.96 8.13 2.05
C GLN A 128 3.91 7.04 1.77
N GLU A 129 4.32 5.75 1.94
CA GLU A 129 3.31 4.71 1.86
C GLU A 129 2.64 4.26 3.20
N PRO A 130 3.42 3.78 4.19
CA PRO A 130 2.91 3.58 5.54
C PRO A 130 2.98 4.83 6.41
N PHE A 131 1.93 5.74 6.36
CA PHE A 131 2.75 6.90 6.74
C PHE A 131 2.33 7.37 8.15
N VAL A 132 1.08 6.93 8.50
CA VAL A 132 0.31 7.43 9.66
C VAL A 132 1.06 7.51 10.99
N PRO A 133 0.69 8.55 11.78
CA PRO A 133 1.27 8.85 13.08
C PRO A 133 0.86 7.98 14.21
N LYS A 134 0.96 8.59 15.42
CA LYS A 134 0.66 7.99 16.68
C LYS A 134 1.99 7.59 17.22
N LYS A 135 2.23 6.29 17.37
CA LYS A 135 3.54 5.84 17.86
C LYS A 135 4.63 5.88 16.78
N GLU A 136 4.24 6.04 15.48
CA GLU A 136 5.24 5.98 14.40
C GLU A 136 5.66 7.38 14.00
N ASN A 137 4.75 8.35 13.71
CA ASN A 137 5.32 9.61 13.23
C ASN A 137 5.81 10.39 14.43
N ARG A 138 6.40 9.71 15.42
CA ARG A 138 7.30 10.57 16.18
C ARG A 138 8.39 11.18 15.31
N SER A 139 8.85 12.42 15.38
CA SER A 139 9.69 12.76 14.23
C SER A 139 10.95 11.91 14.21
N LEU A 140 11.87 12.63 13.63
CA LEU A 140 13.23 12.22 13.38
C LEU A 140 14.22 12.94 14.28
N THR A 141 14.00 12.20 15.48
CA THR A 141 14.52 12.66 16.75
C THR A 141 16.02 12.77 16.67
N GLU A 142 16.53 12.17 17.83
CA GLU A 142 17.95 12.12 18.09
C GLU A 142 18.49 10.73 17.99
N SER A 143 17.79 9.77 18.64
CA SER A 143 18.25 8.41 18.72
C SER A 143 17.89 7.68 17.46
N LEU A 144 17.16 8.36 16.56
CA LEU A 144 16.79 7.79 15.31
C LEU A 144 15.49 7.07 15.47
N SER A 145 14.37 7.83 15.44
CA SER A 145 13.07 7.19 15.48
C SER A 145 12.69 6.49 14.16
N GLY A 146 13.60 6.55 13.29
CA GLY A 146 13.37 6.22 11.90
C GLY A 146 12.97 7.45 11.06
N SER A 147 14.25 7.67 10.76
CA SER A 147 14.50 8.59 9.66
C SER A 147 14.43 7.79 8.36
N ILE A 148 13.72 8.40 7.47
CA ILE A 148 13.26 7.41 6.52
C ILE A 148 14.29 7.25 5.42
N VAL A 149 15.10 6.10 5.37
CA VAL A 149 16.20 6.29 4.46
C VAL A 149 15.92 5.35 3.29
N GLN A 150 15.00 6.15 2.97
CA GLN A 150 14.12 6.26 1.82
C GLN A 150 13.36 7.57 1.87
N GLU A 151 12.84 8.09 0.92
CA GLU A 151 12.17 9.30 1.35
C GLU A 151 10.76 8.97 1.85
N GLY A 152 10.32 9.75 2.84
CA GLY A 152 8.99 9.61 3.38
C GLY A 152 8.40 10.64 2.54
N PHE A 153 7.36 11.39 2.79
CA PHE A 153 7.13 12.34 1.71
C PHE A 153 8.39 13.17 1.51
N GLU A 154 8.91 13.80 2.60
CA GLU A 154 10.18 14.50 2.48
C GLU A 154 11.14 13.93 3.52
N LEU A 155 10.45 13.22 4.42
CA LEU A 155 10.97 13.04 5.76
C LEU A 155 11.99 11.93 5.77
N ALA A 156 12.97 11.98 4.83
CA ALA A 156 14.09 11.10 5.04
C ALA A 156 15.07 11.74 5.99
N THR A 157 16.06 10.93 6.49
CA THR A 157 17.05 11.43 7.42
C THR A 157 17.55 12.83 7.04
N ALA A 158 18.69 12.66 6.33
CA ALA A 158 19.43 13.83 5.87
C ALA A 158 18.53 14.85 5.18
N LYS A 159 17.28 14.48 4.74
CA LYS A 159 16.48 15.42 3.99
C LYS A 159 15.75 16.31 4.98
N ARG A 160 16.39 16.24 6.21
CA ARG A 160 15.82 17.08 7.25
C ARG A 160 16.43 18.46 7.18
N ALA A 161 17.76 18.54 6.90
CA ALA A 161 18.56 19.68 7.27
C ALA A 161 17.88 20.97 6.86
N LYS A 162 17.60 21.22 5.58
CA LYS A 162 17.06 22.52 5.27
C LYS A 162 15.64 22.67 5.80
N GLU A 163 14.91 21.62 5.58
CA GLU A 163 13.46 21.58 5.79
C GLU A 163 13.07 21.69 7.25
N ARG A 164 13.97 21.35 8.22
CA ARG A 164 13.55 21.12 9.59
C ARG A 164 12.72 22.30 10.08
N GLN A 165 13.11 23.59 9.89
CA GLN A 165 12.39 24.60 10.65
C GLN A 165 10.94 24.69 10.24
N GLU A 166 10.61 24.87 8.94
CA GLU A 166 9.19 24.98 8.62
C GLU A 166 8.54 23.62 8.57
N PHE A 167 9.34 22.69 8.12
CA PHE A 167 8.94 21.34 7.78
C PHE A 167 8.44 20.60 9.01
N ASP A 168 9.40 19.75 9.53
CA ASP A 168 9.00 18.74 10.49
C ASP A 168 7.78 19.11 11.31
N LYS A 169 8.15 19.60 12.50
CA LYS A 169 7.10 19.72 13.50
C LYS A 169 5.86 20.38 12.92
N CYS A 170 5.94 21.44 12.09
CA CYS A 170 4.66 22.03 11.71
C CYS A 170 4.04 21.27 10.55
N LEU A 171 4.78 21.14 9.40
CA LEU A 171 4.13 20.64 8.21
C LEU A 171 4.01 19.12 8.31
N ALA A 172 4.90 18.38 9.02
CA ALA A 172 4.93 16.94 8.90
C ALA A 172 3.56 16.29 9.05
N GLU A 173 2.71 16.65 10.01
CA GLU A 173 1.43 15.96 10.06
C GLU A 173 0.59 16.28 8.84
N THR A 174 0.52 17.58 8.45
CA THR A 174 -0.26 17.92 7.27
C THR A 174 0.42 17.39 6.00
N GLU A 175 1.73 17.15 6.16
CA GLU A 175 2.59 16.61 5.12
C GLU A 175 2.00 15.28 4.64
N ALA A 176 1.44 14.53 5.60
CA ALA A 176 0.85 13.22 5.32
C ALA A 176 -0.25 13.34 4.28
N GLN A 177 -1.06 14.42 4.32
CA GLN A 177 -2.17 14.45 3.38
C GLN A 177 -1.64 14.43 1.94
N LYS A 178 -0.67 15.31 1.58
CA LYS A 178 -0.24 15.24 0.18
C LYS A 178 0.51 13.94 -0.06
N SER A 179 1.30 13.51 0.98
CA SER A 179 2.03 12.25 0.91
C SER A 179 1.14 11.12 0.38
N LEU A 180 0.62 10.49 1.44
CA LEU A 180 -0.16 9.27 1.31
C LEU A 180 -1.23 9.45 0.22
N LEU A 181 -1.94 10.60 0.09
CA LEU A 181 -2.97 10.62 -0.93
C LEU A 181 -2.35 10.37 -2.29
N GLU A 182 -1.17 10.95 -2.52
CA GLU A 182 -0.47 10.77 -3.79
C GLU A 182 -0.24 9.30 -4.07
N GLU A 183 -0.03 8.46 -3.02
CA GLU A 183 0.39 7.09 -3.28
C GLU A 183 -0.56 6.40 -4.27
N GLU A 184 -1.48 5.74 -3.52
CA GLU A 184 -2.47 4.90 -4.21
C GLU A 184 -3.72 5.70 -4.59
N ILE A 185 -4.20 6.58 -3.68
CA ILE A 185 -5.47 7.25 -3.90
C ILE A 185 -5.38 8.14 -5.12
N ARG A 186 -4.30 8.96 -5.25
CA ARG A 186 -4.13 9.86 -6.38
C ARG A 186 -4.61 11.23 -5.96
N LYS A 187 -5.02 12.05 -6.95
CA LYS A 187 -5.49 13.38 -6.68
C LYS A 187 -6.72 13.60 -7.50
N ARG A 188 -6.59 13.51 -8.85
CA ARG A 188 -7.72 13.71 -9.71
C ARG A 188 -7.43 13.05 -11.02
N ARG A 189 -8.48 12.90 -11.88
CA ARG A 189 -8.31 12.29 -13.17
C ARG A 189 -8.39 13.37 -14.20
N GLU A 190 -7.41 13.39 -15.14
CA GLU A 190 -7.41 14.40 -16.17
C GLU A 190 -7.36 13.68 -17.49
N GLU A 191 -6.18 13.12 -17.84
CA GLU A 191 -6.04 12.41 -19.09
C GLU A 191 -5.18 11.21 -18.83
N GLU A 192 -3.91 11.46 -18.47
CA GLU A 192 -3.00 10.37 -18.19
C GLU A 192 -2.43 10.66 -16.84
N GLU A 193 -2.28 9.60 -16.00
CA GLU A 193 -1.75 9.79 -14.69
C GLU A 193 -0.70 8.75 -14.47
N LYS A 194 0.42 9.18 -13.82
CA LYS A 194 1.54 8.28 -13.56
C LYS A 194 1.12 7.06 -12.76
N GLU A 195 0.03 7.25 -12.01
CA GLU A 195 -0.45 6.23 -11.09
C GLU A 195 -0.68 4.91 -11.81
N GLU A 196 -2.05 4.80 -12.00
CA GLU A 196 -2.72 3.56 -12.38
C GLU A 196 -2.19 3.05 -13.70
N ILE A 197 -0.94 3.60 -13.97
CA ILE A 197 -0.22 3.09 -15.11
C ILE A 197 0.60 1.88 -14.71
N SER A 198 0.67 1.69 -13.35
CA SER A 198 1.68 0.84 -12.75
C SER A 198 1.93 -0.39 -13.62
N GLN A 199 0.94 -1.21 -13.82
CA GLN A 199 1.32 -2.47 -14.44
C GLN A 199 1.35 -2.34 -15.97
N LEU A 200 0.50 -1.38 -16.47
CA LEU A 200 0.03 -1.31 -17.86
C LEU A 200 1.16 -1.09 -18.85
N ARG A 201 2.11 -0.04 -18.74
CA ARG A 201 2.77 0.20 -20.02
C ARG A 201 4.08 -0.56 -20.13
N GLN A 202 5.07 0.01 -19.36
CA GLN A 202 6.39 -0.58 -19.49
C GLN A 202 6.78 -1.39 -18.24
N GLU A 203 6.46 -0.61 -17.15
CA GLU A 203 6.57 -1.00 -15.76
C GLU A 203 6.00 -2.39 -15.61
N LEU A 204 6.63 -3.42 -16.26
CA LEU A 204 6.13 -4.76 -16.09
C LEU A 204 6.46 -5.31 -14.72
N VAL A 205 5.79 -4.50 -13.84
CA VAL A 205 5.91 -4.79 -12.42
C VAL A 205 5.41 -6.20 -12.12
N HIS A 206 4.31 -6.56 -12.73
CA HIS A 206 3.89 -7.93 -12.58
C HIS A 206 3.59 -8.47 -13.99
N LYS A 207 4.57 -9.28 -14.46
CA LYS A 207 4.44 -9.79 -15.83
C LYS A 207 4.02 -11.25 -15.78
N ALA A 208 3.74 -11.69 -14.54
CA ALA A 208 3.63 -13.11 -14.27
C ALA A 208 2.88 -13.83 -15.38
N LYS A 209 1.61 -13.97 -14.92
CA LYS A 209 0.75 -14.64 -15.88
C LYS A 209 -0.34 -13.69 -16.39
N PRO A 210 -0.61 -13.60 -17.68
CA PRO A 210 -1.45 -12.49 -18.06
C PRO A 210 -2.80 -12.51 -17.35
N ILE A 211 -2.76 -11.37 -16.64
CA ILE A 211 -3.87 -10.83 -15.87
C ILE A 211 -4.48 -9.66 -16.65
N ARG A 212 -5.79 -9.58 -16.95
CA ARG A 212 -6.11 -8.40 -17.72
C ARG A 212 -6.04 -7.13 -16.86
N LYS A 213 -4.81 -6.59 -17.07
CA LYS A 213 -4.42 -5.31 -16.43
C LYS A 213 -4.93 -4.09 -17.20
N TYR A 214 -5.41 -4.50 -18.44
CA TYR A 214 -5.80 -3.66 -19.53
C TYR A 214 -7.13 -3.02 -19.21
N ARG A 215 -7.14 -2.54 -17.96
CA ARG A 215 -8.26 -1.83 -17.38
C ARG A 215 -8.88 -0.79 -18.31
N ALA A 216 -8.32 -0.56 -19.53
CA ALA A 216 -8.89 0.50 -20.34
C ALA A 216 -10.28 0.12 -20.87
N VAL A 217 -10.75 -1.09 -20.51
CA VAL A 217 -12.09 -1.49 -20.88
C VAL A 217 -12.99 -1.71 -19.65
N GLU A 218 -12.37 -2.22 -18.55
CA GLU A 218 -13.25 -2.38 -17.38
C GLU A 218 -12.86 -1.50 -16.21
N VAL A 219 -12.93 -0.25 -16.81
CA VAL A 219 -12.62 1.01 -16.12
C VAL A 219 -13.44 1.15 -14.85
N LYS A 220 -14.41 0.25 -14.63
CA LYS A 220 -15.29 0.29 -13.48
C LYS A 220 -14.56 0.04 -12.17
N ALA A 221 -13.22 0.41 -12.05
CA ALA A 221 -12.68 0.08 -10.75
C ALA A 221 -12.44 1.35 -9.94
N SER A 222 -11.21 1.15 -9.28
CA SER A 222 -10.89 2.27 -8.39
C SER A 222 -9.52 2.83 -8.63
N ASP A 223 -8.78 2.50 -7.49
CA ASP A 223 -7.42 3.00 -7.34
C ASP A 223 -6.37 2.01 -7.85
N VAL A 224 -6.76 0.73 -8.11
CA VAL A 224 -5.83 -0.31 -8.62
C VAL A 224 -6.06 -0.53 -10.11
N PRO A 225 -4.99 -0.87 -10.88
CA PRO A 225 -5.15 -1.25 -12.30
C PRO A 225 -6.14 -2.36 -12.34
N LEU A 226 -7.23 -2.22 -13.13
CA LEU A 226 -8.25 -3.25 -13.15
C LEU A 226 -7.60 -4.52 -13.55
N THR A 227 -7.48 -5.42 -12.57
CA THR A 227 -6.84 -6.66 -12.79
C THR A 227 -7.85 -7.75 -12.55
N VAL A 228 -7.87 -8.78 -13.42
CA VAL A 228 -8.76 -9.88 -13.20
C VAL A 228 -8.19 -10.61 -12.02
N PRO A 229 -9.03 -11.22 -11.24
CA PRO A 229 -8.58 -11.89 -10.03
C PRO A 229 -7.58 -12.99 -10.24
N ARG A 230 -6.52 -12.97 -9.40
CA ARG A 230 -5.49 -13.97 -9.45
C ARG A 230 -5.96 -15.07 -8.54
N SER A 231 -6.32 -16.24 -9.11
CA SER A 231 -6.79 -17.33 -8.31
C SER A 231 -5.58 -18.14 -7.86
N PRO A 232 -5.35 -18.20 -6.56
CA PRO A 232 -4.24 -18.97 -6.02
C PRO A 232 -4.49 -20.45 -6.09
N ASN A 233 -5.78 -20.84 -6.15
CA ASN A 233 -6.13 -22.23 -6.22
C ASN A 233 -6.55 -22.49 -7.65
N PHE A 234 -6.90 -23.75 -7.96
CA PHE A 234 -7.30 -24.08 -9.30
C PHE A 234 -8.75 -23.75 -9.43
N SER A 235 -9.06 -22.75 -10.28
CA SER A 235 -10.41 -22.34 -10.49
C SER A 235 -10.50 -21.80 -11.89
N ASP A 236 -11.73 -21.55 -12.38
CA ASP A 236 -11.88 -21.05 -13.73
C ASP A 236 -11.56 -19.58 -13.70
N ARG A 237 -10.42 -19.21 -14.31
CA ARG A 237 -10.02 -17.82 -14.35
C ARG A 237 -8.79 -17.77 -15.21
N PHE A 238 -8.12 -16.60 -15.23
CA PHE A 238 -6.93 -16.44 -16.02
C PHE A 238 -5.85 -17.34 -15.49
N LYS A 239 -5.76 -17.45 -14.14
CA LYS A 239 -4.74 -18.30 -13.57
C LYS A 239 -5.06 -19.73 -13.89
N CYS A 240 -6.36 -20.07 -13.94
CA CYS A 240 -6.77 -21.43 -14.24
C CYS A 240 -6.27 -22.35 -13.12
N VAL A 1 -19.54 0.97 -3.24
CA VAL A 1 -19.13 1.03 -1.81
C VAL A 1 -17.62 1.02 -1.69
N PRO A 2 -17.05 2.20 -1.77
CA PRO A 2 -15.61 2.37 -1.68
C PRO A 2 -15.14 2.60 -0.27
N VAL A 3 -15.74 1.83 0.66
CA VAL A 3 -15.41 1.99 2.07
C VAL A 3 -14.73 0.79 2.75
N ILE A 4 -13.61 1.05 3.50
CA ILE A 4 -12.97 -0.08 4.19
C ILE A 4 -13.86 -0.65 5.30
N LYS A 5 -13.61 0.07 6.53
CA LYS A 5 -14.23 -0.32 7.81
C LYS A 5 -14.46 -1.84 7.93
N ALA A 6 -13.39 -2.53 7.54
CA ALA A 6 -13.32 -4.00 7.45
C ALA A 6 -13.24 -4.65 8.84
N THR A 7 -13.74 -5.90 8.89
CA THR A 7 -13.66 -6.74 10.09
C THR A 7 -12.21 -7.11 10.45
N ARG A 8 -11.86 -7.15 11.75
CA ARG A 8 -10.47 -7.46 12.05
C ARG A 8 -10.27 -8.98 11.92
N MET A 9 -9.09 -9.35 11.34
CA MET A 9 -8.72 -10.73 11.08
C MET A 9 -7.56 -10.62 10.12
N PRO A 10 -6.95 -11.72 9.68
CA PRO A 10 -5.86 -11.68 8.69
C PRO A 10 -6.16 -10.73 7.54
N HIS A 11 -5.13 -10.15 6.88
CA HIS A 11 -5.39 -9.13 5.84
C HIS A 11 -5.71 -9.68 4.48
N TYR A 12 -4.72 -10.34 3.90
CA TYR A 12 -4.79 -10.95 2.64
C TYR A 12 -5.32 -12.26 3.05
N GLY A 13 -6.59 -12.21 3.33
CA GLY A 13 -7.25 -13.28 3.92
C GLY A 13 -8.05 -12.73 5.09
N VAL A 14 -8.70 -11.55 4.79
CA VAL A 14 -9.68 -10.86 5.65
C VAL A 14 -10.85 -10.92 4.71
N PRO A 15 -12.09 -10.61 5.10
CA PRO A 15 -13.14 -10.58 4.09
C PRO A 15 -12.60 -9.81 2.93
N PHE A 16 -12.49 -10.46 1.76
CA PHE A 16 -11.76 -9.85 0.67
C PHE A 16 -12.43 -8.71 0.05
N LYS A 17 -13.65 -8.86 -0.45
CA LYS A 17 -14.21 -7.73 -1.08
C LYS A 17 -15.70 -7.61 -0.81
N PRO A 18 -16.06 -7.37 0.45
CA PRO A 18 -17.43 -7.12 0.82
C PRO A 18 -17.64 -5.63 0.89
N LYS A 19 -16.92 -5.00 1.85
CA LYS A 19 -16.92 -3.57 1.99
C LYS A 19 -15.56 -3.20 1.46
N LEU A 20 -15.30 -3.66 0.22
CA LEU A 20 -14.04 -3.47 -0.44
C LEU A 20 -13.68 -2.02 -0.53
N VAL A 21 -12.37 -1.64 -0.39
CA VAL A 21 -12.06 -0.26 -0.57
C VAL A 21 -12.10 -0.20 -2.09
N GLU A 22 -13.00 0.64 -2.67
CA GLU A 22 -13.11 0.60 -4.12
C GLU A 22 -12.43 1.74 -4.79
N GLN A 23 -13.00 2.96 -4.63
CA GLN A 23 -12.47 4.11 -5.33
C GLN A 23 -11.72 4.99 -4.41
N ARG A 24 -12.43 5.49 -3.37
CA ARG A 24 -11.86 6.41 -2.42
C ARG A 24 -12.98 7.28 -1.95
N GLN A 25 -13.69 6.87 -0.89
CA GLN A 25 -14.74 7.71 -0.37
C GLN A 25 -14.05 8.58 0.63
N VAL A 26 -13.51 9.72 0.17
CA VAL A 26 -12.75 10.56 1.11
C VAL A 26 -13.48 10.95 2.39
N ASP A 27 -14.83 10.92 2.39
CA ASP A 27 -15.49 11.30 3.63
C ASP A 27 -15.62 10.15 4.63
N VAL A 28 -15.46 8.86 4.17
CA VAL A 28 -15.57 7.79 5.14
C VAL A 28 -14.54 6.74 4.81
N CYS A 29 -13.38 7.41 4.46
CA CYS A 29 -12.17 6.65 4.25
C CYS A 29 -10.92 7.29 4.86
N PRO A 30 -10.60 6.94 6.08
CA PRO A 30 -9.48 7.65 6.66
C PRO A 30 -8.14 7.13 6.16
N PHE A 31 -7.46 8.02 5.43
CA PHE A 31 -6.00 7.90 5.33
C PHE A 31 -5.26 9.19 5.61
N SER A 32 -6.04 9.74 6.57
CA SER A 32 -5.73 10.97 7.28
C SER A 32 -5.23 10.60 8.68
N PHE A 33 -4.73 11.52 9.45
CA PHE A 33 -4.13 11.07 10.65
C PHE A 33 -4.41 12.06 11.73
N CYS A 34 -5.57 12.74 11.62
CA CYS A 34 -5.97 13.69 12.62
C CYS A 34 -7.08 13.02 13.37
N ASP A 35 -6.71 12.14 14.32
CA ASP A 35 -7.68 11.40 15.11
C ASP A 35 -8.51 10.56 14.17
N ARG A 36 -7.88 10.06 13.07
CA ARG A 36 -8.60 9.24 12.12
C ARG A 36 -7.77 8.02 11.81
N ASP A 37 -6.59 7.90 12.45
CA ASP A 37 -5.74 6.73 12.26
C ASP A 37 -6.46 5.61 12.98
N LYS A 38 -7.21 5.99 14.05
CA LYS A 38 -7.98 5.00 14.79
C LYS A 38 -8.91 4.24 13.87
N GLU A 39 -9.69 4.85 12.96
CA GLU A 39 -10.47 3.98 12.08
C GLU A 39 -9.59 3.20 11.10
N ARG A 40 -8.55 3.90 10.64
CA ARG A 40 -7.57 3.46 9.65
C ARG A 40 -6.87 2.17 10.12
N GLN A 41 -7.10 1.75 11.44
CA GLN A 41 -6.37 0.61 12.02
C GLN A 41 -6.20 -0.52 11.01
N LEU A 42 -7.24 -0.76 10.35
CA LEU A 42 -7.33 -1.89 9.45
C LEU A 42 -6.20 -1.87 8.43
N GLN A 43 -5.94 -0.71 7.91
CA GLN A 43 -4.90 -0.67 6.89
C GLN A 43 -3.54 -0.79 7.56
N LYS A 44 -3.41 0.00 8.67
CA LYS A 44 -2.18 0.12 9.43
C LYS A 44 -1.72 -1.21 9.99
N GLU A 45 -2.61 -1.78 10.74
CA GLU A 45 -2.27 -2.80 11.72
C GLU A 45 -1.64 -4.03 11.08
N LYS A 46 -2.21 -4.46 10.07
CA LYS A 46 -2.09 -5.89 9.85
C LYS A 46 -0.66 -6.27 9.53
N ARG A 47 0.19 -5.60 8.65
CA ARG A 47 1.43 -6.31 8.50
C ARG A 47 2.44 -5.88 9.50
N LEU A 48 2.08 -4.75 10.20
CA LEU A 48 3.02 -4.08 11.04
C LEU A 48 3.62 -4.99 12.10
N ASP A 49 2.93 -4.82 13.22
CA ASP A 49 3.54 -5.40 14.40
C ASP A 49 4.21 -6.73 14.11
N GLU A 50 3.42 -7.81 14.40
CA GLU A 50 4.04 -9.12 14.32
C GLU A 50 4.90 -9.26 13.07
N LEU A 51 4.53 -8.64 11.94
CA LEU A 51 5.33 -8.72 10.70
C LEU A 51 6.16 -7.46 10.55
N ARG A 52 6.65 -6.90 11.70
CA ARG A 52 7.38 -5.62 11.81
C ARG A 52 8.58 -5.42 10.90
N LYS A 53 8.69 -6.12 9.76
CA LYS A 53 9.77 -5.84 8.86
C LYS A 53 9.54 -4.41 8.36
N ASP A 54 8.25 -4.08 8.08
CA ASP A 54 7.87 -2.76 7.63
C ASP A 54 6.35 -2.72 7.54
N GLU A 55 5.83 -2.55 6.29
CA GLU A 55 4.42 -2.46 6.13
C GLU A 55 4.09 -2.63 4.67
N VAL A 56 3.19 -3.61 4.33
CA VAL A 56 2.66 -3.68 2.99
C VAL A 56 1.63 -2.59 3.28
N PRO A 57 1.88 -1.42 2.69
CA PRO A 57 1.24 -0.13 3.02
C PRO A 57 -0.20 -0.07 3.33
N LYS A 58 -0.60 1.13 3.85
CA LYS A 58 -1.97 1.39 4.15
C LYS A 58 -2.54 1.39 2.78
N PHE A 59 -3.53 0.55 2.53
CA PHE A 59 -3.99 0.41 1.20
C PHE A 59 -5.13 1.26 0.83
N LYS A 60 -4.77 2.21 -0.03
CA LYS A 60 -5.73 2.96 -0.74
C LYS A 60 -5.53 2.25 -2.06
N ALA A 61 -4.96 1.02 -1.86
CA ALA A 61 -4.59 0.06 -2.84
C ALA A 61 -5.84 -0.63 -3.17
N GLN A 62 -5.69 -1.84 -3.71
CA GLN A 62 -6.83 -2.65 -3.98
C GLN A 62 -7.55 -2.72 -2.65
N PRO A 63 -8.79 -3.12 -2.66
CA PRO A 63 -9.64 -3.11 -1.47
C PRO A 63 -9.02 -3.47 -0.14
N LEU A 64 -9.79 -3.22 0.95
CA LEU A 64 -9.36 -3.46 2.34
C LEU A 64 -8.61 -4.74 2.36
N PRO A 65 -7.65 -4.92 3.29
CA PRO A 65 -6.85 -6.12 3.33
C PRO A 65 -7.49 -7.28 2.62
N GLN A 66 -6.89 -7.73 1.54
CA GLN A 66 -7.53 -8.76 0.77
C GLN A 66 -6.51 -9.39 -0.09
N PHE A 67 -5.50 -8.62 -0.44
CA PHE A 67 -4.45 -9.12 -1.25
C PHE A 67 -3.24 -8.70 -0.56
N ASP A 68 -3.27 -7.47 -0.02
CA ASP A 68 -2.16 -6.96 0.62
C ASP A 68 -2.34 -6.67 2.10
N ASN A 69 -1.12 -6.52 2.78
CA ASN A 69 -0.92 -6.19 4.21
C ASN A 69 0.06 -7.23 4.77
N ILE A 70 -0.33 -8.10 5.75
CA ILE A 70 0.63 -9.03 6.35
C ILE A 70 1.13 -10.08 5.40
N ARG A 71 1.81 -11.09 6.00
CA ARG A 71 2.33 -12.22 5.27
C ARG A 71 1.54 -13.39 5.78
N LEU A 72 0.84 -14.13 4.88
CA LEU A 72 0.02 -15.24 5.33
C LEU A 72 0.20 -16.41 4.40
N PRO A 73 -0.06 -17.59 4.94
CA PRO A 73 0.04 -18.83 4.17
C PRO A 73 -1.17 -19.08 3.32
N GLU A 74 -1.22 -20.26 2.69
CA GLU A 74 -2.32 -20.61 1.80
C GLU A 74 -3.45 -21.17 2.62
N LYS A 75 -3.37 -21.08 3.96
CA LYS A 75 -4.46 -21.60 4.79
C LYS A 75 -5.38 -20.47 5.26
N LYS A 76 -5.00 -19.21 4.94
CA LYS A 76 -5.82 -18.07 5.33
C LYS A 76 -6.75 -17.64 4.20
N VAL A 77 -6.31 -17.88 2.94
CA VAL A 77 -7.10 -17.48 1.79
C VAL A 77 -8.14 -18.57 1.53
N LYS A 78 -8.95 -18.52 2.63
CA LYS A 78 -10.10 -19.40 2.74
C LYS A 78 -11.02 -19.09 1.59
N MET A 79 -11.21 -17.79 1.31
CA MET A 79 -12.06 -17.37 0.23
C MET A 79 -11.17 -16.68 -0.76
N PRO A 80 -11.58 -16.66 -2.01
CA PRO A 80 -10.80 -16.01 -3.06
C PRO A 80 -11.09 -14.53 -3.21
N THR A 81 -10.10 -13.79 -3.78
CA THR A 81 -10.28 -12.38 -4.04
C THR A 81 -11.03 -12.31 -5.35
N GLN A 82 -11.75 -11.19 -5.59
CA GLN A 82 -12.52 -11.06 -6.82
C GLN A 82 -11.60 -10.82 -7.99
N GLN A 83 -11.04 -9.60 -8.10
CA GLN A 83 -10.16 -9.31 -9.22
C GLN A 83 -8.91 -8.69 -8.66
N GLU A 84 -7.73 -9.19 -9.13
CA GLU A 84 -6.47 -8.68 -8.64
C GLU A 84 -5.38 -9.46 -9.31
N PRO A 85 -4.19 -8.89 -9.35
CA PRO A 85 -3.04 -9.56 -9.95
C PRO A 85 -2.52 -10.56 -9.01
N PHE A 86 -1.93 -10.00 -7.97
CA PHE A 86 -1.42 -10.84 -6.90
C PHE A 86 -2.10 -10.69 -5.53
N ASP A 87 -2.21 -11.82 -4.89
CA ASP A 87 -2.51 -11.73 -3.46
C ASP A 87 -1.34 -12.14 -2.54
N LEU A 88 -0.26 -11.67 -3.33
CA LEU A 88 1.12 -11.96 -2.93
C LEU A 88 1.57 -11.05 -1.79
N GLU A 89 1.02 -11.76 -0.81
CA GLU A 89 1.38 -11.67 0.60
C GLU A 89 1.61 -12.99 1.31
N ILE A 90 1.47 -13.80 0.25
CA ILE A 90 1.43 -15.25 0.17
C ILE A 90 2.83 -15.73 0.53
N GLU A 91 2.97 -16.56 1.64
CA GLU A 91 4.29 -16.94 2.13
C GLU A 91 5.14 -17.62 1.08
N LYS A 92 4.55 -18.48 0.28
CA LYS A 92 5.30 -19.11 -0.80
C LYS A 92 5.77 -18.09 -1.81
N ARG A 93 4.76 -18.09 -2.67
CA ARG A 93 4.76 -17.16 -3.78
C ARG A 93 5.15 -15.79 -3.26
N GLY A 94 4.10 -15.13 -2.76
CA GLY A 94 4.10 -13.72 -2.47
C GLY A 94 5.36 -13.40 -1.70
N ALA A 95 5.38 -13.53 -0.35
CA ALA A 95 6.60 -13.10 0.30
C ALA A 95 7.83 -13.27 -0.57
N SER A 96 7.98 -14.36 -1.36
CA SER A 96 9.09 -14.44 -2.30
C SER A 96 9.02 -13.36 -3.37
N LYS A 97 7.77 -13.16 -3.93
CA LYS A 97 7.49 -12.18 -4.96
C LYS A 97 7.61 -10.78 -4.38
N LEU A 98 7.63 -10.67 -3.02
CA LEU A 98 7.68 -9.38 -2.37
C LEU A 98 8.75 -8.51 -2.99
N GLN A 99 9.93 -9.02 -3.43
CA GLN A 99 10.85 -8.10 -4.07
C GLN A 99 10.22 -7.50 -5.33
N ARG A 100 9.59 -8.36 -6.17
CA ARG A 100 8.88 -7.88 -7.36
C ARG A 100 7.69 -7.00 -6.96
N TRP A 101 7.07 -7.33 -5.79
CA TRP A 101 5.94 -6.60 -5.26
C TRP A 101 6.21 -5.12 -5.34
N GLN A 102 7.45 -4.70 -4.99
CA GLN A 102 7.68 -3.29 -4.77
C GLN A 102 7.02 -2.48 -5.86
N GLN A 103 7.10 -2.88 -7.07
CA GLN A 103 6.59 -2.00 -8.10
C GLN A 103 5.08 -1.82 -7.99
N GLN A 104 4.18 -2.85 -7.64
CA GLN A 104 2.76 -2.53 -7.74
C GLN A 104 2.34 -1.58 -6.62
N ILE A 105 2.43 -2.04 -5.34
CA ILE A 105 1.98 -1.18 -4.27
C ILE A 105 2.89 0.02 -4.17
N GLN A 106 4.29 -0.10 -4.32
CA GLN A 106 5.06 1.10 -4.10
C GLN A 106 5.09 2.00 -5.33
N GLU A 107 5.52 1.53 -6.55
CA GLU A 107 5.70 2.50 -7.62
C GLU A 107 4.38 3.16 -8.04
N GLU A 108 3.22 2.53 -7.71
CA GLU A 108 1.95 3.16 -8.07
C GLU A 108 1.92 4.54 -7.43
N LEU A 109 2.73 4.73 -6.36
CA LEU A 109 2.91 6.01 -5.73
C LEU A 109 3.76 6.82 -6.71
N LYS A 110 3.30 8.04 -7.08
CA LYS A 110 3.99 8.83 -8.09
C LYS A 110 5.45 9.05 -7.74
N GLN A 111 5.79 9.36 -6.47
CA GLN A 111 7.17 9.58 -6.12
C GLN A 111 7.89 8.26 -6.08
N GLN A 112 9.01 8.15 -6.85
CA GLN A 112 9.78 6.93 -6.89
C GLN A 112 11.19 7.31 -6.53
N LYS A 113 11.72 6.78 -5.41
CA LYS A 113 13.08 7.12 -5.03
C LYS A 113 13.54 6.18 -3.96
N GLU A 114 14.72 5.53 -4.19
CA GLU A 114 15.31 4.62 -3.21
C GLU A 114 14.29 3.59 -2.80
N MET A 115 14.00 2.63 -3.70
CA MET A 115 13.04 1.59 -3.36
C MET A 115 13.52 0.75 -2.20
N VAL A 116 14.82 0.30 -2.26
CA VAL A 116 15.28 -0.67 -1.25
C VAL A 116 15.60 -0.03 0.10
N VAL A 117 14.57 0.79 0.44
CA VAL A 117 14.55 1.43 1.75
C VAL A 117 13.67 0.57 2.64
N PHE A 118 12.41 1.19 2.64
CA PHE A 118 11.55 0.86 3.79
C PHE A 118 11.28 -0.64 3.93
N LYS A 119 12.25 -1.46 3.32
CA LYS A 119 12.28 -2.79 3.94
C LYS A 119 13.67 -3.04 4.51
N ALA A 120 14.19 -1.97 5.27
CA ALA A 120 15.50 -2.39 5.72
C ALA A 120 16.03 -1.71 6.99
N ARG A 121 15.11 -1.22 7.84
CA ARG A 121 15.71 -0.43 8.94
C ARG A 121 14.64 -0.15 10.03
N PRO A 122 15.14 0.49 11.07
CA PRO A 122 14.29 1.11 12.08
C PRO A 122 13.42 2.13 11.41
N ASN A 123 12.18 2.23 11.96
CA ASN A 123 11.15 3.12 11.44
C ASN A 123 11.56 3.93 10.20
N THR A 124 11.86 3.14 9.08
CA THR A 124 11.83 3.80 7.78
C THR A 124 10.69 3.16 6.99
N VAL A 125 9.86 2.80 7.98
CA VAL A 125 8.73 1.98 7.54
C VAL A 125 7.45 2.81 7.63
N VAL A 126 7.79 4.04 7.29
CA VAL A 126 6.71 5.00 7.23
C VAL A 126 6.99 6.03 6.13
N HIS A 127 6.79 5.45 4.96
CA HIS A 127 7.01 6.15 3.74
C HIS A 127 5.71 6.76 3.46
N GLN A 128 5.57 7.67 2.48
CA GLN A 128 4.20 8.13 2.34
C GLN A 128 3.18 7.05 1.97
N GLU A 129 3.70 5.82 1.85
CA GLU A 129 2.82 4.66 1.68
C GLU A 129 2.26 4.01 2.98
N PRO A 130 3.16 3.49 3.85
CA PRO A 130 2.79 3.19 5.22
C PRO A 130 2.96 4.37 6.16
N PHE A 131 1.92 5.27 6.28
CA PHE A 131 2.74 6.43 6.66
C PHE A 131 2.57 6.68 8.16
N VAL A 132 1.40 6.15 8.60
CA VAL A 132 0.78 6.33 9.90
C VAL A 132 1.65 6.01 11.09
N PRO A 133 1.29 6.67 12.19
CA PRO A 133 2.00 6.58 13.46
C PRO A 133 1.61 5.44 14.34
N LYS A 134 2.51 5.19 15.30
CA LYS A 134 2.39 4.16 16.29
C LYS A 134 3.81 4.01 16.73
N LYS A 135 4.35 2.79 16.70
CA LYS A 135 5.77 2.64 17.05
C LYS A 135 6.72 3.09 15.95
N GLU A 136 6.15 3.36 14.73
CA GLU A 136 6.99 3.71 13.59
C GLU A 136 7.14 5.22 13.52
N ASN A 137 6.08 6.06 13.61
CA ASN A 137 6.43 7.45 13.39
C ASN A 137 6.97 7.99 14.71
N ARG A 138 7.78 7.17 15.45
CA ARG A 138 8.67 8.00 16.27
C ARG A 138 9.46 9.00 15.43
N SER A 139 9.74 10.24 15.80
CA SER A 139 10.16 11.06 14.66
C SER A 139 11.44 10.55 14.03
N LEU A 140 12.01 11.62 13.57
CA LEU A 140 13.26 11.64 12.83
C LEU A 140 14.41 12.23 13.61
N THR A 141 14.68 11.14 14.48
CA THR A 141 15.48 11.36 15.66
C THR A 141 16.85 11.88 15.26
N GLU A 142 17.82 11.16 15.94
CA GLU A 142 19.21 11.56 15.81
C GLU A 142 20.07 10.66 14.96
N SER A 143 20.13 9.33 15.25
CA SER A 143 21.10 8.52 14.54
C SER A 143 20.51 7.48 13.64
N LEU A 144 19.39 6.80 14.00
CA LEU A 144 18.95 5.77 13.10
C LEU A 144 17.57 5.29 13.43
N SER A 145 16.62 6.18 13.76
CA SER A 145 15.25 5.70 13.94
C SER A 145 14.56 5.36 12.61
N GLY A 146 15.22 5.74 11.58
CA GLY A 146 14.58 5.80 10.28
C GLY A 146 13.62 6.98 10.13
N SER A 147 14.54 7.87 9.72
CA SER A 147 13.95 8.99 9.01
C SER A 147 13.59 8.54 7.61
N ILE A 148 12.73 9.08 6.93
CA ILE A 148 12.36 8.14 5.89
C ILE A 148 13.36 8.23 4.76
N VAL A 149 14.34 7.22 4.67
CA VAL A 149 15.42 7.58 3.79
C VAL A 149 15.32 6.61 2.62
N GLN A 150 14.28 7.24 2.32
CA GLN A 150 13.36 7.21 1.21
C GLN A 150 12.48 8.44 1.22
N GLU A 151 11.78 8.78 0.31
CA GLU A 151 11.11 10.01 0.69
C GLU A 151 9.85 9.68 1.49
N GLY A 152 9.56 10.45 2.52
CA GLY A 152 8.34 10.24 3.28
C GLY A 152 7.58 11.24 2.53
N PHE A 153 6.54 11.92 2.88
CA PHE A 153 6.19 12.86 1.83
C PHE A 153 7.38 13.77 1.59
N GLU A 154 7.90 14.36 2.69
CA GLU A 154 9.12 15.16 2.62
C GLU A 154 10.15 14.56 3.57
N LEU A 155 9.51 13.72 4.43
CA LEU A 155 10.04 13.42 5.74
C LEU A 155 11.19 12.45 5.63
N ALA A 156 12.10 12.70 4.67
CA ALA A 156 13.34 11.96 4.79
C ALA A 156 14.28 12.70 5.73
N THR A 157 15.40 12.00 6.16
CA THR A 157 16.36 12.61 7.05
C THR A 157 16.62 14.07 6.72
N ALA A 158 17.71 14.10 5.93
CA ALA A 158 18.24 15.38 5.46
C ALA A 158 17.15 16.30 4.93
N LYS A 159 15.93 15.76 4.57
CA LYS A 159 14.92 16.62 3.99
C LYS A 159 14.19 17.32 5.11
N ARG A 160 14.97 17.25 6.27
CA ARG A 160 14.40 17.94 7.43
C ARG A 160 14.89 19.38 7.44
N ALA A 161 16.22 19.58 7.18
CA ALA A 161 16.91 20.77 7.63
C ALA A 161 16.17 22.01 7.18
N LYS A 162 15.98 22.27 5.89
CA LYS A 162 15.39 23.54 5.55
C LYS A 162 13.96 23.61 6.05
N GLU A 163 13.29 22.51 5.84
CA GLU A 163 11.85 22.39 6.02
C GLU A 163 11.44 22.51 7.49
N ARG A 164 12.37 22.27 8.48
CA ARG A 164 11.98 22.04 9.85
C ARG A 164 11.03 23.14 10.31
N GLN A 165 11.27 24.46 10.07
CA GLN A 165 10.43 25.41 10.76
C GLN A 165 8.98 25.28 10.35
N GLU A 166 8.65 25.32 9.05
CA GLU A 166 7.24 25.21 8.70
C GLU A 166 6.79 23.77 8.75
N PHE A 167 7.78 22.93 8.59
CA PHE A 167 7.62 21.50 8.34
C PHE A 167 6.90 20.85 9.50
N ASP A 168 7.77 20.15 10.31
CA ASP A 168 7.21 19.24 11.31
C ASP A 168 5.85 19.67 11.83
N LYS A 169 6.02 20.30 13.00
CA LYS A 169 4.83 20.52 13.82
C LYS A 169 3.68 21.08 12.98
N CYS A 170 3.88 22.09 12.09
CA CYS A 170 2.68 22.58 11.46
C CYS A 170 2.30 21.72 10.25
N LEU A 171 3.25 21.59 9.27
CA LEU A 171 2.90 20.99 8.00
C LEU A 171 2.81 19.48 8.18
N ALA A 172 3.52 18.81 9.13
CA ALA A 172 3.59 17.37 9.09
C ALA A 172 2.23 16.69 8.98
N GLU A 173 1.19 17.08 9.73
CA GLU A 173 -0.07 16.40 9.51
C GLU A 173 -0.63 16.70 8.13
N THR A 174 -0.62 18.00 7.68
CA THR A 174 -1.08 18.23 6.33
C THR A 174 -0.16 17.51 5.31
N GLU A 175 1.08 17.38 5.74
CA GLU A 175 2.08 16.61 5.00
C GLU A 175 1.57 15.18 4.81
N ALA A 176 1.11 14.65 5.95
CA ALA A 176 0.53 13.31 5.99
C ALA A 176 -0.73 13.23 5.14
N GLN A 177 -1.53 14.31 5.08
CA GLN A 177 -2.79 14.18 4.34
C GLN A 177 -2.50 13.82 2.89
N LYS A 178 -1.60 14.58 2.22
CA LYS A 178 -1.37 14.27 0.81
C LYS A 178 -0.59 12.97 0.70
N SER A 179 0.22 12.67 1.78
CA SER A 179 1.05 11.47 1.80
C SER A 179 0.34 10.26 1.21
N LEU A 180 -0.26 9.51 2.18
CA LEU A 180 -0.91 8.25 1.83
C LEU A 180 -1.80 8.46 0.60
N LEU A 181 -2.51 9.59 0.46
CA LEU A 181 -3.42 9.68 -0.67
C LEU A 181 -2.67 9.50 -1.97
N GLU A 182 -1.48 10.09 -2.05
CA GLU A 182 -0.68 10.03 -3.27
C GLU A 182 -0.40 8.60 -3.68
N GLU A 183 -0.23 7.65 -2.70
CA GLU A 183 0.28 6.34 -3.06
C GLU A 183 -0.53 5.73 -4.21
N GLU A 184 -1.54 4.99 -3.68
CA GLU A 184 -2.35 4.17 -4.57
C GLU A 184 -3.46 4.98 -5.24
N ILE A 185 -4.06 5.97 -4.54
CA ILE A 185 -5.16 6.71 -5.15
C ILE A 185 -4.67 7.42 -6.39
N ARG A 186 -3.51 8.12 -6.28
CA ARG A 186 -2.94 8.89 -7.39
C ARG A 186 -2.76 10.29 -6.87
N LYS A 187 -3.80 11.13 -7.02
CA LYS A 187 -3.72 12.49 -6.53
C LYS A 187 -5.13 12.97 -6.46
N ARG A 188 -5.46 13.72 -5.37
CA ARG A 188 -6.80 14.22 -5.20
C ARG A 188 -7.12 15.23 -6.29
N ARG A 189 -6.16 16.10 -6.63
CA ARG A 189 -6.39 17.12 -7.63
C ARG A 189 -5.80 16.67 -8.94
N GLU A 190 -6.62 16.76 -10.03
CA GLU A 190 -6.18 16.40 -11.36
C GLU A 190 -6.26 14.92 -11.54
N GLU A 191 -6.54 14.48 -12.79
CA GLU A 191 -6.63 13.08 -13.09
C GLU A 191 -6.28 12.94 -14.55
N GLU A 192 -5.65 11.80 -14.92
CA GLU A 192 -5.26 11.60 -16.30
C GLU A 192 -4.58 10.26 -16.38
N GLU A 193 -3.35 10.22 -16.96
CA GLU A 193 -2.63 8.96 -17.08
C GLU A 193 -1.99 8.66 -15.75
N LYS A 194 -2.16 9.58 -14.78
CA LYS A 194 -1.61 9.35 -13.45
C LYS A 194 -2.16 8.09 -12.81
N GLU A 195 -3.39 7.75 -13.13
CA GLU A 195 -3.98 6.53 -12.61
C GLU A 195 -3.12 5.32 -12.93
N GLU A 196 -3.67 4.77 -14.04
CA GLU A 196 -3.34 3.49 -14.68
C GLU A 196 -1.84 3.37 -14.88
N ILE A 197 -1.06 4.10 -13.90
CA ILE A 197 0.40 3.98 -13.95
C ILE A 197 0.80 2.57 -13.57
N SER A 198 0.12 1.87 -12.58
CA SER A 198 0.68 0.61 -12.12
C SER A 198 1.06 -0.27 -13.32
N GLN A 199 0.15 -0.53 -14.24
CA GLN A 199 0.59 -1.41 -15.32
C GLN A 199 1.48 -0.66 -16.30
N LEU A 200 1.03 0.54 -16.72
CA LEU A 200 1.50 1.13 -17.97
C LEU A 200 2.95 1.58 -17.91
N ARG A 201 3.58 2.22 -16.84
CA ARG A 201 4.83 2.80 -17.29
C ARG A 201 6.00 1.82 -17.15
N GLN A 202 6.36 1.48 -15.86
CA GLN A 202 7.56 0.67 -15.83
C GLN A 202 7.29 -0.75 -15.31
N GLU A 203 6.45 -0.64 -14.21
CA GLU A 203 6.18 -1.73 -13.28
C GLU A 203 6.01 -3.00 -14.08
N LEU A 204 7.10 -3.59 -14.69
CA LEU A 204 6.97 -4.98 -15.06
C LEU A 204 7.04 -5.89 -13.87
N VAL A 205 5.95 -5.39 -13.19
CA VAL A 205 5.70 -5.56 -11.76
C VAL A 205 5.89 -7.03 -11.37
N HIS A 206 5.20 -7.88 -12.06
CA HIS A 206 5.40 -9.29 -11.79
C HIS A 206 5.49 -10.00 -13.13
N LYS A 207 6.71 -10.48 -13.40
CA LYS A 207 7.03 -11.08 -14.71
C LYS A 207 6.62 -12.55 -14.71
N ALA A 208 5.92 -12.90 -13.61
CA ALA A 208 5.64 -14.28 -13.34
C ALA A 208 5.20 -15.03 -14.61
N LYS A 209 3.88 -15.06 -14.46
CA LYS A 209 3.16 -15.68 -15.58
C LYS A 209 2.24 -14.67 -16.27
N PRO A 210 2.23 -14.57 -17.58
CA PRO A 210 1.48 -13.44 -18.09
C PRO A 210 0.04 -13.43 -17.59
N ILE A 211 -0.09 -12.29 -16.91
CA ILE A 211 -1.33 -11.93 -16.25
C ILE A 211 -2.09 -10.95 -17.13
N ARG A 212 -3.36 -11.22 -17.52
CA ARG A 212 -3.95 -10.08 -18.20
C ARG A 212 -4.44 -9.01 -17.20
N LYS A 213 -3.28 -8.37 -16.96
CA LYS A 213 -3.25 -7.20 -16.05
C LYS A 213 -3.57 -5.89 -16.77
N TYR A 214 -3.81 -6.21 -18.14
CA TYR A 214 -4.00 -5.29 -19.23
C TYR A 214 -5.37 -4.65 -19.08
N ARG A 215 -5.60 -4.23 -17.83
CA ARG A 215 -6.79 -3.50 -17.41
C ARG A 215 -7.08 -2.33 -18.36
N ALA A 216 -6.29 -2.16 -19.44
CA ALA A 216 -6.52 -1.01 -20.31
C ALA A 216 -7.86 -1.11 -21.03
N VAL A 217 -8.63 -2.18 -20.75
CA VAL A 217 -9.96 -2.30 -21.31
C VAL A 217 -11.06 -2.06 -20.27
N GLU A 218 -10.85 -2.62 -19.04
CA GLU A 218 -11.88 -2.30 -18.04
C GLU A 218 -11.34 -1.49 -16.86
N VAL A 219 -10.80 -0.43 -17.57
CA VAL A 219 -10.10 0.68 -16.93
C VAL A 219 -11.01 1.38 -15.96
N LYS A 220 -12.32 1.02 -15.98
CA LYS A 220 -13.32 1.60 -15.11
C LYS A 220 -13.05 1.31 -13.64
N ALA A 221 -11.75 1.14 -13.21
CA ALA A 221 -11.67 0.87 -11.79
C ALA A 221 -11.10 2.06 -11.03
N SER A 222 -10.26 1.50 -10.05
CA SER A 222 -9.71 2.51 -9.15
C SER A 222 -8.22 2.37 -8.96
N ASP A 223 -8.15 1.85 -7.64
CA ASP A 223 -6.88 1.64 -6.97
C ASP A 223 -6.26 0.28 -7.29
N VAL A 224 -7.06 -0.67 -7.82
CA VAL A 224 -6.57 -2.01 -8.12
C VAL A 224 -6.32 -2.17 -9.62
N PRO A 225 -5.20 -2.81 -10.00
CA PRO A 225 -4.96 -3.14 -11.41
C PRO A 225 -6.04 -4.13 -11.78
N LEU A 226 -6.86 -3.83 -12.82
CA LEU A 226 -7.92 -4.77 -13.14
C LEU A 226 -7.30 -5.86 -13.93
N THR A 227 -6.94 -6.94 -13.24
CA THR A 227 -6.30 -8.03 -13.89
C THR A 227 -7.17 -9.25 -13.78
N VAL A 228 -6.93 -10.21 -14.68
CA VAL A 228 -7.65 -11.45 -14.67
C VAL A 228 -6.92 -12.31 -13.68
N PRO A 229 -7.56 -13.37 -13.24
CA PRO A 229 -6.96 -14.28 -12.27
C PRO A 229 -5.55 -14.71 -12.60
N ARG A 230 -4.65 -14.67 -11.59
CA ARG A 230 -3.29 -15.10 -11.81
C ARG A 230 -3.31 -16.61 -11.70
N SER A 231 -3.32 -17.28 -12.87
CA SER A 231 -3.38 -18.73 -12.93
C SER A 231 -1.99 -19.27 -12.77
N PRO A 232 -1.90 -20.47 -12.22
CA PRO A 232 -0.62 -21.14 -12.05
C PRO A 232 -0.26 -22.03 -13.21
N ASN A 233 -1.21 -22.90 -13.64
CA ASN A 233 -0.94 -23.78 -14.74
C ASN A 233 -2.26 -24.35 -15.20
N PHE A 234 -2.87 -25.23 -14.36
CA PHE A 234 -4.12 -25.84 -14.74
C PHE A 234 -5.12 -25.55 -13.66
N SER A 235 -5.35 -24.25 -13.39
CA SER A 235 -6.30 -23.87 -12.37
C SER A 235 -6.67 -22.45 -12.67
N ASP A 236 -7.88 -22.01 -12.25
CA ASP A 236 -8.30 -20.66 -12.50
C ASP A 236 -7.38 -19.72 -11.76
N ARG A 237 -7.03 -20.06 -10.50
CA ARG A 237 -6.14 -19.21 -9.76
C ARG A 237 -5.64 -20.02 -8.59
N PHE A 238 -4.31 -20.02 -8.39
CA PHE A 238 -3.71 -20.76 -7.30
C PHE A 238 -4.15 -20.13 -6.01
N LYS A 239 -4.31 -18.80 -6.04
CA LYS A 239 -4.69 -18.06 -4.86
C LYS A 239 -6.16 -18.23 -4.61
N CYS A 240 -6.89 -18.86 -5.55
CA CYS A 240 -8.31 -19.05 -5.38
C CYS A 240 -8.52 -20.19 -4.37
#